data_9OYR
# 
_entry.id   9OYR 
# 
_audit_conform.dict_name       mmcif_pdbx.dic 
_audit_conform.dict_version    5.404 
_audit_conform.dict_location   http://mmcif.pdb.org/dictionaries/ascii/mmcif_pdbx.dic 
# 
loop_
_database_2.database_id 
_database_2.database_code 
_database_2.pdbx_database_accession 
_database_2.pdbx_DOI 
PDB   9OYR         pdb_00009oyr 10.2210/pdb9oyr/pdb 
WWPDB D_1000293972 ?            ?                   
EMDB  EMD-71032    ?            ?                   
# 
loop_
_pdbx_audit_revision_history.ordinal 
_pdbx_audit_revision_history.data_content_type 
_pdbx_audit_revision_history.major_revision 
_pdbx_audit_revision_history.minor_revision 
_pdbx_audit_revision_history.revision_date 
_pdbx_audit_revision_history.part_number 
1 'Structure model' 1 0 2025-07-30 ? 
2 'EM metadata'     1 0 2025-07-30 ? 
3 FSC               1 0 2025-07-30 ? 
4 'Half map'        1 0 2025-07-30 1 
5 'Half map'        1 0 2025-07-30 2 
6 Image             1 0 2025-07-30 ? 
7 Mask              1 0 2025-07-30 1 
8 'Primary map'     1 0 2025-07-30 ? 
9 'Structure model' 1 1 2025-08-13 ? 
# 
loop_
_pdbx_audit_revision_details.ordinal 
_pdbx_audit_revision_details.revision_ordinal 
_pdbx_audit_revision_details.data_content_type 
_pdbx_audit_revision_details.provider 
_pdbx_audit_revision_details.type 
_pdbx_audit_revision_details.description 
_pdbx_audit_revision_details.details 
1 1 'Structure model' repository 'Initial release' ? ? 
2 2 'EM metadata'     repository 'Initial release' ? ? 
3 3 FSC               repository 'Initial release' ? ? 
4 4 'Half map'        repository 'Initial release' ? ? 
5 5 'Half map'        repository 'Initial release' ? ? 
6 6 Image             repository 'Initial release' ? ? 
7 7 Mask              repository 'Initial release' ? ? 
8 8 'Primary map'     repository 'Initial release' ? ? 
# 
loop_
_pdbx_audit_revision_group.ordinal 
_pdbx_audit_revision_group.revision_ordinal 
_pdbx_audit_revision_group.data_content_type 
_pdbx_audit_revision_group.group 
1 9 'Structure model' 'Data collection'     
2 9 'Structure model' 'Database references' 
# 
loop_
_pdbx_audit_revision_category.ordinal 
_pdbx_audit_revision_category.revision_ordinal 
_pdbx_audit_revision_category.data_content_type 
_pdbx_audit_revision_category.category 
1 9 'Structure model' citation        
2 9 'Structure model' citation_author 
3 9 'Structure model' em_admin        
# 
loop_
_pdbx_audit_revision_item.ordinal 
_pdbx_audit_revision_item.revision_ordinal 
_pdbx_audit_revision_item.data_content_type 
_pdbx_audit_revision_item.item 
1  9 'Structure model' '_citation.country'                 
2  9 'Structure model' '_citation.journal_abbrev'          
3  9 'Structure model' '_citation.journal_id_CSD'          
4  9 'Structure model' '_citation.journal_id_ISSN'         
5  9 'Structure model' '_citation.journal_volume'          
6  9 'Structure model' '_citation.page_first'              
7  9 'Structure model' '_citation.page_last'               
8  9 'Structure model' '_citation.pdbx_database_id_DOI'    
9  9 'Structure model' '_citation.pdbx_database_id_PubMed' 
10 9 'Structure model' '_citation.year'                    
11 9 'Structure model' '_citation_author.identifier_ORCID' 
12 9 'Structure model' '_citation_author.name'             
13 9 'Structure model' '_em_admin.last_update'             
# 
_pdbx_database_status.status_code                     REL 
_pdbx_database_status.status_code_sf                  ? 
_pdbx_database_status.status_code_mr                  ? 
_pdbx_database_status.entry_id                        9OYR 
_pdbx_database_status.recvd_initial_deposition_date   2025-06-04 
_pdbx_database_status.SG_entry                        N 
_pdbx_database_status.deposit_site                    RCSB 
_pdbx_database_status.process_site                    RCSB 
_pdbx_database_status.status_code_cs                  ? 
_pdbx_database_status.status_code_nmr_data            ? 
_pdbx_database_status.methods_development_category    ? 
_pdbx_database_status.pdb_format_compatible           Y 
# 
loop_
_pdbx_database_related.db_name 
_pdbx_database_related.details 
_pdbx_database_related.db_id 
_pdbx_database_related.content_type 
EMDB 'Structure of D10-NT amyloid fibrils'      EMD-45976 'other EM volume'      
EMDB 'Structure of D2-NT amyloid fibrils'       EMD-71032 'associated EM volume' 
EMDB 'Structure of R15L D10-NT amyloid fibrils' EMD-71028 'other EM volume'      
EMDB 'Structure of S59L D10-NT amyloid fibrils' EMD-71033 'other EM volume'      
EMDB 'Structure of D10-NT amyloid fibrils'      EMD-71031 'other EM volume'      
# 
_pdbx_contact_author.id                 2 
_pdbx_contact_author.email              dae2005@med.cornell.edu 
_pdbx_contact_author.name_first         David 
_pdbx_contact_author.name_last          Eliezer 
_pdbx_contact_author.name_mi            ? 
_pdbx_contact_author.role               'principal investigator/group leader' 
_pdbx_contact_author.identifier_ORCID   0000-0002-1311-7537 
# 
loop_
_audit_author.name 
_audit_author.pdbx_ordinal 
_audit_author.identifier_ORCID 
'Lv, G.'      1 ? 
'Eliezer, D.' 2 ? 
# 
_citation.abstract                  ? 
_citation.abstract_id_CAS           ? 
_citation.book_id_ISBN              ? 
_citation.book_publisher            ? 
_citation.book_publisher_city       ? 
_citation.book_title                ? 
_citation.coordinate_linkage        ? 
_citation.country                   UK 
_citation.database_id_Medline       ? 
_citation.details                   ? 
_citation.id                        primary 
_citation.journal_abbrev            'Nat Commun' 
_citation.journal_id_ASTM           ? 
_citation.journal_id_CSD            ? 
_citation.journal_id_ISSN           2041-1723 
_citation.journal_full              ? 
_citation.journal_issue             ? 
_citation.journal_volume            16 
_citation.language                  ? 
_citation.page_first                7121 
_citation.page_last                 7121 
_citation.title                     'Amyloid fibril structures link CHCHD10 and CHCHD2 to neurodegeneration.' 
_citation.year                      2025 
_citation.database_id_CSD           ? 
_citation.pdbx_database_id_DOI      10.1038/s41467-025-62149-3 
_citation.pdbx_database_id_PubMed   40753073 
_citation.pdbx_database_id_patent   ? 
_citation.unpublished_flag          ? 
# 
loop_
_citation_author.citation_id 
_citation_author.name 
_citation_author.ordinal 
_citation_author.identifier_ORCID 
primary 'Lv, G.'         1 ?                   
primary 'Sayles, N.M.'   2 ?                   
primary 'Huang, Y.'      3 0000-0002-2991-6122 
primary 'Mancinelli, C.' 4 0000-0002-2653-4698 
primary 'McAvoy, K.'     5 0000-0002-0025-1921 
primary 'Shneider, N.A.' 6 ?                   
primary 'Manfredi, G.'   7 ?                   
primary 'Kawamata, H.'   8 0000-0003-0020-6933 
primary 'Eliezer, D.'    9 0000-0002-1311-7537 
# 
_entity.id                         1 
_entity.type                       polymer 
_entity.src_method                 man 
_entity.pdbx_description           'Coiled-coil-helix-coiled-coil-helix domain-containing protein 2' 
_entity.formula_weight             11368.748 
_entity.pdbx_number_of_molecules   6 
_entity.pdbx_ec                    ? 
_entity.pdbx_mutation              ? 
_entity.pdbx_fragment              ? 
_entity.details                    ? 
# 
_entity_name_com.entity_id   1 
_entity_name_com.name        'Aging-associated gene 10 protein,HCV NS2 trans-regulated protein,NS2TP' 
# 
_entity_poly.entity_id                      1 
_entity_poly.type                           'polypeptide(L)' 
_entity_poly.nstd_linkage                   no 
_entity_poly.nstd_monomer                   no 
_entity_poly.pdbx_seq_one_letter_code       
;MPRGSRSRTSRMAPPASRAPQMRAAPRPAPVAQPPAAAPPSAVGSSAAAPRQPGLMAQMATTAAGVAVGSAVGHTLGHAI
TGGFSGGSNAEPARPDITYQEPQGTQPAQQQQPM
;
_entity_poly.pdbx_seq_one_letter_code_can   
;MPRGSRSRTSRMAPPASRAPQMRAAPRPAPVAQPPAAAPPSAVGSSAAAPRQPGLMAQMATTAAGVAVGSAVGHTLGHAI
TGGFSGGSNAEPARPDITYQEPQGTQPAQQQQPM
;
_entity_poly.pdbx_strand_id                 A,C,B,E,F,G 
_entity_poly.pdbx_target_identifier         ? 
# 
loop_
_entity_poly_seq.entity_id 
_entity_poly_seq.num 
_entity_poly_seq.mon_id 
_entity_poly_seq.hetero 
1 1   MET n 
1 2   PRO n 
1 3   ARG n 
1 4   GLY n 
1 5   SER n 
1 6   ARG n 
1 7   SER n 
1 8   ARG n 
1 9   THR n 
1 10  SER n 
1 11  ARG n 
1 12  MET n 
1 13  ALA n 
1 14  PRO n 
1 15  PRO n 
1 16  ALA n 
1 17  SER n 
1 18  ARG n 
1 19  ALA n 
1 20  PRO n 
1 21  GLN n 
1 22  MET n 
1 23  ARG n 
1 24  ALA n 
1 25  ALA n 
1 26  PRO n 
1 27  ARG n 
1 28  PRO n 
1 29  ALA n 
1 30  PRO n 
1 31  VAL n 
1 32  ALA n 
1 33  GLN n 
1 34  PRO n 
1 35  PRO n 
1 36  ALA n 
1 37  ALA n 
1 38  ALA n 
1 39  PRO n 
1 40  PRO n 
1 41  SER n 
1 42  ALA n 
1 43  VAL n 
1 44  GLY n 
1 45  SER n 
1 46  SER n 
1 47  ALA n 
1 48  ALA n 
1 49  ALA n 
1 50  PRO n 
1 51  ARG n 
1 52  GLN n 
1 53  PRO n 
1 54  GLY n 
1 55  LEU n 
1 56  MET n 
1 57  ALA n 
1 58  GLN n 
1 59  MET n 
1 60  ALA n 
1 61  THR n 
1 62  THR n 
1 63  ALA n 
1 64  ALA n 
1 65  GLY n 
1 66  VAL n 
1 67  ALA n 
1 68  VAL n 
1 69  GLY n 
1 70  SER n 
1 71  ALA n 
1 72  VAL n 
1 73  GLY n 
1 74  HIS n 
1 75  THR n 
1 76  LEU n 
1 77  GLY n 
1 78  HIS n 
1 79  ALA n 
1 80  ILE n 
1 81  THR n 
1 82  GLY n 
1 83  GLY n 
1 84  PHE n 
1 85  SER n 
1 86  GLY n 
1 87  GLY n 
1 88  SER n 
1 89  ASN n 
1 90  ALA n 
1 91  GLU n 
1 92  PRO n 
1 93  ALA n 
1 94  ARG n 
1 95  PRO n 
1 96  ASP n 
1 97  ILE n 
1 98  THR n 
1 99  TYR n 
1 100 GLN n 
1 101 GLU n 
1 102 PRO n 
1 103 GLN n 
1 104 GLY n 
1 105 THR n 
1 106 GLN n 
1 107 PRO n 
1 108 ALA n 
1 109 GLN n 
1 110 GLN n 
1 111 GLN n 
1 112 GLN n 
1 113 PRO n 
1 114 MET n 
# 
_entity_src_gen.entity_id                          1 
_entity_src_gen.pdbx_src_id                        1 
_entity_src_gen.pdbx_alt_source_flag               sample 
_entity_src_gen.pdbx_seq_type                      'Biological sequence' 
_entity_src_gen.pdbx_beg_seq_num                   1 
_entity_src_gen.pdbx_end_seq_num                   114 
_entity_src_gen.gene_src_common_name               human 
_entity_src_gen.gene_src_genus                     ? 
_entity_src_gen.pdbx_gene_src_gene                 'CHCHD2, C7orf17, AAG10' 
_entity_src_gen.gene_src_species                   ? 
_entity_src_gen.gene_src_strain                    ? 
_entity_src_gen.gene_src_tissue                    ? 
_entity_src_gen.gene_src_tissue_fraction           ? 
_entity_src_gen.gene_src_details                   ? 
_entity_src_gen.pdbx_gene_src_fragment             ? 
_entity_src_gen.pdbx_gene_src_scientific_name      'Homo sapiens' 
_entity_src_gen.pdbx_gene_src_ncbi_taxonomy_id     9606 
_entity_src_gen.pdbx_gene_src_variant              ? 
_entity_src_gen.pdbx_gene_src_cell_line            ? 
_entity_src_gen.pdbx_gene_src_atcc                 ? 
_entity_src_gen.pdbx_gene_src_organ                ? 
_entity_src_gen.pdbx_gene_src_organelle            ? 
_entity_src_gen.pdbx_gene_src_cell                 ? 
_entity_src_gen.pdbx_gene_src_cellular_location    ? 
_entity_src_gen.host_org_common_name               ? 
_entity_src_gen.pdbx_host_org_scientific_name      'Escherichia coli' 
_entity_src_gen.pdbx_host_org_ncbi_taxonomy_id     562 
_entity_src_gen.host_org_genus                     ? 
_entity_src_gen.pdbx_host_org_gene                 ? 
_entity_src_gen.pdbx_host_org_organ                ? 
_entity_src_gen.host_org_species                   ? 
_entity_src_gen.pdbx_host_org_tissue               ? 
_entity_src_gen.pdbx_host_org_tissue_fraction      ? 
_entity_src_gen.pdbx_host_org_strain               ? 
_entity_src_gen.pdbx_host_org_variant              ? 
_entity_src_gen.pdbx_host_org_cell_line            ? 
_entity_src_gen.pdbx_host_org_atcc                 ? 
_entity_src_gen.pdbx_host_org_culture_collection   ? 
_entity_src_gen.pdbx_host_org_cell                 ? 
_entity_src_gen.pdbx_host_org_organelle            ? 
_entity_src_gen.pdbx_host_org_cellular_location    ? 
_entity_src_gen.pdbx_host_org_vector_type          ? 
_entity_src_gen.pdbx_host_org_vector               ? 
_entity_src_gen.host_org_details                   ? 
_entity_src_gen.expression_system_id               ? 
_entity_src_gen.plasmid_name                       ? 
_entity_src_gen.plasmid_details                    ? 
_entity_src_gen.pdbx_description                   ? 
# 
loop_
_chem_comp.id 
_chem_comp.type 
_chem_comp.mon_nstd_flag 
_chem_comp.name 
_chem_comp.pdbx_synonyms 
_chem_comp.formula 
_chem_comp.formula_weight 
ALA 'L-peptide linking' y ALANINE         ? 'C3 H7 N O2'     89.093  
ARG 'L-peptide linking' y ARGININE        ? 'C6 H15 N4 O2 1' 175.209 
ASN 'L-peptide linking' y ASPARAGINE      ? 'C4 H8 N2 O3'    132.118 
ASP 'L-peptide linking' y 'ASPARTIC ACID' ? 'C4 H7 N O4'     133.103 
CYS 'L-peptide linking' y CYSTEINE        ? 'C3 H7 N O2 S'   121.158 
GLN 'L-peptide linking' y GLUTAMINE       ? 'C5 H10 N2 O3'   146.144 
GLU 'L-peptide linking' y 'GLUTAMIC ACID' ? 'C5 H9 N O4'     147.129 
GLY 'peptide linking'   y GLYCINE         ? 'C2 H5 N O2'     75.067  
HIS 'L-peptide linking' y HISTIDINE       ? 'C6 H10 N3 O2 1' 156.162 
ILE 'L-peptide linking' y ISOLEUCINE      ? 'C6 H13 N O2'    131.173 
LEU 'L-peptide linking' y LEUCINE         ? 'C6 H13 N O2'    131.173 
MET 'L-peptide linking' y METHIONINE      ? 'C5 H11 N O2 S'  149.211 
PHE 'L-peptide linking' y PHENYLALANINE   ? 'C9 H11 N O2'    165.189 
PRO 'L-peptide linking' y PROLINE         ? 'C5 H9 N O2'     115.130 
SER 'L-peptide linking' y SERINE          ? 'C3 H7 N O3'     105.093 
THR 'L-peptide linking' y THREONINE       ? 'C4 H9 N O3'     119.119 
TYR 'L-peptide linking' y TYROSINE        ? 'C9 H11 N O3'    181.189 
VAL 'L-peptide linking' y VALINE          ? 'C5 H11 N O2'    117.146 
# 
loop_
_pdbx_poly_seq_scheme.asym_id 
_pdbx_poly_seq_scheme.entity_id 
_pdbx_poly_seq_scheme.seq_id 
_pdbx_poly_seq_scheme.mon_id 
_pdbx_poly_seq_scheme.ndb_seq_num 
_pdbx_poly_seq_scheme.pdb_seq_num 
_pdbx_poly_seq_scheme.auth_seq_num 
_pdbx_poly_seq_scheme.pdb_mon_id 
_pdbx_poly_seq_scheme.auth_mon_id 
_pdbx_poly_seq_scheme.pdb_strand_id 
_pdbx_poly_seq_scheme.pdb_ins_code 
_pdbx_poly_seq_scheme.hetero 
A 1 1   MET 1   1   ?  ?   ?   A . n 
A 1 2   PRO 2   2   ?  ?   ?   A . n 
A 1 3   ARG 3   3   ?  ?   ?   A . n 
A 1 4   GLY 4   4   ?  ?   ?   A . n 
A 1 5   SER 5   5   ?  ?   ?   A . n 
A 1 6   ARG 6   6   ?  ?   ?   A . n 
A 1 7   SER 7   7   ?  ?   ?   A . n 
A 1 8   ARG 8   8   ?  ?   ?   A . n 
A 1 9   THR 9   9   ?  ?   ?   A . n 
A 1 10  SER 10  10  ?  ?   ?   A . n 
A 1 11  ARG 11  11  ?  ?   ?   A . n 
A 1 12  MET 12  12  ?  ?   ?   A . n 
A 1 13  ALA 13  13  ?  ?   ?   A . n 
A 1 14  PRO 14  14  ?  ?   ?   A . n 
A 1 15  PRO 15  15  ?  ?   ?   A . n 
A 1 16  ALA 16  16  ?  ?   ?   A . n 
A 1 17  SER 17  17  ?  ?   ?   A . n 
A 1 18  ARG 18  18  ?  ?   ?   A . n 
A 1 19  ALA 19  19  ?  ?   ?   A . n 
A 1 20  PRO 20  20  ?  ?   ?   A . n 
A 1 21  GLN 21  21  ?  ?   ?   A . n 
A 1 22  MET 22  22  ?  ?   ?   A . n 
A 1 23  ARG 23  23  ?  ?   ?   A . n 
A 1 24  ALA 24  24  ?  ?   ?   A . n 
A 1 25  ALA 25  25  ?  ?   ?   A . n 
A 1 26  PRO 26  26  ?  ?   ?   A . n 
A 1 27  ARG 27  27  ?  ?   ?   A . n 
A 1 28  PRO 28  28  ?  ?   ?   A . n 
A 1 29  ALA 29  29  ?  ?   ?   A . n 
A 1 30  PRO 30  30  ?  ?   ?   A . n 
A 1 31  VAL 31  31  ?  ?   ?   A . n 
A 1 32  ALA 32  32  ?  ?   ?   A . n 
A 1 33  GLN 33  33  ?  ?   ?   A . n 
A 1 34  PRO 34  34  ?  ?   ?   A . n 
A 1 35  PRO 35  35  ?  ?   ?   A . n 
A 1 36  ALA 36  36  ?  ?   ?   A . n 
A 1 37  ALA 37  37  ?  ?   ?   A . n 
A 1 38  ALA 38  38  ?  ?   ?   A . n 
A 1 39  PRO 39  39  ?  ?   ?   A . n 
A 1 40  PRO 40  40  ?  ?   ?   A . n 
A 1 41  SER 41  41  ?  ?   ?   A . n 
A 1 42  ALA 42  42  ?  ?   ?   A . n 
A 1 43  VAL 43  43  ?  ?   ?   A . n 
A 1 44  GLY 44  44  ?  ?   ?   A . n 
A 1 45  SER 45  45  ?  ?   ?   A . n 
A 1 46  SER 46  46  ?  ?   ?   A . n 
A 1 47  ALA 47  47  ?  ?   ?   A . n 
A 1 48  ALA 48  48  ?  ?   ?   A . n 
A 1 49  ALA 49  49  ?  ?   ?   A . n 
A 1 50  PRO 50  50  ?  ?   ?   A . n 
A 1 51  ARG 51  51  ?  ?   ?   A . n 
A 1 52  GLN 52  52  ?  ?   ?   A . n 
A 1 53  PRO 53  53  ?  ?   ?   A . n 
A 1 54  GLY 54  54  54 GLY GLY A . n 
A 1 55  LEU 55  55  55 LEU LEU A . n 
A 1 56  MET 56  56  56 MET MET A . n 
A 1 57  ALA 57  57  57 ALA ALA A . n 
A 1 58  GLN 58  58  58 GLN GLN A . n 
A 1 59  MET 59  59  59 MET MET A . n 
A 1 60  ALA 60  60  60 ALA ALA A . n 
A 1 61  THR 61  61  61 THR THR A . n 
A 1 62  THR 62  62  62 THR THR A . n 
A 1 63  ALA 63  63  63 ALA ALA A . n 
A 1 64  ALA 64  64  64 ALA ALA A . n 
A 1 65  GLY 65  65  65 GLY GLY A . n 
A 1 66  VAL 66  66  66 VAL VAL A . n 
A 1 67  ALA 67  67  67 ALA ALA A . n 
A 1 68  VAL 68  68  68 VAL VAL A . n 
A 1 69  GLY 69  69  69 GLY GLY A . n 
A 1 70  SER 70  70  70 SER SER A . n 
A 1 71  ALA 71  71  71 ALA ALA A . n 
A 1 72  VAL 72  72  72 VAL VAL A . n 
A 1 73  GLY 73  73  73 GLY GLY A . n 
A 1 74  HIS 74  74  74 HIS HIS A . n 
A 1 75  THR 75  75  75 THR THR A . n 
A 1 76  LEU 76  76  76 LEU LEU A . n 
A 1 77  GLY 77  77  77 GLY GLY A . n 
A 1 78  HIS 78  78  78 HIS HIS A . n 
A 1 79  ALA 79  79  79 ALA ALA A . n 
A 1 80  ILE 80  80  80 ILE ILE A . n 
A 1 81  THR 81  81  81 THR THR A . n 
A 1 82  GLY 82  82  82 GLY GLY A . n 
A 1 83  GLY 83  83  83 GLY GLY A . n 
A 1 84  PHE 84  84  84 PHE PHE A . n 
A 1 85  SER 85  85  85 SER SER A . n 
A 1 86  GLY 86  86  86 GLY GLY A . n 
A 1 87  GLY 87  87  ?  ?   ?   A . n 
A 1 88  SER 88  88  ?  ?   ?   A . n 
A 1 89  ASN 89  89  ?  ?   ?   A . n 
A 1 90  ALA 90  90  ?  ?   ?   A . n 
A 1 91  GLU 91  91  ?  ?   ?   A . n 
A 1 92  PRO 92  92  ?  ?   ?   A . n 
A 1 93  ALA 93  93  ?  ?   ?   A . n 
A 1 94  ARG 94  94  ?  ?   ?   A . n 
A 1 95  PRO 95  95  ?  ?   ?   A . n 
A 1 96  ASP 96  96  ?  ?   ?   A . n 
A 1 97  ILE 97  97  ?  ?   ?   A . n 
A 1 98  THR 98  98  ?  ?   ?   A . n 
A 1 99  TYR 99  99  ?  ?   ?   A . n 
A 1 100 GLN 100 100 ?  ?   ?   A . n 
A 1 101 GLU 101 101 ?  ?   ?   A . n 
A 1 102 PRO 102 102 ?  ?   ?   A . n 
A 1 103 GLN 103 103 ?  ?   ?   A . n 
A 1 104 GLY 104 104 ?  ?   ?   A . n 
A 1 105 THR 105 105 ?  ?   ?   A . n 
A 1 106 GLN 106 106 ?  ?   ?   A . n 
A 1 107 PRO 107 107 ?  ?   ?   A . n 
A 1 108 ALA 108 108 ?  ?   ?   A . n 
A 1 109 GLN 109 109 ?  ?   ?   A . n 
A 1 110 GLN 110 110 ?  ?   ?   A . n 
A 1 111 GLN 111 111 ?  ?   ?   A . n 
A 1 112 GLN 112 112 ?  ?   ?   A . n 
A 1 113 PRO 113 113 ?  ?   ?   A . n 
A 1 114 MET 114 114 ?  ?   ?   A . n 
B 1 1   MET 1   1   ?  ?   ?   C . n 
B 1 2   PRO 2   2   ?  ?   ?   C . n 
B 1 3   ARG 3   3   ?  ?   ?   C . n 
B 1 4   GLY 4   4   ?  ?   ?   C . n 
B 1 5   SER 5   5   ?  ?   ?   C . n 
B 1 6   ARG 6   6   ?  ?   ?   C . n 
B 1 7   SER 7   7   ?  ?   ?   C . n 
B 1 8   ARG 8   8   ?  ?   ?   C . n 
B 1 9   THR 9   9   ?  ?   ?   C . n 
B 1 10  SER 10  10  ?  ?   ?   C . n 
B 1 11  ARG 11  11  ?  ?   ?   C . n 
B 1 12  MET 12  12  ?  ?   ?   C . n 
B 1 13  ALA 13  13  ?  ?   ?   C . n 
B 1 14  PRO 14  14  ?  ?   ?   C . n 
B 1 15  PRO 15  15  ?  ?   ?   C . n 
B 1 16  ALA 16  16  ?  ?   ?   C . n 
B 1 17  SER 17  17  ?  ?   ?   C . n 
B 1 18  ARG 18  18  ?  ?   ?   C . n 
B 1 19  ALA 19  19  ?  ?   ?   C . n 
B 1 20  PRO 20  20  ?  ?   ?   C . n 
B 1 21  GLN 21  21  ?  ?   ?   C . n 
B 1 22  MET 22  22  ?  ?   ?   C . n 
B 1 23  ARG 23  23  ?  ?   ?   C . n 
B 1 24  ALA 24  24  ?  ?   ?   C . n 
B 1 25  ALA 25  25  ?  ?   ?   C . n 
B 1 26  PRO 26  26  ?  ?   ?   C . n 
B 1 27  ARG 27  27  ?  ?   ?   C . n 
B 1 28  PRO 28  28  ?  ?   ?   C . n 
B 1 29  ALA 29  29  ?  ?   ?   C . n 
B 1 30  PRO 30  30  ?  ?   ?   C . n 
B 1 31  VAL 31  31  ?  ?   ?   C . n 
B 1 32  ALA 32  32  ?  ?   ?   C . n 
B 1 33  GLN 33  33  ?  ?   ?   C . n 
B 1 34  PRO 34  34  ?  ?   ?   C . n 
B 1 35  PRO 35  35  ?  ?   ?   C . n 
B 1 36  ALA 36  36  ?  ?   ?   C . n 
B 1 37  ALA 37  37  ?  ?   ?   C . n 
B 1 38  ALA 38  38  ?  ?   ?   C . n 
B 1 39  PRO 39  39  ?  ?   ?   C . n 
B 1 40  PRO 40  40  ?  ?   ?   C . n 
B 1 41  SER 41  41  ?  ?   ?   C . n 
B 1 42  ALA 42  42  ?  ?   ?   C . n 
B 1 43  VAL 43  43  ?  ?   ?   C . n 
B 1 44  GLY 44  44  ?  ?   ?   C . n 
B 1 45  SER 45  45  ?  ?   ?   C . n 
B 1 46  SER 46  46  ?  ?   ?   C . n 
B 1 47  ALA 47  47  ?  ?   ?   C . n 
B 1 48  ALA 48  48  ?  ?   ?   C . n 
B 1 49  ALA 49  49  ?  ?   ?   C . n 
B 1 50  PRO 50  50  ?  ?   ?   C . n 
B 1 51  ARG 51  51  ?  ?   ?   C . n 
B 1 52  GLN 52  52  ?  ?   ?   C . n 
B 1 53  PRO 53  53  ?  ?   ?   C . n 
B 1 54  GLY 54  54  54 GLY GLY C . n 
B 1 55  LEU 55  55  55 LEU LEU C . n 
B 1 56  MET 56  56  56 MET MET C . n 
B 1 57  ALA 57  57  57 ALA ALA C . n 
B 1 58  GLN 58  58  58 GLN GLN C . n 
B 1 59  MET 59  59  59 MET MET C . n 
B 1 60  ALA 60  60  60 ALA ALA C . n 
B 1 61  THR 61  61  61 THR THR C . n 
B 1 62  THR 62  62  62 THR THR C . n 
B 1 63  ALA 63  63  63 ALA ALA C . n 
B 1 64  ALA 64  64  64 ALA ALA C . n 
B 1 65  GLY 65  65  65 GLY GLY C . n 
B 1 66  VAL 66  66  66 VAL VAL C . n 
B 1 67  ALA 67  67  67 ALA ALA C . n 
B 1 68  VAL 68  68  68 VAL VAL C . n 
B 1 69  GLY 69  69  69 GLY GLY C . n 
B 1 70  SER 70  70  70 SER SER C . n 
B 1 71  ALA 71  71  71 ALA ALA C . n 
B 1 72  VAL 72  72  72 VAL VAL C . n 
B 1 73  GLY 73  73  73 GLY GLY C . n 
B 1 74  HIS 74  74  74 HIS HIS C . n 
B 1 75  THR 75  75  75 THR THR C . n 
B 1 76  LEU 76  76  76 LEU LEU C . n 
B 1 77  GLY 77  77  77 GLY GLY C . n 
B 1 78  HIS 78  78  78 HIS HIS C . n 
B 1 79  ALA 79  79  79 ALA ALA C . n 
B 1 80  ILE 80  80  80 ILE ILE C . n 
B 1 81  THR 81  81  81 THR THR C . n 
B 1 82  GLY 82  82  82 GLY GLY C . n 
B 1 83  GLY 83  83  83 GLY GLY C . n 
B 1 84  PHE 84  84  84 PHE PHE C . n 
B 1 85  SER 85  85  85 SER SER C . n 
B 1 86  GLY 86  86  86 GLY GLY C . n 
B 1 87  GLY 87  87  ?  ?   ?   C . n 
B 1 88  SER 88  88  ?  ?   ?   C . n 
B 1 89  ASN 89  89  ?  ?   ?   C . n 
B 1 90  ALA 90  90  ?  ?   ?   C . n 
B 1 91  GLU 91  91  ?  ?   ?   C . n 
B 1 92  PRO 92  92  ?  ?   ?   C . n 
B 1 93  ALA 93  93  ?  ?   ?   C . n 
B 1 94  ARG 94  94  ?  ?   ?   C . n 
B 1 95  PRO 95  95  ?  ?   ?   C . n 
B 1 96  ASP 96  96  ?  ?   ?   C . n 
B 1 97  ILE 97  97  ?  ?   ?   C . n 
B 1 98  THR 98  98  ?  ?   ?   C . n 
B 1 99  TYR 99  99  ?  ?   ?   C . n 
B 1 100 GLN 100 100 ?  ?   ?   C . n 
B 1 101 GLU 101 101 ?  ?   ?   C . n 
B 1 102 PRO 102 102 ?  ?   ?   C . n 
B 1 103 GLN 103 103 ?  ?   ?   C . n 
B 1 104 GLY 104 104 ?  ?   ?   C . n 
B 1 105 THR 105 105 ?  ?   ?   C . n 
B 1 106 GLN 106 106 ?  ?   ?   C . n 
B 1 107 PRO 107 107 ?  ?   ?   C . n 
B 1 108 ALA 108 108 ?  ?   ?   C . n 
B 1 109 GLN 109 109 ?  ?   ?   C . n 
B 1 110 GLN 110 110 ?  ?   ?   C . n 
B 1 111 GLN 111 111 ?  ?   ?   C . n 
B 1 112 GLN 112 112 ?  ?   ?   C . n 
B 1 113 PRO 113 113 ?  ?   ?   C . n 
B 1 114 MET 114 114 ?  ?   ?   C . n 
C 1 1   MET 1   1   ?  ?   ?   B . n 
C 1 2   PRO 2   2   ?  ?   ?   B . n 
C 1 3   ARG 3   3   ?  ?   ?   B . n 
C 1 4   GLY 4   4   ?  ?   ?   B . n 
C 1 5   SER 5   5   ?  ?   ?   B . n 
C 1 6   ARG 6   6   ?  ?   ?   B . n 
C 1 7   SER 7   7   ?  ?   ?   B . n 
C 1 8   ARG 8   8   ?  ?   ?   B . n 
C 1 9   THR 9   9   ?  ?   ?   B . n 
C 1 10  SER 10  10  ?  ?   ?   B . n 
C 1 11  ARG 11  11  ?  ?   ?   B . n 
C 1 12  MET 12  12  ?  ?   ?   B . n 
C 1 13  ALA 13  13  ?  ?   ?   B . n 
C 1 14  PRO 14  14  ?  ?   ?   B . n 
C 1 15  PRO 15  15  ?  ?   ?   B . n 
C 1 16  ALA 16  16  ?  ?   ?   B . n 
C 1 17  SER 17  17  ?  ?   ?   B . n 
C 1 18  ARG 18  18  ?  ?   ?   B . n 
C 1 19  ALA 19  19  ?  ?   ?   B . n 
C 1 20  PRO 20  20  ?  ?   ?   B . n 
C 1 21  GLN 21  21  ?  ?   ?   B . n 
C 1 22  MET 22  22  ?  ?   ?   B . n 
C 1 23  ARG 23  23  ?  ?   ?   B . n 
C 1 24  ALA 24  24  ?  ?   ?   B . n 
C 1 25  ALA 25  25  ?  ?   ?   B . n 
C 1 26  PRO 26  26  ?  ?   ?   B . n 
C 1 27  ARG 27  27  ?  ?   ?   B . n 
C 1 28  PRO 28  28  ?  ?   ?   B . n 
C 1 29  ALA 29  29  ?  ?   ?   B . n 
C 1 30  PRO 30  30  ?  ?   ?   B . n 
C 1 31  VAL 31  31  ?  ?   ?   B . n 
C 1 32  ALA 32  32  ?  ?   ?   B . n 
C 1 33  GLN 33  33  ?  ?   ?   B . n 
C 1 34  PRO 34  34  ?  ?   ?   B . n 
C 1 35  PRO 35  35  ?  ?   ?   B . n 
C 1 36  ALA 36  36  ?  ?   ?   B . n 
C 1 37  ALA 37  37  ?  ?   ?   B . n 
C 1 38  ALA 38  38  ?  ?   ?   B . n 
C 1 39  PRO 39  39  ?  ?   ?   B . n 
C 1 40  PRO 40  40  ?  ?   ?   B . n 
C 1 41  SER 41  41  ?  ?   ?   B . n 
C 1 42  ALA 42  42  ?  ?   ?   B . n 
C 1 43  VAL 43  43  ?  ?   ?   B . n 
C 1 44  GLY 44  44  ?  ?   ?   B . n 
C 1 45  SER 45  45  ?  ?   ?   B . n 
C 1 46  SER 46  46  ?  ?   ?   B . n 
C 1 47  ALA 47  47  ?  ?   ?   B . n 
C 1 48  ALA 48  48  ?  ?   ?   B . n 
C 1 49  ALA 49  49  ?  ?   ?   B . n 
C 1 50  PRO 50  50  ?  ?   ?   B . n 
C 1 51  ARG 51  51  ?  ?   ?   B . n 
C 1 52  GLN 52  52  ?  ?   ?   B . n 
C 1 53  PRO 53  53  ?  ?   ?   B . n 
C 1 54  GLY 54  54  54 GLY GLY B . n 
C 1 55  LEU 55  55  55 LEU LEU B . n 
C 1 56  MET 56  56  56 MET MET B . n 
C 1 57  ALA 57  57  57 ALA ALA B . n 
C 1 58  GLN 58  58  58 GLN GLN B . n 
C 1 59  MET 59  59  59 MET MET B . n 
C 1 60  ALA 60  60  60 ALA ALA B . n 
C 1 61  THR 61  61  61 THR THR B . n 
C 1 62  THR 62  62  62 THR THR B . n 
C 1 63  ALA 63  63  63 ALA ALA B . n 
C 1 64  ALA 64  64  64 ALA ALA B . n 
C 1 65  GLY 65  65  65 GLY GLY B . n 
C 1 66  VAL 66  66  66 VAL VAL B . n 
C 1 67  ALA 67  67  67 ALA ALA B . n 
C 1 68  VAL 68  68  68 VAL VAL B . n 
C 1 69  GLY 69  69  69 GLY GLY B . n 
C 1 70  SER 70  70  70 SER SER B . n 
C 1 71  ALA 71  71  71 ALA ALA B . n 
C 1 72  VAL 72  72  72 VAL VAL B . n 
C 1 73  GLY 73  73  73 GLY GLY B . n 
C 1 74  HIS 74  74  74 HIS HIS B . n 
C 1 75  THR 75  75  75 THR THR B . n 
C 1 76  LEU 76  76  76 LEU LEU B . n 
C 1 77  GLY 77  77  77 GLY GLY B . n 
C 1 78  HIS 78  78  78 HIS HIS B . n 
C 1 79  ALA 79  79  79 ALA ALA B . n 
C 1 80  ILE 80  80  80 ILE ILE B . n 
C 1 81  THR 81  81  81 THR THR B . n 
C 1 82  GLY 82  82  82 GLY GLY B . n 
C 1 83  GLY 83  83  83 GLY GLY B . n 
C 1 84  PHE 84  84  84 PHE PHE B . n 
C 1 85  SER 85  85  85 SER SER B . n 
C 1 86  GLY 86  86  86 GLY GLY B . n 
C 1 87  GLY 87  87  ?  ?   ?   B . n 
C 1 88  SER 88  88  ?  ?   ?   B . n 
C 1 89  ASN 89  89  ?  ?   ?   B . n 
C 1 90  ALA 90  90  ?  ?   ?   B . n 
C 1 91  GLU 91  91  ?  ?   ?   B . n 
C 1 92  PRO 92  92  ?  ?   ?   B . n 
C 1 93  ALA 93  93  ?  ?   ?   B . n 
C 1 94  ARG 94  94  ?  ?   ?   B . n 
C 1 95  PRO 95  95  ?  ?   ?   B . n 
C 1 96  ASP 96  96  ?  ?   ?   B . n 
C 1 97  ILE 97  97  ?  ?   ?   B . n 
C 1 98  THR 98  98  ?  ?   ?   B . n 
C 1 99  TYR 99  99  ?  ?   ?   B . n 
C 1 100 GLN 100 100 ?  ?   ?   B . n 
C 1 101 GLU 101 101 ?  ?   ?   B . n 
C 1 102 PRO 102 102 ?  ?   ?   B . n 
C 1 103 GLN 103 103 ?  ?   ?   B . n 
C 1 104 GLY 104 104 ?  ?   ?   B . n 
C 1 105 THR 105 105 ?  ?   ?   B . n 
C 1 106 GLN 106 106 ?  ?   ?   B . n 
C 1 107 PRO 107 107 ?  ?   ?   B . n 
C 1 108 ALA 108 108 ?  ?   ?   B . n 
C 1 109 GLN 109 109 ?  ?   ?   B . n 
C 1 110 GLN 110 110 ?  ?   ?   B . n 
C 1 111 GLN 111 111 ?  ?   ?   B . n 
C 1 112 GLN 112 112 ?  ?   ?   B . n 
C 1 113 PRO 113 113 ?  ?   ?   B . n 
C 1 114 MET 114 114 ?  ?   ?   B . n 
D 1 1   MET 1   1   ?  ?   ?   E . n 
D 1 2   PRO 2   2   ?  ?   ?   E . n 
D 1 3   ARG 3   3   ?  ?   ?   E . n 
D 1 4   GLY 4   4   ?  ?   ?   E . n 
D 1 5   SER 5   5   ?  ?   ?   E . n 
D 1 6   ARG 6   6   ?  ?   ?   E . n 
D 1 7   SER 7   7   ?  ?   ?   E . n 
D 1 8   ARG 8   8   ?  ?   ?   E . n 
D 1 9   THR 9   9   ?  ?   ?   E . n 
D 1 10  SER 10  10  ?  ?   ?   E . n 
D 1 11  ARG 11  11  ?  ?   ?   E . n 
D 1 12  MET 12  12  ?  ?   ?   E . n 
D 1 13  ALA 13  13  ?  ?   ?   E . n 
D 1 14  PRO 14  14  ?  ?   ?   E . n 
D 1 15  PRO 15  15  ?  ?   ?   E . n 
D 1 16  ALA 16  16  ?  ?   ?   E . n 
D 1 17  SER 17  17  ?  ?   ?   E . n 
D 1 18  ARG 18  18  ?  ?   ?   E . n 
D 1 19  ALA 19  19  ?  ?   ?   E . n 
D 1 20  PRO 20  20  ?  ?   ?   E . n 
D 1 21  GLN 21  21  ?  ?   ?   E . n 
D 1 22  MET 22  22  ?  ?   ?   E . n 
D 1 23  ARG 23  23  ?  ?   ?   E . n 
D 1 24  ALA 24  24  ?  ?   ?   E . n 
D 1 25  ALA 25  25  ?  ?   ?   E . n 
D 1 26  PRO 26  26  ?  ?   ?   E . n 
D 1 27  ARG 27  27  ?  ?   ?   E . n 
D 1 28  PRO 28  28  ?  ?   ?   E . n 
D 1 29  ALA 29  29  ?  ?   ?   E . n 
D 1 30  PRO 30  30  ?  ?   ?   E . n 
D 1 31  VAL 31  31  ?  ?   ?   E . n 
D 1 32  ALA 32  32  ?  ?   ?   E . n 
D 1 33  GLN 33  33  ?  ?   ?   E . n 
D 1 34  PRO 34  34  ?  ?   ?   E . n 
D 1 35  PRO 35  35  ?  ?   ?   E . n 
D 1 36  ALA 36  36  ?  ?   ?   E . n 
D 1 37  ALA 37  37  ?  ?   ?   E . n 
D 1 38  ALA 38  38  ?  ?   ?   E . n 
D 1 39  PRO 39  39  ?  ?   ?   E . n 
D 1 40  PRO 40  40  ?  ?   ?   E . n 
D 1 41  SER 41  41  ?  ?   ?   E . n 
D 1 42  ALA 42  42  ?  ?   ?   E . n 
D 1 43  VAL 43  43  ?  ?   ?   E . n 
D 1 44  GLY 44  44  ?  ?   ?   E . n 
D 1 45  SER 45  45  ?  ?   ?   E . n 
D 1 46  SER 46  46  ?  ?   ?   E . n 
D 1 47  ALA 47  47  ?  ?   ?   E . n 
D 1 48  ALA 48  48  ?  ?   ?   E . n 
D 1 49  ALA 49  49  ?  ?   ?   E . n 
D 1 50  PRO 50  50  ?  ?   ?   E . n 
D 1 51  ARG 51  51  ?  ?   ?   E . n 
D 1 52  GLN 52  52  ?  ?   ?   E . n 
D 1 53  PRO 53  53  ?  ?   ?   E . n 
D 1 54  GLY 54  54  54 GLY GLY E . n 
D 1 55  LEU 55  55  55 LEU LEU E . n 
D 1 56  MET 56  56  56 MET MET E . n 
D 1 57  ALA 57  57  57 ALA ALA E . n 
D 1 58  GLN 58  58  58 GLN GLN E . n 
D 1 59  MET 59  59  59 MET MET E . n 
D 1 60  ALA 60  60  60 ALA ALA E . n 
D 1 61  THR 61  61  61 THR THR E . n 
D 1 62  THR 62  62  62 THR THR E . n 
D 1 63  ALA 63  63  63 ALA ALA E . n 
D 1 64  ALA 64  64  64 ALA ALA E . n 
D 1 65  GLY 65  65  65 GLY GLY E . n 
D 1 66  VAL 66  66  66 VAL VAL E . n 
D 1 67  ALA 67  67  67 ALA ALA E . n 
D 1 68  VAL 68  68  68 VAL VAL E . n 
D 1 69  GLY 69  69  69 GLY GLY E . n 
D 1 70  SER 70  70  70 SER SER E . n 
D 1 71  ALA 71  71  71 ALA ALA E . n 
D 1 72  VAL 72  72  72 VAL VAL E . n 
D 1 73  GLY 73  73  73 GLY GLY E . n 
D 1 74  HIS 74  74  74 HIS HIS E . n 
D 1 75  THR 75  75  75 THR THR E . n 
D 1 76  LEU 76  76  76 LEU LEU E . n 
D 1 77  GLY 77  77  77 GLY GLY E . n 
D 1 78  HIS 78  78  78 HIS HIS E . n 
D 1 79  ALA 79  79  79 ALA ALA E . n 
D 1 80  ILE 80  80  80 ILE ILE E . n 
D 1 81  THR 81  81  81 THR THR E . n 
D 1 82  GLY 82  82  82 GLY GLY E . n 
D 1 83  GLY 83  83  83 GLY GLY E . n 
D 1 84  PHE 84  84  84 PHE PHE E . n 
D 1 85  SER 85  85  85 SER SER E . n 
D 1 86  GLY 86  86  86 GLY GLY E . n 
D 1 87  GLY 87  87  ?  ?   ?   E . n 
D 1 88  SER 88  88  ?  ?   ?   E . n 
D 1 89  ASN 89  89  ?  ?   ?   E . n 
D 1 90  ALA 90  90  ?  ?   ?   E . n 
D 1 91  GLU 91  91  ?  ?   ?   E . n 
D 1 92  PRO 92  92  ?  ?   ?   E . n 
D 1 93  ALA 93  93  ?  ?   ?   E . n 
D 1 94  ARG 94  94  ?  ?   ?   E . n 
D 1 95  PRO 95  95  ?  ?   ?   E . n 
D 1 96  ASP 96  96  ?  ?   ?   E . n 
D 1 97  ILE 97  97  ?  ?   ?   E . n 
D 1 98  THR 98  98  ?  ?   ?   E . n 
D 1 99  TYR 99  99  ?  ?   ?   E . n 
D 1 100 GLN 100 100 ?  ?   ?   E . n 
D 1 101 GLU 101 101 ?  ?   ?   E . n 
D 1 102 PRO 102 102 ?  ?   ?   E . n 
D 1 103 GLN 103 103 ?  ?   ?   E . n 
D 1 104 GLY 104 104 ?  ?   ?   E . n 
D 1 105 THR 105 105 ?  ?   ?   E . n 
D 1 106 GLN 106 106 ?  ?   ?   E . n 
D 1 107 PRO 107 107 ?  ?   ?   E . n 
D 1 108 ALA 108 108 ?  ?   ?   E . n 
D 1 109 GLN 109 109 ?  ?   ?   E . n 
D 1 110 GLN 110 110 ?  ?   ?   E . n 
D 1 111 GLN 111 111 ?  ?   ?   E . n 
D 1 112 GLN 112 112 ?  ?   ?   E . n 
D 1 113 PRO 113 113 ?  ?   ?   E . n 
D 1 114 MET 114 114 ?  ?   ?   E . n 
E 1 1   MET 1   1   ?  ?   ?   F . n 
E 1 2   PRO 2   2   ?  ?   ?   F . n 
E 1 3   ARG 3   3   ?  ?   ?   F . n 
E 1 4   GLY 4   4   ?  ?   ?   F . n 
E 1 5   SER 5   5   ?  ?   ?   F . n 
E 1 6   ARG 6   6   ?  ?   ?   F . n 
E 1 7   SER 7   7   ?  ?   ?   F . n 
E 1 8   ARG 8   8   ?  ?   ?   F . n 
E 1 9   THR 9   9   ?  ?   ?   F . n 
E 1 10  SER 10  10  ?  ?   ?   F . n 
E 1 11  ARG 11  11  ?  ?   ?   F . n 
E 1 12  MET 12  12  ?  ?   ?   F . n 
E 1 13  ALA 13  13  ?  ?   ?   F . n 
E 1 14  PRO 14  14  ?  ?   ?   F . n 
E 1 15  PRO 15  15  ?  ?   ?   F . n 
E 1 16  ALA 16  16  ?  ?   ?   F . n 
E 1 17  SER 17  17  ?  ?   ?   F . n 
E 1 18  ARG 18  18  ?  ?   ?   F . n 
E 1 19  ALA 19  19  ?  ?   ?   F . n 
E 1 20  PRO 20  20  ?  ?   ?   F . n 
E 1 21  GLN 21  21  ?  ?   ?   F . n 
E 1 22  MET 22  22  ?  ?   ?   F . n 
E 1 23  ARG 23  23  ?  ?   ?   F . n 
E 1 24  ALA 24  24  ?  ?   ?   F . n 
E 1 25  ALA 25  25  ?  ?   ?   F . n 
E 1 26  PRO 26  26  ?  ?   ?   F . n 
E 1 27  ARG 27  27  ?  ?   ?   F . n 
E 1 28  PRO 28  28  ?  ?   ?   F . n 
E 1 29  ALA 29  29  ?  ?   ?   F . n 
E 1 30  PRO 30  30  ?  ?   ?   F . n 
E 1 31  VAL 31  31  ?  ?   ?   F . n 
E 1 32  ALA 32  32  ?  ?   ?   F . n 
E 1 33  GLN 33  33  ?  ?   ?   F . n 
E 1 34  PRO 34  34  ?  ?   ?   F . n 
E 1 35  PRO 35  35  ?  ?   ?   F . n 
E 1 36  ALA 36  36  ?  ?   ?   F . n 
E 1 37  ALA 37  37  ?  ?   ?   F . n 
E 1 38  ALA 38  38  ?  ?   ?   F . n 
E 1 39  PRO 39  39  ?  ?   ?   F . n 
E 1 40  PRO 40  40  ?  ?   ?   F . n 
E 1 41  SER 41  41  ?  ?   ?   F . n 
E 1 42  ALA 42  42  ?  ?   ?   F . n 
E 1 43  VAL 43  43  ?  ?   ?   F . n 
E 1 44  GLY 44  44  ?  ?   ?   F . n 
E 1 45  SER 45  45  ?  ?   ?   F . n 
E 1 46  SER 46  46  ?  ?   ?   F . n 
E 1 47  ALA 47  47  ?  ?   ?   F . n 
E 1 48  ALA 48  48  ?  ?   ?   F . n 
E 1 49  ALA 49  49  ?  ?   ?   F . n 
E 1 50  PRO 50  50  ?  ?   ?   F . n 
E 1 51  ARG 51  51  ?  ?   ?   F . n 
E 1 52  GLN 52  52  ?  ?   ?   F . n 
E 1 53  PRO 53  53  ?  ?   ?   F . n 
E 1 54  GLY 54  54  54 GLY GLY F . n 
E 1 55  LEU 55  55  55 LEU LEU F . n 
E 1 56  MET 56  56  56 MET MET F . n 
E 1 57  ALA 57  57  57 ALA ALA F . n 
E 1 58  GLN 58  58  58 GLN GLN F . n 
E 1 59  MET 59  59  59 MET MET F . n 
E 1 60  ALA 60  60  60 ALA ALA F . n 
E 1 61  THR 61  61  61 THR THR F . n 
E 1 62  THR 62  62  62 THR THR F . n 
E 1 63  ALA 63  63  63 ALA ALA F . n 
E 1 64  ALA 64  64  64 ALA ALA F . n 
E 1 65  GLY 65  65  65 GLY GLY F . n 
E 1 66  VAL 66  66  66 VAL VAL F . n 
E 1 67  ALA 67  67  67 ALA ALA F . n 
E 1 68  VAL 68  68  68 VAL VAL F . n 
E 1 69  GLY 69  69  69 GLY GLY F . n 
E 1 70  SER 70  70  70 SER SER F . n 
E 1 71  ALA 71  71  71 ALA ALA F . n 
E 1 72  VAL 72  72  72 VAL VAL F . n 
E 1 73  GLY 73  73  73 GLY GLY F . n 
E 1 74  HIS 74  74  74 HIS HIS F . n 
E 1 75  THR 75  75  75 THR THR F . n 
E 1 76  LEU 76  76  76 LEU LEU F . n 
E 1 77  GLY 77  77  77 GLY GLY F . n 
E 1 78  HIS 78  78  78 HIS HIS F . n 
E 1 79  ALA 79  79  79 ALA ALA F . n 
E 1 80  ILE 80  80  80 ILE ILE F . n 
E 1 81  THR 81  81  81 THR THR F . n 
E 1 82  GLY 82  82  82 GLY GLY F . n 
E 1 83  GLY 83  83  83 GLY GLY F . n 
E 1 84  PHE 84  84  84 PHE PHE F . n 
E 1 85  SER 85  85  85 SER SER F . n 
E 1 86  GLY 86  86  86 GLY GLY F . n 
E 1 87  GLY 87  87  ?  ?   ?   F . n 
E 1 88  SER 88  88  ?  ?   ?   F . n 
E 1 89  ASN 89  89  ?  ?   ?   F . n 
E 1 90  ALA 90  90  ?  ?   ?   F . n 
E 1 91  GLU 91  91  ?  ?   ?   F . n 
E 1 92  PRO 92  92  ?  ?   ?   F . n 
E 1 93  ALA 93  93  ?  ?   ?   F . n 
E 1 94  ARG 94  94  ?  ?   ?   F . n 
E 1 95  PRO 95  95  ?  ?   ?   F . n 
E 1 96  ASP 96  96  ?  ?   ?   F . n 
E 1 97  ILE 97  97  ?  ?   ?   F . n 
E 1 98  THR 98  98  ?  ?   ?   F . n 
E 1 99  TYR 99  99  ?  ?   ?   F . n 
E 1 100 GLN 100 100 ?  ?   ?   F . n 
E 1 101 GLU 101 101 ?  ?   ?   F . n 
E 1 102 PRO 102 102 ?  ?   ?   F . n 
E 1 103 GLN 103 103 ?  ?   ?   F . n 
E 1 104 GLY 104 104 ?  ?   ?   F . n 
E 1 105 THR 105 105 ?  ?   ?   F . n 
E 1 106 GLN 106 106 ?  ?   ?   F . n 
E 1 107 PRO 107 107 ?  ?   ?   F . n 
E 1 108 ALA 108 108 ?  ?   ?   F . n 
E 1 109 GLN 109 109 ?  ?   ?   F . n 
E 1 110 GLN 110 110 ?  ?   ?   F . n 
E 1 111 GLN 111 111 ?  ?   ?   F . n 
E 1 112 GLN 112 112 ?  ?   ?   F . n 
E 1 113 PRO 113 113 ?  ?   ?   F . n 
E 1 114 MET 114 114 ?  ?   ?   F . n 
F 1 1   MET 1   1   ?  ?   ?   G . n 
F 1 2   PRO 2   2   ?  ?   ?   G . n 
F 1 3   ARG 3   3   ?  ?   ?   G . n 
F 1 4   GLY 4   4   ?  ?   ?   G . n 
F 1 5   SER 5   5   ?  ?   ?   G . n 
F 1 6   ARG 6   6   ?  ?   ?   G . n 
F 1 7   SER 7   7   ?  ?   ?   G . n 
F 1 8   ARG 8   8   ?  ?   ?   G . n 
F 1 9   THR 9   9   ?  ?   ?   G . n 
F 1 10  SER 10  10  ?  ?   ?   G . n 
F 1 11  ARG 11  11  ?  ?   ?   G . n 
F 1 12  MET 12  12  ?  ?   ?   G . n 
F 1 13  ALA 13  13  ?  ?   ?   G . n 
F 1 14  PRO 14  14  ?  ?   ?   G . n 
F 1 15  PRO 15  15  ?  ?   ?   G . n 
F 1 16  ALA 16  16  ?  ?   ?   G . n 
F 1 17  SER 17  17  ?  ?   ?   G . n 
F 1 18  ARG 18  18  ?  ?   ?   G . n 
F 1 19  ALA 19  19  ?  ?   ?   G . n 
F 1 20  PRO 20  20  ?  ?   ?   G . n 
F 1 21  GLN 21  21  ?  ?   ?   G . n 
F 1 22  MET 22  22  ?  ?   ?   G . n 
F 1 23  ARG 23  23  ?  ?   ?   G . n 
F 1 24  ALA 24  24  ?  ?   ?   G . n 
F 1 25  ALA 25  25  ?  ?   ?   G . n 
F 1 26  PRO 26  26  ?  ?   ?   G . n 
F 1 27  ARG 27  27  ?  ?   ?   G . n 
F 1 28  PRO 28  28  ?  ?   ?   G . n 
F 1 29  ALA 29  29  ?  ?   ?   G . n 
F 1 30  PRO 30  30  ?  ?   ?   G . n 
F 1 31  VAL 31  31  ?  ?   ?   G . n 
F 1 32  ALA 32  32  ?  ?   ?   G . n 
F 1 33  GLN 33  33  ?  ?   ?   G . n 
F 1 34  PRO 34  34  ?  ?   ?   G . n 
F 1 35  PRO 35  35  ?  ?   ?   G . n 
F 1 36  ALA 36  36  ?  ?   ?   G . n 
F 1 37  ALA 37  37  ?  ?   ?   G . n 
F 1 38  ALA 38  38  ?  ?   ?   G . n 
F 1 39  PRO 39  39  ?  ?   ?   G . n 
F 1 40  PRO 40  40  ?  ?   ?   G . n 
F 1 41  SER 41  41  ?  ?   ?   G . n 
F 1 42  ALA 42  42  ?  ?   ?   G . n 
F 1 43  VAL 43  43  ?  ?   ?   G . n 
F 1 44  GLY 44  44  ?  ?   ?   G . n 
F 1 45  SER 45  45  ?  ?   ?   G . n 
F 1 46  SER 46  46  ?  ?   ?   G . n 
F 1 47  ALA 47  47  ?  ?   ?   G . n 
F 1 48  ALA 48  48  ?  ?   ?   G . n 
F 1 49  ALA 49  49  ?  ?   ?   G . n 
F 1 50  PRO 50  50  ?  ?   ?   G . n 
F 1 51  ARG 51  51  ?  ?   ?   G . n 
F 1 52  GLN 52  52  ?  ?   ?   G . n 
F 1 53  PRO 53  53  ?  ?   ?   G . n 
F 1 54  GLY 54  54  54 GLY GLY G . n 
F 1 55  LEU 55  55  55 LEU LEU G . n 
F 1 56  MET 56  56  56 MET MET G . n 
F 1 57  ALA 57  57  57 ALA ALA G . n 
F 1 58  GLN 58  58  58 GLN GLN G . n 
F 1 59  MET 59  59  59 MET MET G . n 
F 1 60  ALA 60  60  60 ALA ALA G . n 
F 1 61  THR 61  61  61 THR THR G . n 
F 1 62  THR 62  62  62 THR THR G . n 
F 1 63  ALA 63  63  63 ALA ALA G . n 
F 1 64  ALA 64  64  64 ALA ALA G . n 
F 1 65  GLY 65  65  65 GLY GLY G . n 
F 1 66  VAL 66  66  66 VAL VAL G . n 
F 1 67  ALA 67  67  67 ALA ALA G . n 
F 1 68  VAL 68  68  68 VAL VAL G . n 
F 1 69  GLY 69  69  69 GLY GLY G . n 
F 1 70  SER 70  70  70 SER SER G . n 
F 1 71  ALA 71  71  71 ALA ALA G . n 
F 1 72  VAL 72  72  72 VAL VAL G . n 
F 1 73  GLY 73  73  73 GLY GLY G . n 
F 1 74  HIS 74  74  74 HIS HIS G . n 
F 1 75  THR 75  75  75 THR THR G . n 
F 1 76  LEU 76  76  76 LEU LEU G . n 
F 1 77  GLY 77  77  77 GLY GLY G . n 
F 1 78  HIS 78  78  78 HIS HIS G . n 
F 1 79  ALA 79  79  79 ALA ALA G . n 
F 1 80  ILE 80  80  80 ILE ILE G . n 
F 1 81  THR 81  81  81 THR THR G . n 
F 1 82  GLY 82  82  82 GLY GLY G . n 
F 1 83  GLY 83  83  83 GLY GLY G . n 
F 1 84  PHE 84  84  84 PHE PHE G . n 
F 1 85  SER 85  85  85 SER SER G . n 
F 1 86  GLY 86  86  86 GLY GLY G . n 
F 1 87  GLY 87  87  ?  ?   ?   G . n 
F 1 88  SER 88  88  ?  ?   ?   G . n 
F 1 89  ASN 89  89  ?  ?   ?   G . n 
F 1 90  ALA 90  90  ?  ?   ?   G . n 
F 1 91  GLU 91  91  ?  ?   ?   G . n 
F 1 92  PRO 92  92  ?  ?   ?   G . n 
F 1 93  ALA 93  93  ?  ?   ?   G . n 
F 1 94  ARG 94  94  ?  ?   ?   G . n 
F 1 95  PRO 95  95  ?  ?   ?   G . n 
F 1 96  ASP 96  96  ?  ?   ?   G . n 
F 1 97  ILE 97  97  ?  ?   ?   G . n 
F 1 98  THR 98  98  ?  ?   ?   G . n 
F 1 99  TYR 99  99  ?  ?   ?   G . n 
F 1 100 GLN 100 100 ?  ?   ?   G . n 
F 1 101 GLU 101 101 ?  ?   ?   G . n 
F 1 102 PRO 102 102 ?  ?   ?   G . n 
F 1 103 GLN 103 103 ?  ?   ?   G . n 
F 1 104 GLY 104 104 ?  ?   ?   G . n 
F 1 105 THR 105 105 ?  ?   ?   G . n 
F 1 106 GLN 106 106 ?  ?   ?   G . n 
F 1 107 PRO 107 107 ?  ?   ?   G . n 
F 1 108 ALA 108 108 ?  ?   ?   G . n 
F 1 109 GLN 109 109 ?  ?   ?   G . n 
F 1 110 GLN 110 110 ?  ?   ?   G . n 
F 1 111 GLN 111 111 ?  ?   ?   G . n 
F 1 112 GLN 112 112 ?  ?   ?   G . n 
F 1 113 PRO 113 113 ?  ?   ?   G . n 
F 1 114 MET 114 114 ?  ?   ?   G . n 
# 
_cell.angle_alpha                  90.00 
_cell.angle_alpha_esd              ? 
_cell.angle_beta                   90.00 
_cell.angle_beta_esd               ? 
_cell.angle_gamma                  90.00 
_cell.angle_gamma_esd              ? 
_cell.entry_id                     9OYR 
_cell.details                      ? 
_cell.formula_units_Z              ? 
_cell.length_a                     1.00 
_cell.length_a_esd                 ? 
_cell.length_b                     1.00 
_cell.length_b_esd                 ? 
_cell.length_c                     1.00 
_cell.length_c_esd                 ? 
_cell.volume                       ? 
_cell.volume_esd                   ? 
_cell.Z_PDB                        ? 
_cell.reciprocal_angle_alpha       ? 
_cell.reciprocal_angle_beta        ? 
_cell.reciprocal_angle_gamma       ? 
_cell.reciprocal_angle_alpha_esd   ? 
_cell.reciprocal_angle_beta_esd    ? 
_cell.reciprocal_angle_gamma_esd   ? 
_cell.reciprocal_length_a          ? 
_cell.reciprocal_length_b          ? 
_cell.reciprocal_length_c          ? 
_cell.reciprocal_length_a_esd      ? 
_cell.reciprocal_length_b_esd      ? 
_cell.reciprocal_length_c_esd      ? 
_cell.pdbx_unique_axis             ? 
_cell.pdbx_esd_method              ? 
# 
_symmetry.entry_id                         9OYR 
_symmetry.cell_setting                     ? 
_symmetry.Int_Tables_number                1 
_symmetry.space_group_name_Hall            ? 
_symmetry.space_group_name_H-M             'P 1' 
_symmetry.pdbx_full_space_group_name_H-M   ? 
# 
_exptl.absorpt_coefficient_mu     ? 
_exptl.absorpt_correction_T_max   ? 
_exptl.absorpt_correction_T_min   ? 
_exptl.absorpt_correction_type    ? 
_exptl.absorpt_process_details    ? 
_exptl.entry_id                   9OYR 
_exptl.crystals_number            ? 
_exptl.details                    ? 
_exptl.method                     'ELECTRON MICROSCOPY' 
_exptl.method_details             ? 
# 
_refine.aniso_B[1][1]                            ? 
_refine.aniso_B[1][2]                            ? 
_refine.aniso_B[1][3]                            ? 
_refine.aniso_B[2][2]                            ? 
_refine.aniso_B[2][3]                            ? 
_refine.aniso_B[3][3]                            ? 
_refine.B_iso_max                                ? 
_refine.B_iso_mean                               25.58 
_refine.B_iso_min                                ? 
_refine.correlation_coeff_Fo_to_Fc               ? 
_refine.correlation_coeff_Fo_to_Fc_free          ? 
_refine.details                                  ? 
_refine.diff_density_max                         ? 
_refine.diff_density_max_esd                     ? 
_refine.diff_density_min                         ? 
_refine.diff_density_min_esd                     ? 
_refine.diff_density_rms                         ? 
_refine.diff_density_rms_esd                     ? 
_refine.entry_id                                 9OYR 
_refine.pdbx_refine_id                           'ELECTRON MICROSCOPY' 
_refine.ls_abs_structure_details                 ? 
_refine.ls_abs_structure_Flack                   ? 
_refine.ls_abs_structure_Flack_esd               ? 
_refine.ls_abs_structure_Rogers                  ? 
_refine.ls_abs_structure_Rogers_esd              ? 
_refine.ls_d_res_high                            . 
_refine.ls_d_res_low                             ? 
_refine.ls_extinction_coef                       ? 
_refine.ls_extinction_coef_esd                   ? 
_refine.ls_extinction_expression                 ? 
_refine.ls_extinction_method                     ? 
_refine.ls_goodness_of_fit_all                   ? 
_refine.ls_goodness_of_fit_all_esd               ? 
_refine.ls_goodness_of_fit_obs                   ? 
_refine.ls_goodness_of_fit_obs_esd               ? 
_refine.ls_hydrogen_treatment                    ? 
_refine.ls_matrix_type                           ? 
_refine.ls_number_constraints                    ? 
_refine.ls_number_parameters                     ? 
_refine.ls_number_reflns_all                     ? 
_refine.ls_number_reflns_obs                     ? 
_refine.ls_number_reflns_R_free                  ? 
_refine.ls_number_reflns_R_work                  ? 
_refine.ls_number_restraints                     ? 
_refine.ls_percent_reflns_obs                    ? 
_refine.ls_percent_reflns_R_free                 ? 
_refine.ls_R_factor_all                          ? 
_refine.ls_R_factor_obs                          ? 
_refine.ls_R_factor_R_free                       ? 
_refine.ls_R_factor_R_free_error                 ? 
_refine.ls_R_factor_R_free_error_details         ? 
_refine.ls_R_factor_R_work                       ? 
_refine.ls_R_Fsqd_factor_obs                     ? 
_refine.ls_R_I_factor_obs                        ? 
_refine.ls_redundancy_reflns_all                 ? 
_refine.ls_redundancy_reflns_obs                 ? 
_refine.ls_restrained_S_all                      ? 
_refine.ls_restrained_S_obs                      ? 
_refine.ls_shift_over_esd_max                    ? 
_refine.ls_shift_over_esd_mean                   ? 
_refine.ls_structure_factor_coef                 ? 
_refine.ls_weighting_details                     ? 
_refine.ls_weighting_scheme                      ? 
_refine.ls_wR_factor_all                         ? 
_refine.ls_wR_factor_obs                         ? 
_refine.ls_wR_factor_R_free                      ? 
_refine.ls_wR_factor_R_work                      ? 
_refine.occupancy_max                            ? 
_refine.occupancy_min                            ? 
_refine.solvent_model_details                    ? 
_refine.solvent_model_param_bsol                 ? 
_refine.solvent_model_param_ksol                 ? 
_refine.correlation_coeff_I_to_Fcsqd_work        ? 
_refine.correlation_coeff_I_to_Fcsqd_free        ? 
_refine.pdbx_R_complete                          ? 
_refine.ls_R_factor_gt                           ? 
_refine.ls_goodness_of_fit_gt                    ? 
_refine.ls_goodness_of_fit_ref                   ? 
_refine.ls_shift_over_su_max                     ? 
_refine.ls_shift_over_su_max_lt                  ? 
_refine.ls_shift_over_su_mean                    ? 
_refine.ls_shift_over_su_mean_lt                 ? 
_refine.pdbx_ls_sigma_I                          ? 
_refine.pdbx_ls_sigma_F                          ? 
_refine.pdbx_ls_sigma_Fsqd                       ? 
_refine.pdbx_data_cutoff_high_absF               ? 
_refine.pdbx_data_cutoff_high_rms_absF           ? 
_refine.pdbx_data_cutoff_low_absF                ? 
_refine.pdbx_isotropic_thermal_model             ? 
_refine.pdbx_ls_cross_valid_method               NONE 
_refine.pdbx_method_to_determine_struct          ? 
_refine.pdbx_starting_model                      ? 
_refine.pdbx_stereochemistry_target_values       'GeoStd + Monomer Library + CDL v1.2' 
_refine.pdbx_R_Free_selection_details            ? 
_refine.pdbx_stereochem_target_val_spec_case     ? 
_refine.pdbx_overall_ESU_R                       ? 
_refine.pdbx_overall_ESU_R_Free                  ? 
_refine.pdbx_solvent_vdw_probe_radii             ? 
_refine.pdbx_solvent_ion_probe_radii             ? 
_refine.pdbx_solvent_shrinkage_radii             ? 
_refine.pdbx_real_space_R                        ? 
_refine.pdbx_density_correlation                 ? 
_refine.pdbx_pd_number_of_powder_patterns        ? 
_refine.pdbx_pd_number_of_points                 ? 
_refine.pdbx_pd_meas_number_of_points            ? 
_refine.pdbx_pd_proc_ls_prof_R_factor            ? 
_refine.pdbx_pd_proc_ls_prof_wR_factor           ? 
_refine.pdbx_pd_Marquardt_correlation_coeff      ? 
_refine.pdbx_pd_Fsqrd_R_factor                   ? 
_refine.pdbx_pd_ls_matrix_band_width             ? 
_refine.pdbx_overall_phase_error                 ? 
_refine.pdbx_overall_SU_R_free_Cruickshank_DPI   ? 
_refine.pdbx_overall_SU_R_free_Blow_DPI          ? 
_refine.pdbx_overall_SU_R_Blow_DPI               ? 
_refine.pdbx_TLS_residual_ADP_flag               ? 
_refine.pdbx_diffrn_id                           ? 
_refine.overall_SU_B                             ? 
_refine.overall_SU_ML                            ? 
_refine.overall_SU_R_Cruickshank_DPI             ? 
_refine.overall_SU_R_free                        ? 
_refine.overall_FOM_free_R_set                   ? 
_refine.overall_FOM_work_R_set                   ? 
_refine.pdbx_average_fsc_overall                 ? 
_refine.pdbx_average_fsc_work                    ? 
_refine.pdbx_average_fsc_free                    ? 
# 
loop_
_refine_ls_restr.pdbx_refine_id 
_refine_ls_restr.criterion 
_refine_ls_restr.dev_ideal 
_refine_ls_restr.dev_ideal_target 
_refine_ls_restr.number 
_refine_ls_restr.rejects 
_refine_ls_restr.type 
_refine_ls_restr.weight 
_refine_ls_restr.pdbx_Zscore 
_refine_ls_restr.pdbx_restraint_function 
'ELECTRON MICROSCOPY' ? 0.0053 ? 1260 ? f_bond_d           ? ? ? 
'ELECTRON MICROSCOPY' ? 0.6746 ? 1698 ? f_angle_d          ? ? ? 
'ELECTRON MICROSCOPY' ? 0.0507 ? 210  ? f_chiral_restr     ? ? ? 
'ELECTRON MICROSCOPY' ? 0.0022 ? 216  ? f_plane_restr      ? ? ? 
'ELECTRON MICROSCOPY' ? 4.8311 ? 192  ? f_dihedral_angle_d ? ? ? 
# 
loop_
_refine_ls_restr_ncs.pdbx_ordinal 
_refine_ls_restr_ncs.pdbx_refine_id 
_refine_ls_restr_ncs.dom_id 
_refine_ls_restr_ncs.pdbx_ens_id 
_refine_ls_restr_ncs.rms_dev_position 
_refine_ls_restr_ncs.weight_position 
_refine_ls_restr_ncs.rms_dev_B_iso 
_refine_ls_restr_ncs.weight_B_iso 
_refine_ls_restr_ncs.pdbx_type 
_refine_ls_restr_ncs.pdbx_asym_id 
_refine_ls_restr_ncs.pdbx_auth_asym_id 
_refine_ls_restr_ncs.pdbx_number 
_refine_ls_restr_ncs.pdbx_rms 
_refine_ls_restr_ncs.pdbx_weight 
_refine_ls_restr_ncs.ncs_model_details 
1 'ELECTRON MICROSCOPY' d_2 ens_1 9.87401669946e-11 ? ? ? 'NCS constraints' C B ? ? ? ? 
2 'ELECTRON MICROSCOPY' d_3 ens_1 1.35566786597e-10 ? ? ? 'NCS constraints' C B ? ? ? ? 
3 'ELECTRON MICROSCOPY' d_4 ens_1 1.70973769052e-13 ? ? ? 'NCS constraints' C B ? ? ? ? 
4 'ELECTRON MICROSCOPY' d_5 ens_1 6.002525437e-14   ? ? ? 'NCS constraints' C B ? ? ? ? 
5 'ELECTRON MICROSCOPY' d_6 ens_1 6.77097988087e-14 ? ? ? 'NCS constraints' C B ? ? ? ? 
# 
loop_
_struct_ncs_oper.id 
_struct_ncs_oper.code 
_struct_ncs_oper.matrix[1][1] 
_struct_ncs_oper.matrix[1][2] 
_struct_ncs_oper.matrix[1][3] 
_struct_ncs_oper.matrix[2][1] 
_struct_ncs_oper.matrix[2][2] 
_struct_ncs_oper.matrix[2][3] 
_struct_ncs_oper.matrix[3][1] 
_struct_ncs_oper.matrix[3][2] 
_struct_ncs_oper.matrix[3][3] 
_struct_ncs_oper.vector[1] 
_struct_ncs_oper.vector[2] 
_struct_ncs_oper.vector[3] 
_struct_ncs_oper.details 
1 given 0.999806340140  0.017252153992 -0.009468125413 -0.017098549169 0.999724637788  0.016071347635 0.009742783613 -0.015906344053 0.999826018058  3.10343879469 1.65840817313 3.22214466633  ? 
2 given 0.999244085577  0.034513935422 -0.017889821132 -0.033920155461 0.998896152770  0.032494600083 0.018991590032 -0.031863211433 0.999311790817  6.21856719173 3.25638027510 6.44749309066  ? 
3 given -0.142331144749 0.442186980134 0.885557745059  0.457075041721  -0.76420400891  0.455054545090 0.877965973982 0.469534777595  -0.093342600984 1.526409028   0.757781744   1.61869939667  ? 
4 given -0.141958990760 0.456254281313 0.878453001433  0.443088148552  -0.764281079399 0.468558773567 0.885166954622 0.455748244601  -0.093664294088 -1.585890682  -0.850858432  -1.59669468576 ? 
5 given -0.141220663955 0.425524196169 0.893860102335  0.475002885823  -0.763061547295 0.438302787465 0.868578714068 0.486483538791  -0.094365162820 4.649235188   2.385585959   4.85057855856  ? 
# 
loop_
_struct_ncs_dom.pdbx_ens_id 
_struct_ncs_dom.id 
_struct_ncs_dom.details 
ens_1 d_1 
;chain "B"
;
ens_1 d_2 
;chain "A"
;
ens_1 d_3 
;chain "C"
;
ens_1 d_4 
;chain "E"
;
ens_1 d_5 
;chain "F"
;
ens_1 d_6 
;chain "G"
;
# 
loop_
_struct_ncs_dom_lim.pdbx_ens_id 
_struct_ncs_dom_lim.dom_id 
_struct_ncs_dom_lim.pdbx_component_id 
_struct_ncs_dom_lim.beg_label_asym_id 
_struct_ncs_dom_lim.beg_label_comp_id 
_struct_ncs_dom_lim.beg_label_seq_id 
_struct_ncs_dom_lim.beg_label_alt_id 
_struct_ncs_dom_lim.end_label_asym_id 
_struct_ncs_dom_lim.end_label_comp_id 
_struct_ncs_dom_lim.end_label_seq_id 
_struct_ncs_dom_lim.end_label_alt_id 
_struct_ncs_dom_lim.beg_auth_asym_id 
_struct_ncs_dom_lim.beg_auth_comp_id 
_struct_ncs_dom_lim.beg_auth_seq_id 
_struct_ncs_dom_lim.end_auth_asym_id 
_struct_ncs_dom_lim.end_auth_comp_id 
_struct_ncs_dom_lim.end_auth_seq_id 
_struct_ncs_dom_lim.pdbx_refine_code 
_struct_ncs_dom_lim.selection_details 
ens_1 d_1 1 C GLY 54 . C GLY 86 . B GLY 54 B GLY 86 ? ? 
ens_1 d_2 1 A GLY 54 . A GLY 86 . A GLY 54 A GLY 86 ? ? 
ens_1 d_3 1 B GLY 54 . B GLY 86 . C GLY 54 C GLY 86 ? ? 
ens_1 d_4 1 D GLY 54 . D GLY 86 . E GLY 54 E GLY 86 ? ? 
ens_1 d_5 1 E GLY 54 . E GLY 86 . F GLY 54 F GLY 86 ? ? 
ens_1 d_6 1 F GLY 54 . F GLY 86 . G GLY 54 G GLY 86 ? ? 
# 
_struct_ncs_ens.id        ens_1 
_struct_ncs_ens.details   ? 
# 
loop_
_struct_ncs_ens_gen.ens_id 
_struct_ncs_ens_gen.dom_id_1 
_struct_ncs_ens_gen.dom_id_2 
_struct_ncs_ens_gen.oper_id 
ens_1 d_2 d_1 1 
ens_1 d_3 d_1 2 
ens_1 d_4 d_1 3 
ens_1 d_5 d_1 4 
ens_1 d_6 d_1 5 
# 
_struct.entry_id                     9OYR 
_struct.title                        'Structure of D2-NT amyloid fibrils' 
_struct.pdbx_model_details           ? 
_struct.pdbx_formula_weight          ? 
_struct.pdbx_formula_weight_method   ? 
_struct.pdbx_model_type_details      ? 
_struct.pdbx_CASP_flag               N 
# 
_struct_keywords.entry_id        9OYR 
_struct_keywords.text            'CHCHD2, Amyloid Fibril, PROTEIN FIBRIL' 
_struct_keywords.pdbx_keywords   'PROTEIN FIBRIL' 
# 
loop_
_struct_asym.id 
_struct_asym.pdbx_blank_PDB_chainid_flag 
_struct_asym.pdbx_modified 
_struct_asym.entity_id 
_struct_asym.details 
A N N 1 ? 
B N N 1 ? 
C N N 1 ? 
D N N 1 ? 
E N N 1 ? 
F N N 1 ? 
# 
_struct_ref.id                         1 
_struct_ref.db_name                    UNP 
_struct_ref.db_code                    CHCH2_HUMAN 
_struct_ref.pdbx_db_accession          Q9Y6H1 
_struct_ref.pdbx_db_isoform            ? 
_struct_ref.entity_id                  1 
_struct_ref.pdbx_seq_one_letter_code   
;MPRGSRSRTSRMAPPASRAPQMRAAPRPAPVAQPPAAAPPSAVGSSAAAPRQPGLMAQMATTAAGVAVGSAVGHTLGHAI
TGGFSGGSNAEPARPDITYQEPQGTQPAQQQQPC
;
_struct_ref.pdbx_align_begin           1 
# 
loop_
_struct_ref_seq.align_id 
_struct_ref_seq.ref_id 
_struct_ref_seq.pdbx_PDB_id_code 
_struct_ref_seq.pdbx_strand_id 
_struct_ref_seq.seq_align_beg 
_struct_ref_seq.pdbx_seq_align_beg_ins_code 
_struct_ref_seq.seq_align_end 
_struct_ref_seq.pdbx_seq_align_end_ins_code 
_struct_ref_seq.pdbx_db_accession 
_struct_ref_seq.db_align_beg 
_struct_ref_seq.pdbx_db_align_beg_ins_code 
_struct_ref_seq.db_align_end 
_struct_ref_seq.pdbx_db_align_end_ins_code 
_struct_ref_seq.pdbx_auth_seq_align_beg 
_struct_ref_seq.pdbx_auth_seq_align_end 
1 1 9OYR A 1 ? 114 ? Q9Y6H1 1 ? 114 ? 1 114 
2 1 9OYR C 1 ? 114 ? Q9Y6H1 1 ? 114 ? 1 114 
3 1 9OYR B 1 ? 114 ? Q9Y6H1 1 ? 114 ? 1 114 
4 1 9OYR E 1 ? 114 ? Q9Y6H1 1 ? 114 ? 1 114 
5 1 9OYR F 1 ? 114 ? Q9Y6H1 1 ? 114 ? 1 114 
6 1 9OYR G 1 ? 114 ? Q9Y6H1 1 ? 114 ? 1 114 
# 
loop_
_struct_ref_seq_dif.align_id 
_struct_ref_seq_dif.pdbx_pdb_id_code 
_struct_ref_seq_dif.mon_id 
_struct_ref_seq_dif.pdbx_pdb_strand_id 
_struct_ref_seq_dif.seq_num 
_struct_ref_seq_dif.pdbx_pdb_ins_code 
_struct_ref_seq_dif.pdbx_seq_db_name 
_struct_ref_seq_dif.pdbx_seq_db_accession_code 
_struct_ref_seq_dif.db_mon_id 
_struct_ref_seq_dif.pdbx_seq_db_seq_num 
_struct_ref_seq_dif.details 
_struct_ref_seq_dif.pdbx_auth_seq_num 
_struct_ref_seq_dif.pdbx_ordinal 
1 9OYR MET A 114 ? UNP Q9Y6H1 CYS 114 conflict 114 1 
2 9OYR MET C 114 ? UNP Q9Y6H1 CYS 114 conflict 114 2 
3 9OYR MET B 114 ? UNP Q9Y6H1 CYS 114 conflict 114 3 
4 9OYR MET E 114 ? UNP Q9Y6H1 CYS 114 conflict 114 4 
5 9OYR MET F 114 ? UNP Q9Y6H1 CYS 114 conflict 114 5 
6 9OYR MET G 114 ? UNP Q9Y6H1 CYS 114 conflict 114 6 
# 
_pdbx_struct_assembly.id                   1 
_pdbx_struct_assembly.details              author_defined_assembly 
_pdbx_struct_assembly.method_details       ? 
_pdbx_struct_assembly.oligomeric_details   hexameric 
_pdbx_struct_assembly.oligomeric_count     6 
# 
_pdbx_struct_assembly_gen.assembly_id       1 
_pdbx_struct_assembly_gen.oper_expression   1 
_pdbx_struct_assembly_gen.asym_id_list      A,B,C,D,E,F 
# 
_pdbx_struct_assembly_auth_evidence.id                     1 
_pdbx_struct_assembly_auth_evidence.assembly_id            1 
_pdbx_struct_assembly_auth_evidence.experimental_support   'electron microscopy' 
_pdbx_struct_assembly_auth_evidence.details                'not applicable' 
# 
_pdbx_struct_oper_list.id                   1 
_pdbx_struct_oper_list.type                 'identity operation' 
_pdbx_struct_oper_list.name                 1_555 
_pdbx_struct_oper_list.symmetry_operation   ? 
_pdbx_struct_oper_list.matrix[1][1]         1.0000000000 
_pdbx_struct_oper_list.matrix[1][2]         0.0000000000 
_pdbx_struct_oper_list.matrix[1][3]         0.0000000000 
_pdbx_struct_oper_list.vector[1]            0.0000000000 
_pdbx_struct_oper_list.matrix[2][1]         0.0000000000 
_pdbx_struct_oper_list.matrix[2][2]         1.0000000000 
_pdbx_struct_oper_list.matrix[2][3]         0.0000000000 
_pdbx_struct_oper_list.vector[2]            0.0000000000 
_pdbx_struct_oper_list.matrix[3][1]         0.0000000000 
_pdbx_struct_oper_list.matrix[3][2]         0.0000000000 
_pdbx_struct_oper_list.matrix[3][3]         1.0000000000 
_pdbx_struct_oper_list.vector[3]            0.0000000000 
# 
loop_
_struct_sheet.id 
_struct_sheet.type 
_struct_sheet.number_strands 
_struct_sheet.details 
AA1 ? 3 ? 
AA2 ? 3 ? 
# 
loop_
_struct_sheet_order.sheet_id 
_struct_sheet_order.range_id_1 
_struct_sheet_order.range_id_2 
_struct_sheet_order.offset 
_struct_sheet_order.sense 
AA1 1 2 ? parallel 
AA1 2 3 ? parallel 
AA2 1 2 ? parallel 
AA2 2 3 ? parallel 
# 
loop_
_struct_sheet_range.sheet_id 
_struct_sheet_range.id 
_struct_sheet_range.beg_label_comp_id 
_struct_sheet_range.beg_label_asym_id 
_struct_sheet_range.beg_label_seq_id 
_struct_sheet_range.pdbx_beg_PDB_ins_code 
_struct_sheet_range.end_label_comp_id 
_struct_sheet_range.end_label_asym_id 
_struct_sheet_range.end_label_seq_id 
_struct_sheet_range.pdbx_end_PDB_ins_code 
_struct_sheet_range.beg_auth_comp_id 
_struct_sheet_range.beg_auth_asym_id 
_struct_sheet_range.beg_auth_seq_id 
_struct_sheet_range.end_auth_comp_id 
_struct_sheet_range.end_auth_asym_id 
_struct_sheet_range.end_auth_seq_id 
AA1 1 LEU B 55 ? THR B 81 ? LEU C 55 THR C 81 
AA1 2 LEU A 55 ? THR A 81 ? LEU A 55 THR A 81 
AA1 3 LEU C 55 ? THR C 81 ? LEU B 55 THR B 81 
AA2 1 LEU E 55 ? THR E 81 ? LEU F 55 THR F 81 
AA2 2 LEU D 55 ? THR D 81 ? LEU E 55 THR E 81 
AA2 3 LEU F 55 ? THR F 81 ? LEU G 55 THR G 81 
# 
loop_
_pdbx_struct_sheet_hbond.sheet_id 
_pdbx_struct_sheet_hbond.range_id_1 
_pdbx_struct_sheet_hbond.range_id_2 
_pdbx_struct_sheet_hbond.range_1_label_atom_id 
_pdbx_struct_sheet_hbond.range_1_label_comp_id 
_pdbx_struct_sheet_hbond.range_1_label_asym_id 
_pdbx_struct_sheet_hbond.range_1_label_seq_id 
_pdbx_struct_sheet_hbond.range_1_PDB_ins_code 
_pdbx_struct_sheet_hbond.range_1_auth_atom_id 
_pdbx_struct_sheet_hbond.range_1_auth_comp_id 
_pdbx_struct_sheet_hbond.range_1_auth_asym_id 
_pdbx_struct_sheet_hbond.range_1_auth_seq_id 
_pdbx_struct_sheet_hbond.range_2_label_atom_id 
_pdbx_struct_sheet_hbond.range_2_label_comp_id 
_pdbx_struct_sheet_hbond.range_2_label_asym_id 
_pdbx_struct_sheet_hbond.range_2_label_seq_id 
_pdbx_struct_sheet_hbond.range_2_PDB_ins_code 
_pdbx_struct_sheet_hbond.range_2_auth_atom_id 
_pdbx_struct_sheet_hbond.range_2_auth_comp_id 
_pdbx_struct_sheet_hbond.range_2_auth_asym_id 
_pdbx_struct_sheet_hbond.range_2_auth_seq_id 
AA1 1 2 O ALA B 67 ? O ALA C 67 N VAL A 66 ? N VAL A 66 
AA1 2 3 N ALA A 67 ? N ALA A 67 O VAL C 66 ? O VAL B 66 
AA2 1 2 O VAL E 66 ? O VAL F 66 N ALA D 67 ? N ALA E 67 
AA2 2 3 N THR D 75 ? N THR E 75 O LEU F 76 ? O LEU G 76 
# 
_pdbx_entry_details.entry_id                   9OYR 
_pdbx_entry_details.compound_details           ? 
_pdbx_entry_details.source_details             ? 
_pdbx_entry_details.nonpolymer_details         ? 
_pdbx_entry_details.sequence_details           ? 
_pdbx_entry_details.has_ligand_of_interest     ? 
_pdbx_entry_details.has_protein_modification   N 
# 
_space_group_symop.id              1 
_space_group_symop.operation_xyz   x,y,z 
# 
_em_3d_fitting.id                1 
_em_3d_fitting.entry_id          9OYR 
_em_3d_fitting.method            ? 
_em_3d_fitting.target_criteria   ? 
_em_3d_fitting.details           ? 
_em_3d_fitting.overall_b_value   ? 
_em_3d_fitting.ref_space         ? 
_em_3d_fitting.ref_protocol      ? 
# 
_em_3d_reconstruction.entry_id                    9OYR 
_em_3d_reconstruction.id                          1 
_em_3d_reconstruction.method                      ? 
_em_3d_reconstruction.algorithm                   ? 
_em_3d_reconstruction.citation_id                 ? 
_em_3d_reconstruction.details                     ? 
_em_3d_reconstruction.resolution                  2.03 
_em_3d_reconstruction.resolution_method           'FSC 0.143 CUT-OFF' 
_em_3d_reconstruction.magnification_calibration   ? 
_em_3d_reconstruction.nominal_pixel_size          ? 
_em_3d_reconstruction.actual_pixel_size           ? 
_em_3d_reconstruction.num_particles               63528 
_em_3d_reconstruction.euler_angles_details        ? 
_em_3d_reconstruction.num_class_averages          ? 
_em_3d_reconstruction.refinement_type             ? 
_em_3d_reconstruction.image_processing_id         1 
_em_3d_reconstruction.symmetry_type               HELICAL 
# 
_em_buffer.id            1 
_em_buffer.specimen_id   1 
_em_buffer.name          ? 
_em_buffer.details       ? 
_em_buffer.pH            7.8 
# 
_em_entity_assembly.id                   1 
_em_entity_assembly.parent_id            0 
_em_entity_assembly.source               RECOMBINANT 
_em_entity_assembly.type                 COMPLEX 
_em_entity_assembly.name                 CHCHD2 
_em_entity_assembly.details              ? 
_em_entity_assembly.synonym              ? 
_em_entity_assembly.oligomeric_details   ? 
_em_entity_assembly.entity_id_list       1 
# 
_em_imaging.entry_id                        9OYR 
_em_imaging.id                              1 
_em_imaging.astigmatism                     ? 
_em_imaging.electron_beam_tilt_params       ? 
_em_imaging.residual_tilt                   ? 
_em_imaging.microscope_model                'TFS KRIOS' 
_em_imaging.specimen_holder_type            ? 
_em_imaging.specimen_holder_model           ? 
_em_imaging.details                         ? 
_em_imaging.date                            ? 
_em_imaging.accelerating_voltage            300 
_em_imaging.illumination_mode               'FLOOD BEAM' 
_em_imaging.mode                            'BRIGHT FIELD' 
_em_imaging.nominal_cs                      2.7 
_em_imaging.nominal_defocus_min             600 
_em_imaging.nominal_defocus_max             2500 
_em_imaging.calibrated_defocus_min          ? 
_em_imaging.calibrated_defocus_max          ? 
_em_imaging.tilt_angle_min                  ? 
_em_imaging.tilt_angle_max                  ? 
_em_imaging.nominal_magnification           105000 
_em_imaging.calibrated_magnification        ? 
_em_imaging.electron_source                 'FIELD EMISSION GUN' 
_em_imaging.citation_id                     ? 
_em_imaging.temperature                     ? 
_em_imaging.detector_distance               ? 
_em_imaging.recording_temperature_minimum   ? 
_em_imaging.recording_temperature_maximum   ? 
_em_imaging.alignment_procedure             ? 
_em_imaging.c2_aperture_diameter            ? 
_em_imaging.specimen_id                     1 
_em_imaging.cryogen                         NITROGEN 
_em_imaging.objective_aperture              ? 
_em_imaging.microscope_serial_number        ? 
_em_imaging.microscope_version              ? 
# 
_em_sample_support.id               1 
_em_sample_support.film_material    ? 
_em_sample_support.method           ? 
_em_sample_support.grid_material    COPPER 
_em_sample_support.grid_mesh_size   300 
_em_sample_support.grid_type        'Quantifoil R1.2/1.3' 
_em_sample_support.details          ? 
_em_sample_support.specimen_id      1 
_em_sample_support.citation_id      ? 
# 
_em_vitrification.entry_id              9OYR 
_em_vitrification.id                    1 
_em_vitrification.specimen_id           1 
_em_vitrification.cryogen_name          ETHANE 
_em_vitrification.humidity              100 
_em_vitrification.temp                  ? 
_em_vitrification.chamber_temperature   293.15 
_em_vitrification.instrument            'FEI VITROBOT MARK IV' 
_em_vitrification.method                ? 
_em_vitrification.time_resolved_state   ? 
_em_vitrification.citation_id           ? 
_em_vitrification.details               ? 
# 
_em_experiment.entry_id                9OYR 
_em_experiment.id                      1 
_em_experiment.reconstruction_method   HELICAL 
_em_experiment.aggregation_state       FILAMENT 
_em_experiment.entity_assembly_id      1 
# 
loop_
_pdbx_unobs_or_zero_occ_residues.id 
_pdbx_unobs_or_zero_occ_residues.PDB_model_num 
_pdbx_unobs_or_zero_occ_residues.polymer_flag 
_pdbx_unobs_or_zero_occ_residues.occupancy_flag 
_pdbx_unobs_or_zero_occ_residues.auth_asym_id 
_pdbx_unobs_or_zero_occ_residues.auth_comp_id 
_pdbx_unobs_or_zero_occ_residues.auth_seq_id 
_pdbx_unobs_or_zero_occ_residues.PDB_ins_code 
_pdbx_unobs_or_zero_occ_residues.label_asym_id 
_pdbx_unobs_or_zero_occ_residues.label_comp_id 
_pdbx_unobs_or_zero_occ_residues.label_seq_id 
1   1 Y 1 A MET 1   ? A MET 1   
2   1 Y 1 A PRO 2   ? A PRO 2   
3   1 Y 1 A ARG 3   ? A ARG 3   
4   1 Y 1 A GLY 4   ? A GLY 4   
5   1 Y 1 A SER 5   ? A SER 5   
6   1 Y 1 A ARG 6   ? A ARG 6   
7   1 Y 1 A SER 7   ? A SER 7   
8   1 Y 1 A ARG 8   ? A ARG 8   
9   1 Y 1 A THR 9   ? A THR 9   
10  1 Y 1 A SER 10  ? A SER 10  
11  1 Y 1 A ARG 11  ? A ARG 11  
12  1 Y 1 A MET 12  ? A MET 12  
13  1 Y 1 A ALA 13  ? A ALA 13  
14  1 Y 1 A PRO 14  ? A PRO 14  
15  1 Y 1 A PRO 15  ? A PRO 15  
16  1 Y 1 A ALA 16  ? A ALA 16  
17  1 Y 1 A SER 17  ? A SER 17  
18  1 Y 1 A ARG 18  ? A ARG 18  
19  1 Y 1 A ALA 19  ? A ALA 19  
20  1 Y 1 A PRO 20  ? A PRO 20  
21  1 Y 1 A GLN 21  ? A GLN 21  
22  1 Y 1 A MET 22  ? A MET 22  
23  1 Y 1 A ARG 23  ? A ARG 23  
24  1 Y 1 A ALA 24  ? A ALA 24  
25  1 Y 1 A ALA 25  ? A ALA 25  
26  1 Y 1 A PRO 26  ? A PRO 26  
27  1 Y 1 A ARG 27  ? A ARG 27  
28  1 Y 1 A PRO 28  ? A PRO 28  
29  1 Y 1 A ALA 29  ? A ALA 29  
30  1 Y 1 A PRO 30  ? A PRO 30  
31  1 Y 1 A VAL 31  ? A VAL 31  
32  1 Y 1 A ALA 32  ? A ALA 32  
33  1 Y 1 A GLN 33  ? A GLN 33  
34  1 Y 1 A PRO 34  ? A PRO 34  
35  1 Y 1 A PRO 35  ? A PRO 35  
36  1 Y 1 A ALA 36  ? A ALA 36  
37  1 Y 1 A ALA 37  ? A ALA 37  
38  1 Y 1 A ALA 38  ? A ALA 38  
39  1 Y 1 A PRO 39  ? A PRO 39  
40  1 Y 1 A PRO 40  ? A PRO 40  
41  1 Y 1 A SER 41  ? A SER 41  
42  1 Y 1 A ALA 42  ? A ALA 42  
43  1 Y 1 A VAL 43  ? A VAL 43  
44  1 Y 1 A GLY 44  ? A GLY 44  
45  1 Y 1 A SER 45  ? A SER 45  
46  1 Y 1 A SER 46  ? A SER 46  
47  1 Y 1 A ALA 47  ? A ALA 47  
48  1 Y 1 A ALA 48  ? A ALA 48  
49  1 Y 1 A ALA 49  ? A ALA 49  
50  1 Y 1 A PRO 50  ? A PRO 50  
51  1 Y 1 A ARG 51  ? A ARG 51  
52  1 Y 1 A GLN 52  ? A GLN 52  
53  1 Y 1 A PRO 53  ? A PRO 53  
54  1 Y 1 A GLY 87  ? A GLY 87  
55  1 Y 1 A SER 88  ? A SER 88  
56  1 Y 1 A ASN 89  ? A ASN 89  
57  1 Y 1 A ALA 90  ? A ALA 90  
58  1 Y 1 A GLU 91  ? A GLU 91  
59  1 Y 1 A PRO 92  ? A PRO 92  
60  1 Y 1 A ALA 93  ? A ALA 93  
61  1 Y 1 A ARG 94  ? A ARG 94  
62  1 Y 1 A PRO 95  ? A PRO 95  
63  1 Y 1 A ASP 96  ? A ASP 96  
64  1 Y 1 A ILE 97  ? A ILE 97  
65  1 Y 1 A THR 98  ? A THR 98  
66  1 Y 1 A TYR 99  ? A TYR 99  
67  1 Y 1 A GLN 100 ? A GLN 100 
68  1 Y 1 A GLU 101 ? A GLU 101 
69  1 Y 1 A PRO 102 ? A PRO 102 
70  1 Y 1 A GLN 103 ? A GLN 103 
71  1 Y 1 A GLY 104 ? A GLY 104 
72  1 Y 1 A THR 105 ? A THR 105 
73  1 Y 1 A GLN 106 ? A GLN 106 
74  1 Y 1 A PRO 107 ? A PRO 107 
75  1 Y 1 A ALA 108 ? A ALA 108 
76  1 Y 1 A GLN 109 ? A GLN 109 
77  1 Y 1 A GLN 110 ? A GLN 110 
78  1 Y 1 A GLN 111 ? A GLN 111 
79  1 Y 1 A GLN 112 ? A GLN 112 
80  1 Y 1 A PRO 113 ? A PRO 113 
81  1 Y 1 A MET 114 ? A MET 114 
82  1 Y 1 C MET 1   ? B MET 1   
83  1 Y 1 C PRO 2   ? B PRO 2   
84  1 Y 1 C ARG 3   ? B ARG 3   
85  1 Y 1 C GLY 4   ? B GLY 4   
86  1 Y 1 C SER 5   ? B SER 5   
87  1 Y 1 C ARG 6   ? B ARG 6   
88  1 Y 1 C SER 7   ? B SER 7   
89  1 Y 1 C ARG 8   ? B ARG 8   
90  1 Y 1 C THR 9   ? B THR 9   
91  1 Y 1 C SER 10  ? B SER 10  
92  1 Y 1 C ARG 11  ? B ARG 11  
93  1 Y 1 C MET 12  ? B MET 12  
94  1 Y 1 C ALA 13  ? B ALA 13  
95  1 Y 1 C PRO 14  ? B PRO 14  
96  1 Y 1 C PRO 15  ? B PRO 15  
97  1 Y 1 C ALA 16  ? B ALA 16  
98  1 Y 1 C SER 17  ? B SER 17  
99  1 Y 1 C ARG 18  ? B ARG 18  
100 1 Y 1 C ALA 19  ? B ALA 19  
101 1 Y 1 C PRO 20  ? B PRO 20  
102 1 Y 1 C GLN 21  ? B GLN 21  
103 1 Y 1 C MET 22  ? B MET 22  
104 1 Y 1 C ARG 23  ? B ARG 23  
105 1 Y 1 C ALA 24  ? B ALA 24  
106 1 Y 1 C ALA 25  ? B ALA 25  
107 1 Y 1 C PRO 26  ? B PRO 26  
108 1 Y 1 C ARG 27  ? B ARG 27  
109 1 Y 1 C PRO 28  ? B PRO 28  
110 1 Y 1 C ALA 29  ? B ALA 29  
111 1 Y 1 C PRO 30  ? B PRO 30  
112 1 Y 1 C VAL 31  ? B VAL 31  
113 1 Y 1 C ALA 32  ? B ALA 32  
114 1 Y 1 C GLN 33  ? B GLN 33  
115 1 Y 1 C PRO 34  ? B PRO 34  
116 1 Y 1 C PRO 35  ? B PRO 35  
117 1 Y 1 C ALA 36  ? B ALA 36  
118 1 Y 1 C ALA 37  ? B ALA 37  
119 1 Y 1 C ALA 38  ? B ALA 38  
120 1 Y 1 C PRO 39  ? B PRO 39  
121 1 Y 1 C PRO 40  ? B PRO 40  
122 1 Y 1 C SER 41  ? B SER 41  
123 1 Y 1 C ALA 42  ? B ALA 42  
124 1 Y 1 C VAL 43  ? B VAL 43  
125 1 Y 1 C GLY 44  ? B GLY 44  
126 1 Y 1 C SER 45  ? B SER 45  
127 1 Y 1 C SER 46  ? B SER 46  
128 1 Y 1 C ALA 47  ? B ALA 47  
129 1 Y 1 C ALA 48  ? B ALA 48  
130 1 Y 1 C ALA 49  ? B ALA 49  
131 1 Y 1 C PRO 50  ? B PRO 50  
132 1 Y 1 C ARG 51  ? B ARG 51  
133 1 Y 1 C GLN 52  ? B GLN 52  
134 1 Y 1 C PRO 53  ? B PRO 53  
135 1 Y 1 C GLY 87  ? B GLY 87  
136 1 Y 1 C SER 88  ? B SER 88  
137 1 Y 1 C ASN 89  ? B ASN 89  
138 1 Y 1 C ALA 90  ? B ALA 90  
139 1 Y 1 C GLU 91  ? B GLU 91  
140 1 Y 1 C PRO 92  ? B PRO 92  
141 1 Y 1 C ALA 93  ? B ALA 93  
142 1 Y 1 C ARG 94  ? B ARG 94  
143 1 Y 1 C PRO 95  ? B PRO 95  
144 1 Y 1 C ASP 96  ? B ASP 96  
145 1 Y 1 C ILE 97  ? B ILE 97  
146 1 Y 1 C THR 98  ? B THR 98  
147 1 Y 1 C TYR 99  ? B TYR 99  
148 1 Y 1 C GLN 100 ? B GLN 100 
149 1 Y 1 C GLU 101 ? B GLU 101 
150 1 Y 1 C PRO 102 ? B PRO 102 
151 1 Y 1 C GLN 103 ? B GLN 103 
152 1 Y 1 C GLY 104 ? B GLY 104 
153 1 Y 1 C THR 105 ? B THR 105 
154 1 Y 1 C GLN 106 ? B GLN 106 
155 1 Y 1 C PRO 107 ? B PRO 107 
156 1 Y 1 C ALA 108 ? B ALA 108 
157 1 Y 1 C GLN 109 ? B GLN 109 
158 1 Y 1 C GLN 110 ? B GLN 110 
159 1 Y 1 C GLN 111 ? B GLN 111 
160 1 Y 1 C GLN 112 ? B GLN 112 
161 1 Y 1 C PRO 113 ? B PRO 113 
162 1 Y 1 C MET 114 ? B MET 114 
163 1 Y 1 B MET 1   ? C MET 1   
164 1 Y 1 B PRO 2   ? C PRO 2   
165 1 Y 1 B ARG 3   ? C ARG 3   
166 1 Y 1 B GLY 4   ? C GLY 4   
167 1 Y 1 B SER 5   ? C SER 5   
168 1 Y 1 B ARG 6   ? C ARG 6   
169 1 Y 1 B SER 7   ? C SER 7   
170 1 Y 1 B ARG 8   ? C ARG 8   
171 1 Y 1 B THR 9   ? C THR 9   
172 1 Y 1 B SER 10  ? C SER 10  
173 1 Y 1 B ARG 11  ? C ARG 11  
174 1 Y 1 B MET 12  ? C MET 12  
175 1 Y 1 B ALA 13  ? C ALA 13  
176 1 Y 1 B PRO 14  ? C PRO 14  
177 1 Y 1 B PRO 15  ? C PRO 15  
178 1 Y 1 B ALA 16  ? C ALA 16  
179 1 Y 1 B SER 17  ? C SER 17  
180 1 Y 1 B ARG 18  ? C ARG 18  
181 1 Y 1 B ALA 19  ? C ALA 19  
182 1 Y 1 B PRO 20  ? C PRO 20  
183 1 Y 1 B GLN 21  ? C GLN 21  
184 1 Y 1 B MET 22  ? C MET 22  
185 1 Y 1 B ARG 23  ? C ARG 23  
186 1 Y 1 B ALA 24  ? C ALA 24  
187 1 Y 1 B ALA 25  ? C ALA 25  
188 1 Y 1 B PRO 26  ? C PRO 26  
189 1 Y 1 B ARG 27  ? C ARG 27  
190 1 Y 1 B PRO 28  ? C PRO 28  
191 1 Y 1 B ALA 29  ? C ALA 29  
192 1 Y 1 B PRO 30  ? C PRO 30  
193 1 Y 1 B VAL 31  ? C VAL 31  
194 1 Y 1 B ALA 32  ? C ALA 32  
195 1 Y 1 B GLN 33  ? C GLN 33  
196 1 Y 1 B PRO 34  ? C PRO 34  
197 1 Y 1 B PRO 35  ? C PRO 35  
198 1 Y 1 B ALA 36  ? C ALA 36  
199 1 Y 1 B ALA 37  ? C ALA 37  
200 1 Y 1 B ALA 38  ? C ALA 38  
201 1 Y 1 B PRO 39  ? C PRO 39  
202 1 Y 1 B PRO 40  ? C PRO 40  
203 1 Y 1 B SER 41  ? C SER 41  
204 1 Y 1 B ALA 42  ? C ALA 42  
205 1 Y 1 B VAL 43  ? C VAL 43  
206 1 Y 1 B GLY 44  ? C GLY 44  
207 1 Y 1 B SER 45  ? C SER 45  
208 1 Y 1 B SER 46  ? C SER 46  
209 1 Y 1 B ALA 47  ? C ALA 47  
210 1 Y 1 B ALA 48  ? C ALA 48  
211 1 Y 1 B ALA 49  ? C ALA 49  
212 1 Y 1 B PRO 50  ? C PRO 50  
213 1 Y 1 B ARG 51  ? C ARG 51  
214 1 Y 1 B GLN 52  ? C GLN 52  
215 1 Y 1 B PRO 53  ? C PRO 53  
216 1 Y 1 B GLY 87  ? C GLY 87  
217 1 Y 1 B SER 88  ? C SER 88  
218 1 Y 1 B ASN 89  ? C ASN 89  
219 1 Y 1 B ALA 90  ? C ALA 90  
220 1 Y 1 B GLU 91  ? C GLU 91  
221 1 Y 1 B PRO 92  ? C PRO 92  
222 1 Y 1 B ALA 93  ? C ALA 93  
223 1 Y 1 B ARG 94  ? C ARG 94  
224 1 Y 1 B PRO 95  ? C PRO 95  
225 1 Y 1 B ASP 96  ? C ASP 96  
226 1 Y 1 B ILE 97  ? C ILE 97  
227 1 Y 1 B THR 98  ? C THR 98  
228 1 Y 1 B TYR 99  ? C TYR 99  
229 1 Y 1 B GLN 100 ? C GLN 100 
230 1 Y 1 B GLU 101 ? C GLU 101 
231 1 Y 1 B PRO 102 ? C PRO 102 
232 1 Y 1 B GLN 103 ? C GLN 103 
233 1 Y 1 B GLY 104 ? C GLY 104 
234 1 Y 1 B THR 105 ? C THR 105 
235 1 Y 1 B GLN 106 ? C GLN 106 
236 1 Y 1 B PRO 107 ? C PRO 107 
237 1 Y 1 B ALA 108 ? C ALA 108 
238 1 Y 1 B GLN 109 ? C GLN 109 
239 1 Y 1 B GLN 110 ? C GLN 110 
240 1 Y 1 B GLN 111 ? C GLN 111 
241 1 Y 1 B GLN 112 ? C GLN 112 
242 1 Y 1 B PRO 113 ? C PRO 113 
243 1 Y 1 B MET 114 ? C MET 114 
244 1 Y 1 E MET 1   ? D MET 1   
245 1 Y 1 E PRO 2   ? D PRO 2   
246 1 Y 1 E ARG 3   ? D ARG 3   
247 1 Y 1 E GLY 4   ? D GLY 4   
248 1 Y 1 E SER 5   ? D SER 5   
249 1 Y 1 E ARG 6   ? D ARG 6   
250 1 Y 1 E SER 7   ? D SER 7   
251 1 Y 1 E ARG 8   ? D ARG 8   
252 1 Y 1 E THR 9   ? D THR 9   
253 1 Y 1 E SER 10  ? D SER 10  
254 1 Y 1 E ARG 11  ? D ARG 11  
255 1 Y 1 E MET 12  ? D MET 12  
256 1 Y 1 E ALA 13  ? D ALA 13  
257 1 Y 1 E PRO 14  ? D PRO 14  
258 1 Y 1 E PRO 15  ? D PRO 15  
259 1 Y 1 E ALA 16  ? D ALA 16  
260 1 Y 1 E SER 17  ? D SER 17  
261 1 Y 1 E ARG 18  ? D ARG 18  
262 1 Y 1 E ALA 19  ? D ALA 19  
263 1 Y 1 E PRO 20  ? D PRO 20  
264 1 Y 1 E GLN 21  ? D GLN 21  
265 1 Y 1 E MET 22  ? D MET 22  
266 1 Y 1 E ARG 23  ? D ARG 23  
267 1 Y 1 E ALA 24  ? D ALA 24  
268 1 Y 1 E ALA 25  ? D ALA 25  
269 1 Y 1 E PRO 26  ? D PRO 26  
270 1 Y 1 E ARG 27  ? D ARG 27  
271 1 Y 1 E PRO 28  ? D PRO 28  
272 1 Y 1 E ALA 29  ? D ALA 29  
273 1 Y 1 E PRO 30  ? D PRO 30  
274 1 Y 1 E VAL 31  ? D VAL 31  
275 1 Y 1 E ALA 32  ? D ALA 32  
276 1 Y 1 E GLN 33  ? D GLN 33  
277 1 Y 1 E PRO 34  ? D PRO 34  
278 1 Y 1 E PRO 35  ? D PRO 35  
279 1 Y 1 E ALA 36  ? D ALA 36  
280 1 Y 1 E ALA 37  ? D ALA 37  
281 1 Y 1 E ALA 38  ? D ALA 38  
282 1 Y 1 E PRO 39  ? D PRO 39  
283 1 Y 1 E PRO 40  ? D PRO 40  
284 1 Y 1 E SER 41  ? D SER 41  
285 1 Y 1 E ALA 42  ? D ALA 42  
286 1 Y 1 E VAL 43  ? D VAL 43  
287 1 Y 1 E GLY 44  ? D GLY 44  
288 1 Y 1 E SER 45  ? D SER 45  
289 1 Y 1 E SER 46  ? D SER 46  
290 1 Y 1 E ALA 47  ? D ALA 47  
291 1 Y 1 E ALA 48  ? D ALA 48  
292 1 Y 1 E ALA 49  ? D ALA 49  
293 1 Y 1 E PRO 50  ? D PRO 50  
294 1 Y 1 E ARG 51  ? D ARG 51  
295 1 Y 1 E GLN 52  ? D GLN 52  
296 1 Y 1 E PRO 53  ? D PRO 53  
297 1 Y 1 E GLY 87  ? D GLY 87  
298 1 Y 1 E SER 88  ? D SER 88  
299 1 Y 1 E ASN 89  ? D ASN 89  
300 1 Y 1 E ALA 90  ? D ALA 90  
301 1 Y 1 E GLU 91  ? D GLU 91  
302 1 Y 1 E PRO 92  ? D PRO 92  
303 1 Y 1 E ALA 93  ? D ALA 93  
304 1 Y 1 E ARG 94  ? D ARG 94  
305 1 Y 1 E PRO 95  ? D PRO 95  
306 1 Y 1 E ASP 96  ? D ASP 96  
307 1 Y 1 E ILE 97  ? D ILE 97  
308 1 Y 1 E THR 98  ? D THR 98  
309 1 Y 1 E TYR 99  ? D TYR 99  
310 1 Y 1 E GLN 100 ? D GLN 100 
311 1 Y 1 E GLU 101 ? D GLU 101 
312 1 Y 1 E PRO 102 ? D PRO 102 
313 1 Y 1 E GLN 103 ? D GLN 103 
314 1 Y 1 E GLY 104 ? D GLY 104 
315 1 Y 1 E THR 105 ? D THR 105 
316 1 Y 1 E GLN 106 ? D GLN 106 
317 1 Y 1 E PRO 107 ? D PRO 107 
318 1 Y 1 E ALA 108 ? D ALA 108 
319 1 Y 1 E GLN 109 ? D GLN 109 
320 1 Y 1 E GLN 110 ? D GLN 110 
321 1 Y 1 E GLN 111 ? D GLN 111 
322 1 Y 1 E GLN 112 ? D GLN 112 
323 1 Y 1 E PRO 113 ? D PRO 113 
324 1 Y 1 E MET 114 ? D MET 114 
325 1 Y 1 F MET 1   ? E MET 1   
326 1 Y 1 F PRO 2   ? E PRO 2   
327 1 Y 1 F ARG 3   ? E ARG 3   
328 1 Y 1 F GLY 4   ? E GLY 4   
329 1 Y 1 F SER 5   ? E SER 5   
330 1 Y 1 F ARG 6   ? E ARG 6   
331 1 Y 1 F SER 7   ? E SER 7   
332 1 Y 1 F ARG 8   ? E ARG 8   
333 1 Y 1 F THR 9   ? E THR 9   
334 1 Y 1 F SER 10  ? E SER 10  
335 1 Y 1 F ARG 11  ? E ARG 11  
336 1 Y 1 F MET 12  ? E MET 12  
337 1 Y 1 F ALA 13  ? E ALA 13  
338 1 Y 1 F PRO 14  ? E PRO 14  
339 1 Y 1 F PRO 15  ? E PRO 15  
340 1 Y 1 F ALA 16  ? E ALA 16  
341 1 Y 1 F SER 17  ? E SER 17  
342 1 Y 1 F ARG 18  ? E ARG 18  
343 1 Y 1 F ALA 19  ? E ALA 19  
344 1 Y 1 F PRO 20  ? E PRO 20  
345 1 Y 1 F GLN 21  ? E GLN 21  
346 1 Y 1 F MET 22  ? E MET 22  
347 1 Y 1 F ARG 23  ? E ARG 23  
348 1 Y 1 F ALA 24  ? E ALA 24  
349 1 Y 1 F ALA 25  ? E ALA 25  
350 1 Y 1 F PRO 26  ? E PRO 26  
351 1 Y 1 F ARG 27  ? E ARG 27  
352 1 Y 1 F PRO 28  ? E PRO 28  
353 1 Y 1 F ALA 29  ? E ALA 29  
354 1 Y 1 F PRO 30  ? E PRO 30  
355 1 Y 1 F VAL 31  ? E VAL 31  
356 1 Y 1 F ALA 32  ? E ALA 32  
357 1 Y 1 F GLN 33  ? E GLN 33  
358 1 Y 1 F PRO 34  ? E PRO 34  
359 1 Y 1 F PRO 35  ? E PRO 35  
360 1 Y 1 F ALA 36  ? E ALA 36  
361 1 Y 1 F ALA 37  ? E ALA 37  
362 1 Y 1 F ALA 38  ? E ALA 38  
363 1 Y 1 F PRO 39  ? E PRO 39  
364 1 Y 1 F PRO 40  ? E PRO 40  
365 1 Y 1 F SER 41  ? E SER 41  
366 1 Y 1 F ALA 42  ? E ALA 42  
367 1 Y 1 F VAL 43  ? E VAL 43  
368 1 Y 1 F GLY 44  ? E GLY 44  
369 1 Y 1 F SER 45  ? E SER 45  
370 1 Y 1 F SER 46  ? E SER 46  
371 1 Y 1 F ALA 47  ? E ALA 47  
372 1 Y 1 F ALA 48  ? E ALA 48  
373 1 Y 1 F ALA 49  ? E ALA 49  
374 1 Y 1 F PRO 50  ? E PRO 50  
375 1 Y 1 F ARG 51  ? E ARG 51  
376 1 Y 1 F GLN 52  ? E GLN 52  
377 1 Y 1 F PRO 53  ? E PRO 53  
378 1 Y 1 F GLY 87  ? E GLY 87  
379 1 Y 1 F SER 88  ? E SER 88  
380 1 Y 1 F ASN 89  ? E ASN 89  
381 1 Y 1 F ALA 90  ? E ALA 90  
382 1 Y 1 F GLU 91  ? E GLU 91  
383 1 Y 1 F PRO 92  ? E PRO 92  
384 1 Y 1 F ALA 93  ? E ALA 93  
385 1 Y 1 F ARG 94  ? E ARG 94  
386 1 Y 1 F PRO 95  ? E PRO 95  
387 1 Y 1 F ASP 96  ? E ASP 96  
388 1 Y 1 F ILE 97  ? E ILE 97  
389 1 Y 1 F THR 98  ? E THR 98  
390 1 Y 1 F TYR 99  ? E TYR 99  
391 1 Y 1 F GLN 100 ? E GLN 100 
392 1 Y 1 F GLU 101 ? E GLU 101 
393 1 Y 1 F PRO 102 ? E PRO 102 
394 1 Y 1 F GLN 103 ? E GLN 103 
395 1 Y 1 F GLY 104 ? E GLY 104 
396 1 Y 1 F THR 105 ? E THR 105 
397 1 Y 1 F GLN 106 ? E GLN 106 
398 1 Y 1 F PRO 107 ? E PRO 107 
399 1 Y 1 F ALA 108 ? E ALA 108 
400 1 Y 1 F GLN 109 ? E GLN 109 
401 1 Y 1 F GLN 110 ? E GLN 110 
402 1 Y 1 F GLN 111 ? E GLN 111 
403 1 Y 1 F GLN 112 ? E GLN 112 
404 1 Y 1 F PRO 113 ? E PRO 113 
405 1 Y 1 F MET 114 ? E MET 114 
406 1 Y 1 G MET 1   ? F MET 1   
407 1 Y 1 G PRO 2   ? F PRO 2   
408 1 Y 1 G ARG 3   ? F ARG 3   
409 1 Y 1 G GLY 4   ? F GLY 4   
410 1 Y 1 G SER 5   ? F SER 5   
411 1 Y 1 G ARG 6   ? F ARG 6   
412 1 Y 1 G SER 7   ? F SER 7   
413 1 Y 1 G ARG 8   ? F ARG 8   
414 1 Y 1 G THR 9   ? F THR 9   
415 1 Y 1 G SER 10  ? F SER 10  
416 1 Y 1 G ARG 11  ? F ARG 11  
417 1 Y 1 G MET 12  ? F MET 12  
418 1 Y 1 G ALA 13  ? F ALA 13  
419 1 Y 1 G PRO 14  ? F PRO 14  
420 1 Y 1 G PRO 15  ? F PRO 15  
421 1 Y 1 G ALA 16  ? F ALA 16  
422 1 Y 1 G SER 17  ? F SER 17  
423 1 Y 1 G ARG 18  ? F ARG 18  
424 1 Y 1 G ALA 19  ? F ALA 19  
425 1 Y 1 G PRO 20  ? F PRO 20  
426 1 Y 1 G GLN 21  ? F GLN 21  
427 1 Y 1 G MET 22  ? F MET 22  
428 1 Y 1 G ARG 23  ? F ARG 23  
429 1 Y 1 G ALA 24  ? F ALA 24  
430 1 Y 1 G ALA 25  ? F ALA 25  
431 1 Y 1 G PRO 26  ? F PRO 26  
432 1 Y 1 G ARG 27  ? F ARG 27  
433 1 Y 1 G PRO 28  ? F PRO 28  
434 1 Y 1 G ALA 29  ? F ALA 29  
435 1 Y 1 G PRO 30  ? F PRO 30  
436 1 Y 1 G VAL 31  ? F VAL 31  
437 1 Y 1 G ALA 32  ? F ALA 32  
438 1 Y 1 G GLN 33  ? F GLN 33  
439 1 Y 1 G PRO 34  ? F PRO 34  
440 1 Y 1 G PRO 35  ? F PRO 35  
441 1 Y 1 G ALA 36  ? F ALA 36  
442 1 Y 1 G ALA 37  ? F ALA 37  
443 1 Y 1 G ALA 38  ? F ALA 38  
444 1 Y 1 G PRO 39  ? F PRO 39  
445 1 Y 1 G PRO 40  ? F PRO 40  
446 1 Y 1 G SER 41  ? F SER 41  
447 1 Y 1 G ALA 42  ? F ALA 42  
448 1 Y 1 G VAL 43  ? F VAL 43  
449 1 Y 1 G GLY 44  ? F GLY 44  
450 1 Y 1 G SER 45  ? F SER 45  
451 1 Y 1 G SER 46  ? F SER 46  
452 1 Y 1 G ALA 47  ? F ALA 47  
453 1 Y 1 G ALA 48  ? F ALA 48  
454 1 Y 1 G ALA 49  ? F ALA 49  
455 1 Y 1 G PRO 50  ? F PRO 50  
456 1 Y 1 G ARG 51  ? F ARG 51  
457 1 Y 1 G GLN 52  ? F GLN 52  
458 1 Y 1 G PRO 53  ? F PRO 53  
459 1 Y 1 G GLY 87  ? F GLY 87  
460 1 Y 1 G SER 88  ? F SER 88  
461 1 Y 1 G ASN 89  ? F ASN 89  
462 1 Y 1 G ALA 90  ? F ALA 90  
463 1 Y 1 G GLU 91  ? F GLU 91  
464 1 Y 1 G PRO 92  ? F PRO 92  
465 1 Y 1 G ALA 93  ? F ALA 93  
466 1 Y 1 G ARG 94  ? F ARG 94  
467 1 Y 1 G PRO 95  ? F PRO 95  
468 1 Y 1 G ASP 96  ? F ASP 96  
469 1 Y 1 G ILE 97  ? F ILE 97  
470 1 Y 1 G THR 98  ? F THR 98  
471 1 Y 1 G TYR 99  ? F TYR 99  
472 1 Y 1 G GLN 100 ? F GLN 100 
473 1 Y 1 G GLU 101 ? F GLU 101 
474 1 Y 1 G PRO 102 ? F PRO 102 
475 1 Y 1 G GLN 103 ? F GLN 103 
476 1 Y 1 G GLY 104 ? F GLY 104 
477 1 Y 1 G THR 105 ? F THR 105 
478 1 Y 1 G GLN 106 ? F GLN 106 
479 1 Y 1 G PRO 107 ? F PRO 107 
480 1 Y 1 G ALA 108 ? F ALA 108 
481 1 Y 1 G GLN 109 ? F GLN 109 
482 1 Y 1 G GLN 110 ? F GLN 110 
483 1 Y 1 G GLN 111 ? F GLN 111 
484 1 Y 1 G GLN 112 ? F GLN 112 
485 1 Y 1 G PRO 113 ? F PRO 113 
486 1 Y 1 G MET 114 ? F MET 114 
# 
loop_
_chem_comp_atom.comp_id 
_chem_comp_atom.atom_id 
_chem_comp_atom.type_symbol 
_chem_comp_atom.pdbx_aromatic_flag 
_chem_comp_atom.pdbx_stereo_config 
_chem_comp_atom.pdbx_ordinal 
ALA N    N N N 1   
ALA CA   C N S 2   
ALA C    C N N 3   
ALA O    O N N 4   
ALA CB   C N N 5   
ALA OXT  O N N 6   
ALA H    H N N 7   
ALA H2   H N N 8   
ALA HA   H N N 9   
ALA HB1  H N N 10  
ALA HB2  H N N 11  
ALA HB3  H N N 12  
ALA HXT  H N N 13  
ARG N    N N N 14  
ARG CA   C N S 15  
ARG C    C N N 16  
ARG O    O N N 17  
ARG CB   C N N 18  
ARG CG   C N N 19  
ARG CD   C N N 20  
ARG NE   N N N 21  
ARG CZ   C N N 22  
ARG NH1  N N N 23  
ARG NH2  N N N 24  
ARG OXT  O N N 25  
ARG H    H N N 26  
ARG H2   H N N 27  
ARG HA   H N N 28  
ARG HB2  H N N 29  
ARG HB3  H N N 30  
ARG HG2  H N N 31  
ARG HG3  H N N 32  
ARG HD2  H N N 33  
ARG HD3  H N N 34  
ARG HE   H N N 35  
ARG HH11 H N N 36  
ARG HH12 H N N 37  
ARG HH21 H N N 38  
ARG HH22 H N N 39  
ARG HXT  H N N 40  
ASN N    N N N 41  
ASN CA   C N S 42  
ASN C    C N N 43  
ASN O    O N N 44  
ASN CB   C N N 45  
ASN CG   C N N 46  
ASN OD1  O N N 47  
ASN ND2  N N N 48  
ASN OXT  O N N 49  
ASN H    H N N 50  
ASN H2   H N N 51  
ASN HA   H N N 52  
ASN HB2  H N N 53  
ASN HB3  H N N 54  
ASN HD21 H N N 55  
ASN HD22 H N N 56  
ASN HXT  H N N 57  
ASP N    N N N 58  
ASP CA   C N S 59  
ASP C    C N N 60  
ASP O    O N N 61  
ASP CB   C N N 62  
ASP CG   C N N 63  
ASP OD1  O N N 64  
ASP OD2  O N N 65  
ASP OXT  O N N 66  
ASP H    H N N 67  
ASP H2   H N N 68  
ASP HA   H N N 69  
ASP HB2  H N N 70  
ASP HB3  H N N 71  
ASP HD2  H N N 72  
ASP HXT  H N N 73  
CYS N    N N N 74  
CYS CA   C N R 75  
CYS C    C N N 76  
CYS O    O N N 77  
CYS CB   C N N 78  
CYS SG   S N N 79  
CYS OXT  O N N 80  
CYS H    H N N 81  
CYS H2   H N N 82  
CYS HA   H N N 83  
CYS HB2  H N N 84  
CYS HB3  H N N 85  
CYS HG   H N N 86  
CYS HXT  H N N 87  
GLN N    N N N 88  
GLN CA   C N S 89  
GLN C    C N N 90  
GLN O    O N N 91  
GLN CB   C N N 92  
GLN CG   C N N 93  
GLN CD   C N N 94  
GLN OE1  O N N 95  
GLN NE2  N N N 96  
GLN OXT  O N N 97  
GLN H    H N N 98  
GLN H2   H N N 99  
GLN HA   H N N 100 
GLN HB2  H N N 101 
GLN HB3  H N N 102 
GLN HG2  H N N 103 
GLN HG3  H N N 104 
GLN HE21 H N N 105 
GLN HE22 H N N 106 
GLN HXT  H N N 107 
GLU N    N N N 108 
GLU CA   C N S 109 
GLU C    C N N 110 
GLU O    O N N 111 
GLU CB   C N N 112 
GLU CG   C N N 113 
GLU CD   C N N 114 
GLU OE1  O N N 115 
GLU OE2  O N N 116 
GLU OXT  O N N 117 
GLU H    H N N 118 
GLU H2   H N N 119 
GLU HA   H N N 120 
GLU HB2  H N N 121 
GLU HB3  H N N 122 
GLU HG2  H N N 123 
GLU HG3  H N N 124 
GLU HE2  H N N 125 
GLU HXT  H N N 126 
GLY N    N N N 127 
GLY CA   C N N 128 
GLY C    C N N 129 
GLY O    O N N 130 
GLY OXT  O N N 131 
GLY H    H N N 132 
GLY H2   H N N 133 
GLY HA2  H N N 134 
GLY HA3  H N N 135 
GLY HXT  H N N 136 
HIS N    N N N 137 
HIS CA   C N S 138 
HIS C    C N N 139 
HIS O    O N N 140 
HIS CB   C N N 141 
HIS CG   C Y N 142 
HIS ND1  N Y N 143 
HIS CD2  C Y N 144 
HIS CE1  C Y N 145 
HIS NE2  N Y N 146 
HIS OXT  O N N 147 
HIS H    H N N 148 
HIS H2   H N N 149 
HIS HA   H N N 150 
HIS HB2  H N N 151 
HIS HB3  H N N 152 
HIS HD1  H N N 153 
HIS HD2  H N N 154 
HIS HE1  H N N 155 
HIS HE2  H N N 156 
HIS HXT  H N N 157 
ILE N    N N N 158 
ILE CA   C N S 159 
ILE C    C N N 160 
ILE O    O N N 161 
ILE CB   C N S 162 
ILE CG1  C N N 163 
ILE CG2  C N N 164 
ILE CD1  C N N 165 
ILE OXT  O N N 166 
ILE H    H N N 167 
ILE H2   H N N 168 
ILE HA   H N N 169 
ILE HB   H N N 170 
ILE HG12 H N N 171 
ILE HG13 H N N 172 
ILE HG21 H N N 173 
ILE HG22 H N N 174 
ILE HG23 H N N 175 
ILE HD11 H N N 176 
ILE HD12 H N N 177 
ILE HD13 H N N 178 
ILE HXT  H N N 179 
LEU N    N N N 180 
LEU CA   C N S 181 
LEU C    C N N 182 
LEU O    O N N 183 
LEU CB   C N N 184 
LEU CG   C N N 185 
LEU CD1  C N N 186 
LEU CD2  C N N 187 
LEU OXT  O N N 188 
LEU H    H N N 189 
LEU H2   H N N 190 
LEU HA   H N N 191 
LEU HB2  H N N 192 
LEU HB3  H N N 193 
LEU HG   H N N 194 
LEU HD11 H N N 195 
LEU HD12 H N N 196 
LEU HD13 H N N 197 
LEU HD21 H N N 198 
LEU HD22 H N N 199 
LEU HD23 H N N 200 
LEU HXT  H N N 201 
MET N    N N N 202 
MET CA   C N S 203 
MET C    C N N 204 
MET O    O N N 205 
MET CB   C N N 206 
MET CG   C N N 207 
MET SD   S N N 208 
MET CE   C N N 209 
MET OXT  O N N 210 
MET H    H N N 211 
MET H2   H N N 212 
MET HA   H N N 213 
MET HB2  H N N 214 
MET HB3  H N N 215 
MET HG2  H N N 216 
MET HG3  H N N 217 
MET HE1  H N N 218 
MET HE2  H N N 219 
MET HE3  H N N 220 
MET HXT  H N N 221 
PHE N    N N N 222 
PHE CA   C N S 223 
PHE C    C N N 224 
PHE O    O N N 225 
PHE CB   C N N 226 
PHE CG   C Y N 227 
PHE CD1  C Y N 228 
PHE CD2  C Y N 229 
PHE CE1  C Y N 230 
PHE CE2  C Y N 231 
PHE CZ   C Y N 232 
PHE OXT  O N N 233 
PHE H    H N N 234 
PHE H2   H N N 235 
PHE HA   H N N 236 
PHE HB2  H N N 237 
PHE HB3  H N N 238 
PHE HD1  H N N 239 
PHE HD2  H N N 240 
PHE HE1  H N N 241 
PHE HE2  H N N 242 
PHE HZ   H N N 243 
PHE HXT  H N N 244 
PRO N    N N N 245 
PRO CA   C N S 246 
PRO C    C N N 247 
PRO O    O N N 248 
PRO CB   C N N 249 
PRO CG   C N N 250 
PRO CD   C N N 251 
PRO OXT  O N N 252 
PRO H    H N N 253 
PRO HA   H N N 254 
PRO HB2  H N N 255 
PRO HB3  H N N 256 
PRO HG2  H N N 257 
PRO HG3  H N N 258 
PRO HD2  H N N 259 
PRO HD3  H N N 260 
PRO HXT  H N N 261 
SER N    N N N 262 
SER CA   C N S 263 
SER C    C N N 264 
SER O    O N N 265 
SER CB   C N N 266 
SER OG   O N N 267 
SER OXT  O N N 268 
SER H    H N N 269 
SER H2   H N N 270 
SER HA   H N N 271 
SER HB2  H N N 272 
SER HB3  H N N 273 
SER HG   H N N 274 
SER HXT  H N N 275 
THR N    N N N 276 
THR CA   C N S 277 
THR C    C N N 278 
THR O    O N N 279 
THR CB   C N R 280 
THR OG1  O N N 281 
THR CG2  C N N 282 
THR OXT  O N N 283 
THR H    H N N 284 
THR H2   H N N 285 
THR HA   H N N 286 
THR HB   H N N 287 
THR HG1  H N N 288 
THR HG21 H N N 289 
THR HG22 H N N 290 
THR HG23 H N N 291 
THR HXT  H N N 292 
TYR N    N N N 293 
TYR CA   C N S 294 
TYR C    C N N 295 
TYR O    O N N 296 
TYR CB   C N N 297 
TYR CG   C Y N 298 
TYR CD1  C Y N 299 
TYR CD2  C Y N 300 
TYR CE1  C Y N 301 
TYR CE2  C Y N 302 
TYR CZ   C Y N 303 
TYR OH   O N N 304 
TYR OXT  O N N 305 
TYR H    H N N 306 
TYR H2   H N N 307 
TYR HA   H N N 308 
TYR HB2  H N N 309 
TYR HB3  H N N 310 
TYR HD1  H N N 311 
TYR HD2  H N N 312 
TYR HE1  H N N 313 
TYR HE2  H N N 314 
TYR HH   H N N 315 
TYR HXT  H N N 316 
VAL N    N N N 317 
VAL CA   C N S 318 
VAL C    C N N 319 
VAL O    O N N 320 
VAL CB   C N N 321 
VAL CG1  C N N 322 
VAL CG2  C N N 323 
VAL OXT  O N N 324 
VAL H    H N N 325 
VAL H2   H N N 326 
VAL HA   H N N 327 
VAL HB   H N N 328 
VAL HG11 H N N 329 
VAL HG12 H N N 330 
VAL HG13 H N N 331 
VAL HG21 H N N 332 
VAL HG22 H N N 333 
VAL HG23 H N N 334 
VAL HXT  H N N 335 
# 
loop_
_chem_comp_bond.comp_id 
_chem_comp_bond.atom_id_1 
_chem_comp_bond.atom_id_2 
_chem_comp_bond.value_order 
_chem_comp_bond.pdbx_aromatic_flag 
_chem_comp_bond.pdbx_stereo_config 
_chem_comp_bond.pdbx_ordinal 
ALA N   CA   sing N N 1   
ALA N   H    sing N N 2   
ALA N   H2   sing N N 3   
ALA CA  C    sing N N 4   
ALA CA  CB   sing N N 5   
ALA CA  HA   sing N N 6   
ALA C   O    doub N N 7   
ALA C   OXT  sing N N 8   
ALA CB  HB1  sing N N 9   
ALA CB  HB2  sing N N 10  
ALA CB  HB3  sing N N 11  
ALA OXT HXT  sing N N 12  
ARG N   CA   sing N N 13  
ARG N   H    sing N N 14  
ARG N   H2   sing N N 15  
ARG CA  C    sing N N 16  
ARG CA  CB   sing N N 17  
ARG CA  HA   sing N N 18  
ARG C   O    doub N N 19  
ARG C   OXT  sing N N 20  
ARG CB  CG   sing N N 21  
ARG CB  HB2  sing N N 22  
ARG CB  HB3  sing N N 23  
ARG CG  CD   sing N N 24  
ARG CG  HG2  sing N N 25  
ARG CG  HG3  sing N N 26  
ARG CD  NE   sing N N 27  
ARG CD  HD2  sing N N 28  
ARG CD  HD3  sing N N 29  
ARG NE  CZ   sing N N 30  
ARG NE  HE   sing N N 31  
ARG CZ  NH1  sing N N 32  
ARG CZ  NH2  doub N N 33  
ARG NH1 HH11 sing N N 34  
ARG NH1 HH12 sing N N 35  
ARG NH2 HH21 sing N N 36  
ARG NH2 HH22 sing N N 37  
ARG OXT HXT  sing N N 38  
ASN N   CA   sing N N 39  
ASN N   H    sing N N 40  
ASN N   H2   sing N N 41  
ASN CA  C    sing N N 42  
ASN CA  CB   sing N N 43  
ASN CA  HA   sing N N 44  
ASN C   O    doub N N 45  
ASN C   OXT  sing N N 46  
ASN CB  CG   sing N N 47  
ASN CB  HB2  sing N N 48  
ASN CB  HB3  sing N N 49  
ASN CG  OD1  doub N N 50  
ASN CG  ND2  sing N N 51  
ASN ND2 HD21 sing N N 52  
ASN ND2 HD22 sing N N 53  
ASN OXT HXT  sing N N 54  
ASP N   CA   sing N N 55  
ASP N   H    sing N N 56  
ASP N   H2   sing N N 57  
ASP CA  C    sing N N 58  
ASP CA  CB   sing N N 59  
ASP CA  HA   sing N N 60  
ASP C   O    doub N N 61  
ASP C   OXT  sing N N 62  
ASP CB  CG   sing N N 63  
ASP CB  HB2  sing N N 64  
ASP CB  HB3  sing N N 65  
ASP CG  OD1  doub N N 66  
ASP CG  OD2  sing N N 67  
ASP OD2 HD2  sing N N 68  
ASP OXT HXT  sing N N 69  
CYS N   CA   sing N N 70  
CYS N   H    sing N N 71  
CYS N   H2   sing N N 72  
CYS CA  C    sing N N 73  
CYS CA  CB   sing N N 74  
CYS CA  HA   sing N N 75  
CYS C   O    doub N N 76  
CYS C   OXT  sing N N 77  
CYS CB  SG   sing N N 78  
CYS CB  HB2  sing N N 79  
CYS CB  HB3  sing N N 80  
CYS SG  HG   sing N N 81  
CYS OXT HXT  sing N N 82  
GLN N   CA   sing N N 83  
GLN N   H    sing N N 84  
GLN N   H2   sing N N 85  
GLN CA  C    sing N N 86  
GLN CA  CB   sing N N 87  
GLN CA  HA   sing N N 88  
GLN C   O    doub N N 89  
GLN C   OXT  sing N N 90  
GLN CB  CG   sing N N 91  
GLN CB  HB2  sing N N 92  
GLN CB  HB3  sing N N 93  
GLN CG  CD   sing N N 94  
GLN CG  HG2  sing N N 95  
GLN CG  HG3  sing N N 96  
GLN CD  OE1  doub N N 97  
GLN CD  NE2  sing N N 98  
GLN NE2 HE21 sing N N 99  
GLN NE2 HE22 sing N N 100 
GLN OXT HXT  sing N N 101 
GLU N   CA   sing N N 102 
GLU N   H    sing N N 103 
GLU N   H2   sing N N 104 
GLU CA  C    sing N N 105 
GLU CA  CB   sing N N 106 
GLU CA  HA   sing N N 107 
GLU C   O    doub N N 108 
GLU C   OXT  sing N N 109 
GLU CB  CG   sing N N 110 
GLU CB  HB2  sing N N 111 
GLU CB  HB3  sing N N 112 
GLU CG  CD   sing N N 113 
GLU CG  HG2  sing N N 114 
GLU CG  HG3  sing N N 115 
GLU CD  OE1  doub N N 116 
GLU CD  OE2  sing N N 117 
GLU OE2 HE2  sing N N 118 
GLU OXT HXT  sing N N 119 
GLY N   CA   sing N N 120 
GLY N   H    sing N N 121 
GLY N   H2   sing N N 122 
GLY CA  C    sing N N 123 
GLY CA  HA2  sing N N 124 
GLY CA  HA3  sing N N 125 
GLY C   O    doub N N 126 
GLY C   OXT  sing N N 127 
GLY OXT HXT  sing N N 128 
HIS N   CA   sing N N 129 
HIS N   H    sing N N 130 
HIS N   H2   sing N N 131 
HIS CA  C    sing N N 132 
HIS CA  CB   sing N N 133 
HIS CA  HA   sing N N 134 
HIS C   O    doub N N 135 
HIS C   OXT  sing N N 136 
HIS CB  CG   sing N N 137 
HIS CB  HB2  sing N N 138 
HIS CB  HB3  sing N N 139 
HIS CG  ND1  sing Y N 140 
HIS CG  CD2  doub Y N 141 
HIS ND1 CE1  doub Y N 142 
HIS ND1 HD1  sing N N 143 
HIS CD2 NE2  sing Y N 144 
HIS CD2 HD2  sing N N 145 
HIS CE1 NE2  sing Y N 146 
HIS CE1 HE1  sing N N 147 
HIS NE2 HE2  sing N N 148 
HIS OXT HXT  sing N N 149 
ILE N   CA   sing N N 150 
ILE N   H    sing N N 151 
ILE N   H2   sing N N 152 
ILE CA  C    sing N N 153 
ILE CA  CB   sing N N 154 
ILE CA  HA   sing N N 155 
ILE C   O    doub N N 156 
ILE C   OXT  sing N N 157 
ILE CB  CG1  sing N N 158 
ILE CB  CG2  sing N N 159 
ILE CB  HB   sing N N 160 
ILE CG1 CD1  sing N N 161 
ILE CG1 HG12 sing N N 162 
ILE CG1 HG13 sing N N 163 
ILE CG2 HG21 sing N N 164 
ILE CG2 HG22 sing N N 165 
ILE CG2 HG23 sing N N 166 
ILE CD1 HD11 sing N N 167 
ILE CD1 HD12 sing N N 168 
ILE CD1 HD13 sing N N 169 
ILE OXT HXT  sing N N 170 
LEU N   CA   sing N N 171 
LEU N   H    sing N N 172 
LEU N   H2   sing N N 173 
LEU CA  C    sing N N 174 
LEU CA  CB   sing N N 175 
LEU CA  HA   sing N N 176 
LEU C   O    doub N N 177 
LEU C   OXT  sing N N 178 
LEU CB  CG   sing N N 179 
LEU CB  HB2  sing N N 180 
LEU CB  HB3  sing N N 181 
LEU CG  CD1  sing N N 182 
LEU CG  CD2  sing N N 183 
LEU CG  HG   sing N N 184 
LEU CD1 HD11 sing N N 185 
LEU CD1 HD12 sing N N 186 
LEU CD1 HD13 sing N N 187 
LEU CD2 HD21 sing N N 188 
LEU CD2 HD22 sing N N 189 
LEU CD2 HD23 sing N N 190 
LEU OXT HXT  sing N N 191 
MET N   CA   sing N N 192 
MET N   H    sing N N 193 
MET N   H2   sing N N 194 
MET CA  C    sing N N 195 
MET CA  CB   sing N N 196 
MET CA  HA   sing N N 197 
MET C   O    doub N N 198 
MET C   OXT  sing N N 199 
MET CB  CG   sing N N 200 
MET CB  HB2  sing N N 201 
MET CB  HB3  sing N N 202 
MET CG  SD   sing N N 203 
MET CG  HG2  sing N N 204 
MET CG  HG3  sing N N 205 
MET SD  CE   sing N N 206 
MET CE  HE1  sing N N 207 
MET CE  HE2  sing N N 208 
MET CE  HE3  sing N N 209 
MET OXT HXT  sing N N 210 
PHE N   CA   sing N N 211 
PHE N   H    sing N N 212 
PHE N   H2   sing N N 213 
PHE CA  C    sing N N 214 
PHE CA  CB   sing N N 215 
PHE CA  HA   sing N N 216 
PHE C   O    doub N N 217 
PHE C   OXT  sing N N 218 
PHE CB  CG   sing N N 219 
PHE CB  HB2  sing N N 220 
PHE CB  HB3  sing N N 221 
PHE CG  CD1  doub Y N 222 
PHE CG  CD2  sing Y N 223 
PHE CD1 CE1  sing Y N 224 
PHE CD1 HD1  sing N N 225 
PHE CD2 CE2  doub Y N 226 
PHE CD2 HD2  sing N N 227 
PHE CE1 CZ   doub Y N 228 
PHE CE1 HE1  sing N N 229 
PHE CE2 CZ   sing Y N 230 
PHE CE2 HE2  sing N N 231 
PHE CZ  HZ   sing N N 232 
PHE OXT HXT  sing N N 233 
PRO N   CA   sing N N 234 
PRO N   CD   sing N N 235 
PRO N   H    sing N N 236 
PRO CA  C    sing N N 237 
PRO CA  CB   sing N N 238 
PRO CA  HA   sing N N 239 
PRO C   O    doub N N 240 
PRO C   OXT  sing N N 241 
PRO CB  CG   sing N N 242 
PRO CB  HB2  sing N N 243 
PRO CB  HB3  sing N N 244 
PRO CG  CD   sing N N 245 
PRO CG  HG2  sing N N 246 
PRO CG  HG3  sing N N 247 
PRO CD  HD2  sing N N 248 
PRO CD  HD3  sing N N 249 
PRO OXT HXT  sing N N 250 
SER N   CA   sing N N 251 
SER N   H    sing N N 252 
SER N   H2   sing N N 253 
SER CA  C    sing N N 254 
SER CA  CB   sing N N 255 
SER CA  HA   sing N N 256 
SER C   O    doub N N 257 
SER C   OXT  sing N N 258 
SER CB  OG   sing N N 259 
SER CB  HB2  sing N N 260 
SER CB  HB3  sing N N 261 
SER OG  HG   sing N N 262 
SER OXT HXT  sing N N 263 
THR N   CA   sing N N 264 
THR N   H    sing N N 265 
THR N   H2   sing N N 266 
THR CA  C    sing N N 267 
THR CA  CB   sing N N 268 
THR CA  HA   sing N N 269 
THR C   O    doub N N 270 
THR C   OXT  sing N N 271 
THR CB  OG1  sing N N 272 
THR CB  CG2  sing N N 273 
THR CB  HB   sing N N 274 
THR OG1 HG1  sing N N 275 
THR CG2 HG21 sing N N 276 
THR CG2 HG22 sing N N 277 
THR CG2 HG23 sing N N 278 
THR OXT HXT  sing N N 279 
TYR N   CA   sing N N 280 
TYR N   H    sing N N 281 
TYR N   H2   sing N N 282 
TYR CA  C    sing N N 283 
TYR CA  CB   sing N N 284 
TYR CA  HA   sing N N 285 
TYR C   O    doub N N 286 
TYR C   OXT  sing N N 287 
TYR CB  CG   sing N N 288 
TYR CB  HB2  sing N N 289 
TYR CB  HB3  sing N N 290 
TYR CG  CD1  doub Y N 291 
TYR CG  CD2  sing Y N 292 
TYR CD1 CE1  sing Y N 293 
TYR CD1 HD1  sing N N 294 
TYR CD2 CE2  doub Y N 295 
TYR CD2 HD2  sing N N 296 
TYR CE1 CZ   doub Y N 297 
TYR CE1 HE1  sing N N 298 
TYR CE2 CZ   sing Y N 299 
TYR CE2 HE2  sing N N 300 
TYR CZ  OH   sing N N 301 
TYR OH  HH   sing N N 302 
TYR OXT HXT  sing N N 303 
VAL N   CA   sing N N 304 
VAL N   H    sing N N 305 
VAL N   H2   sing N N 306 
VAL CA  C    sing N N 307 
VAL CA  CB   sing N N 308 
VAL CA  HA   sing N N 309 
VAL C   O    doub N N 310 
VAL C   OXT  sing N N 311 
VAL CB  CG1  sing N N 312 
VAL CB  CG2  sing N N 313 
VAL CB  HB   sing N N 314 
VAL CG1 HG11 sing N N 315 
VAL CG1 HG12 sing N N 316 
VAL CG1 HG13 sing N N 317 
VAL CG2 HG21 sing N N 318 
VAL CG2 HG22 sing N N 319 
VAL CG2 HG23 sing N N 320 
VAL OXT HXT  sing N N 321 
# 
_em_admin.current_status     REL 
_em_admin.deposition_date    2025-06-04 
_em_admin.deposition_site    RCSB 
_em_admin.entry_id           9OYR 
_em_admin.last_update        2025-08-13 
_em_admin.map_release_date   2025-07-30 
_em_admin.title              'Structure of D2-NT amyloid fibrils' 
# 
_em_ctf_correction.details                  ? 
_em_ctf_correction.em_image_processing_id   1 
_em_ctf_correction.id                       1 
_em_ctf_correction.type                     NONE 
# 
_em_entity_assembly_molwt.entity_assembly_id   1 
_em_entity_assembly_molwt.experimental_flag    NO 
_em_entity_assembly_molwt.id                   1 
_em_entity_assembly_molwt.units                ? 
_em_entity_assembly_molwt.value                ? 
# 
_em_entity_assembly_naturalsource.cell                 ? 
_em_entity_assembly_naturalsource.cellular_location    ? 
_em_entity_assembly_naturalsource.entity_assembly_id   1 
_em_entity_assembly_naturalsource.id                   2 
_em_entity_assembly_naturalsource.ncbi_tax_id          9606 
_em_entity_assembly_naturalsource.organism             'Homo sapiens' 
_em_entity_assembly_naturalsource.organelle            ? 
_em_entity_assembly_naturalsource.organ                ? 
_em_entity_assembly_naturalsource.strain               ? 
_em_entity_assembly_naturalsource.tissue               ? 
_em_entity_assembly_naturalsource.details              ? 
# 
_em_entity_assembly_recombinant.cell                 ? 
_em_entity_assembly_recombinant.entity_assembly_id   1 
_em_entity_assembly_recombinant.id                   2 
_em_entity_assembly_recombinant.ncbi_tax_id          562 
_em_entity_assembly_recombinant.organism             'Escherichia coli' 
_em_entity_assembly_recombinant.plasmid              ? 
_em_entity_assembly_recombinant.strain               ? 
# 
_em_helical_entity.id                             1 
_em_helical_entity.image_processing_id            1 
_em_helical_entity.details                        ? 
_em_helical_entity.axial_symmetry                 C1 
_em_helical_entity.angular_rotation_per_subunit   1.34 
_em_helical_entity.axial_rise_per_subunit         4.796 
# 
_em_image_processing.details              ? 
_em_image_processing.id                   1 
_em_image_processing.image_recording_id   1 
# 
_em_image_recording.average_exposure_time               ? 
_em_image_recording.avg_electron_dose_per_subtomogram   ? 
_em_image_recording.avg_electron_dose_per_image         48.4 
_em_image_recording.details                             ? 
_em_image_recording.detector_mode                       ? 
_em_image_recording.film_or_detector_model              'GATAN K3 BIOQUANTUM (6k x 4k)' 
_em_image_recording.id                                  1 
_em_image_recording.imaging_id                          1 
_em_image_recording.num_diffraction_images              ? 
_em_image_recording.num_grids_imaged                    ? 
_em_image_recording.num_real_images                     ? 
# 
loop_
_em_software.category 
_em_software.details 
_em_software.id 
_em_software.image_processing_id 
_em_software.fitting_id 
_em_software.imaging_id 
_em_software.name 
_em_software.version 
_em_software.reference_DOI 
'PARTICLE SELECTION'       ? 1  1 ? ? ?       ?     ? 
'IMAGE ACQUISITION'        ? 2  ? ? 1 ?       ?     ? 
MASKING                    ? 3  ? ? ? ?       ?     ? 
'CTF CORRECTION'           ? 4  1 ? ? CTFFIND 4.1   ? 
'LAYERLINE INDEXING'       ? 5  ? ? ? ?       ?     ? 
'DIFFRACTION INDEXING'     ? 6  ? ? ? ?       ?     ? 
'MODEL FITTING'            ? 7  ? 1 ? ?       ?     ? 
OTHER                      ? 8  ? ? ? ?       ?     ? 
'INITIAL EULER ASSIGNMENT' ? 9  1 ? ? RELION  4.0.0 ? 
'FINAL EULER ASSIGNMENT'   ? 10 1 ? ? RELION  4.0.0 ? 
CLASSIFICATION             ? 11 1 ? ? ?       ?     ? 
RECONSTRUCTION             ? 12 1 ? ? RELION  4.0.0 ? 
'MODEL REFINEMENT'         ? 13 ? 1 ? PHENIX  ?     ? 
# 
_em_specimen.concentration           ? 
_em_specimen.details                 ? 
_em_specimen.embedding_applied       NO 
_em_specimen.experiment_id           1 
_em_specimen.id                      1 
_em_specimen.shadowing_applied       NO 
_em_specimen.staining_applied        NO 
_em_specimen.vitrification_applied   YES 
# 
_pdbx_audit_support.funding_organization   'National Institutes of Health/National Institute on Aging (NIH/NIA)' 
_pdbx_audit_support.country                'United States' 
_pdbx_audit_support.grant_number           RF1AG066493 
_pdbx_audit_support.ordinal                1 
# 
_space_group.crystal_system   triclinic 
_space_group.name_H-M_alt     'P 1' 
_space_group.IT_number        1 
_space_group.name_Hall        'P 1' 
_space_group.id               1 
# 
_atom_sites.entry_id                    9OYR 
_atom_sites.Cartn_transf_matrix[1][1]   ? 
_atom_sites.Cartn_transf_matrix[1][2]   ? 
_atom_sites.Cartn_transf_matrix[1][3]   ? 
_atom_sites.Cartn_transf_matrix[2][1]   ? 
_atom_sites.Cartn_transf_matrix[2][2]   ? 
_atom_sites.Cartn_transf_matrix[2][3]   ? 
_atom_sites.Cartn_transf_matrix[3][1]   ? 
_atom_sites.Cartn_transf_matrix[3][2]   ? 
_atom_sites.Cartn_transf_matrix[3][3]   ? 
_atom_sites.Cartn_transf_vector[1]      ? 
_atom_sites.Cartn_transf_vector[2]      ? 
_atom_sites.Cartn_transf_vector[3]      ? 
_atom_sites.Cartn_transform_axes        ? 
_atom_sites.fract_transf_matrix[1][1]   1.000000 
_atom_sites.fract_transf_matrix[1][2]   0.000000 
_atom_sites.fract_transf_matrix[1][3]   0.000000 
_atom_sites.fract_transf_matrix[2][1]   0.000000 
_atom_sites.fract_transf_matrix[2][2]   1.000000 
_atom_sites.fract_transf_matrix[2][3]   0.000000 
_atom_sites.fract_transf_matrix[3][1]   0.000000 
_atom_sites.fract_transf_matrix[3][2]   0.000000 
_atom_sites.fract_transf_matrix[3][3]   1.000000 
_atom_sites.fract_transf_vector[1]      0.00000 
_atom_sites.fract_transf_vector[2]      0.00000 
_atom_sites.fract_transf_vector[3]      0.00000 
_atom_sites.solution_primary            ? 
_atom_sites.solution_secondary          ? 
_atom_sites.solution_hydrogens          ? 
_atom_sites.special_details             ? 
# 
loop_
_atom_type.symbol 
C 
N 
O 
S 
# 
loop_
_atom_site.group_PDB 
_atom_site.id 
_atom_site.type_symbol 
_atom_site.label_atom_id 
_atom_site.label_alt_id 
_atom_site.label_comp_id 
_atom_site.label_asym_id 
_atom_site.label_entity_id 
_atom_site.label_seq_id 
_atom_site.pdbx_PDB_ins_code 
_atom_site.Cartn_x 
_atom_site.Cartn_y 
_atom_site.Cartn_z 
_atom_site.occupancy 
_atom_site.B_iso_or_equiv 
_atom_site.pdbx_formal_charge 
_atom_site.auth_seq_id 
_atom_site.auth_comp_id 
_atom_site.auth_asym_id 
_atom_site.auth_atom_id 
_atom_site.pdbx_PDB_model_num 
ATOM 1    N N   . GLY A 1 54 ? 0.46677   18.55694  -6.46977  1.000 29.01305 ? 54 GLY A N   1 
ATOM 2    C CA  . GLY A 1 54 ? -0.02379  17.90495  -5.27389  1.000 27.44263 ? 54 GLY A CA  1 
ATOM 3    C C   . GLY A 1 54 ? 0.89483   16.80208  -4.79927  1.000 26.97816 ? 54 GLY A C   1 
ATOM 4    O O   . GLY A 1 54 ? 1.79257   17.04329  -4.00449  1.000 29.14581 ? 54 GLY A O   1 
ATOM 5    N N   . LEU A 1 55 ? 0.66363   15.58631  -5.28401  1.000 25.80001 ? 55 LEU A N   1 
ATOM 6    C CA  . LEU A 1 55 ? 1.49376   14.43371  -4.97164  1.000 23.74605 ? 55 LEU A CA  1 
ATOM 7    C C   . LEU A 1 55 ? 2.11540   13.92510  -6.26160  1.000 25.12074 ? 55 LEU A C   1 
ATOM 8    O O   . LEU A 1 55 ? 1.40306   13.65993  -7.23237  1.000 27.72237 ? 55 LEU A O   1 
ATOM 9    C CB  . LEU A 1 55 ? 0.67801   13.32336  -4.31507  1.000 24.13651 ? 55 LEU A CB  1 
ATOM 10   C CG  . LEU A 1 55 ? 0.35249   13.40986  -2.82547  1.000 24.21953 ? 55 LEU A CG  1 
ATOM 11   C CD1 . LEU A 1 55 ? -0.79080  14.36009  -2.59028  1.000 22.70442 ? 55 LEU A CD1 1 
ATOM 12   C CD2 . LEU A 1 55 ? 0.02741   12.03939  -2.26925  1.000 23.17039 ? 55 LEU A CD2 1 
ATOM 13   N N   . MET A 1 56 ? 3.43235   13.78646  -6.27383  1.000 25.01115 ? 56 MET A N   1 
ATOM 14   C CA  . MET A 1 56 ? 4.14116   13.22737  -7.41348  1.000 24.41956 ? 56 MET A CA  1 
ATOM 15   C C   . MET A 1 56 ? 5.10225   12.15916  -6.92134  1.000 23.56335 ? 56 MET A C   1 
ATOM 16   O O   . MET A 1 56 ? 5.74783   12.33026  -5.88585  1.000 25.72292 ? 56 MET A O   1 
ATOM 17   C CB  . MET A 1 56 ? 4.88655   14.31318  -8.18648  1.000 25.91879 ? 56 MET A CB  1 
ATOM 18   C CG  . MET A 1 56 ? 5.41816   13.85452  -9.52478  1.000 29.54849 ? 56 MET A CG  1 
ATOM 19   S SD  . MET A 1 56 ? 6.55401   15.03681  -10.26733 1.000 55.15240 ? 56 MET A SD  1 
ATOM 20   C CE  . MET A 1 56 ? 6.02846   16.55656  -9.47947  1.000 42.82806 ? 56 MET A CE  1 
ATOM 21   N N   . ALA A 1 57 ? 5.18828   11.05551  -7.65280  1.000 21.58903 ? 57 ALA A N   1 
ATOM 22   C CA  . ALA A 1 57 ? 6.09574   9.97766   -7.29466  1.000 19.64943 ? 57 ALA A CA  1 
ATOM 23   C C   . ALA A 1 57 ? 6.67264   9.35690   -8.55556  1.000 18.13961 ? 57 ALA A C   1 
ATOM 24   O O   . ALA A 1 57 ? 5.93364   9.05480   -9.49257  1.000 19.89031 ? 57 ALA A O   1 
ATOM 25   C CB  . ALA A 1 57 ? 5.38658   8.91736   -6.45846  1.000 18.28014 ? 57 ALA A CB  1 
ATOM 26   N N   . GLN A 1 58 ? 7.98514   9.17917   -8.58018  1.000 17.46087 ? 58 GLN A N   1 
ATOM 27   C CA  . GLN A 1 58 ? 8.66229   8.37724   -9.59240  1.000 16.97849 ? 58 GLN A CA  1 
ATOM 28   C C   . GLN A 1 58 ? 9.37049   7.24970   -8.85658  1.000 17.32329 ? 58 GLN A C   1 
ATOM 29   O O   . GLN A 1 58 ? 10.35605  7.48905   -8.15600  1.000 17.55871 ? 58 GLN A O   1 
ATOM 30   C CB  . GLN A 1 58 ? 9.64659   9.21412   -10.40039 1.000 16.18472 ? 58 GLN A CB  1 
ATOM 31   C CG  . GLN A 1 58 ? 9.01000   10.34776  -11.16363 1.000 18.38182 ? 58 GLN A CG  1 
ATOM 32   C CD  . GLN A 1 58 ? 10.01524  11.13402  -11.96578 1.000 19.16687 ? 58 GLN A CD  1 
ATOM 33   O OE1 . GLN A 1 58 ? 10.97145  11.66778  -11.42103 1.000 22.38684 ? 58 GLN A OE1 1 
ATOM 34   N NE2 . GLN A 1 58 ? 9.79684   11.22103  -13.26638 1.000 20.94181 ? 58 GLN A NE2 1 
ATOM 35   N N   . MET A 1 59 ? 8.86446   6.02976   -8.99302  1.000 17.08519 ? 59 MET A N   1 
ATOM 36   C CA  . MET A 1 59 ? 9.36152   4.90728   -8.21477  1.000 17.68909 ? 59 MET A CA  1 
ATOM 37   C C   . MET A 1 59 ? 9.80661   3.79005   -9.13612  1.000 19.17835 ? 59 MET A C   1 
ATOM 38   O O   . MET A 1 59 ? 9.07602   3.40159   -10.04968 1.000 21.66846 ? 59 MET A O   1 
ATOM 39   C CB  . MET A 1 59 ? 8.30412   4.37152   -7.25347  1.000 18.64381 ? 59 MET A CB  1 
ATOM 40   C CG  . MET A 1 59 ? 7.78273   5.38997   -6.27279  1.000 19.74260 ? 59 MET A CG  1 
ATOM 41   S SD  . MET A 1 59 ? 6.30530   4.84081   -5.41930  1.000 29.59324 ? 59 MET A SD  1 
ATOM 42   C CE  . MET A 1 59 ? 6.78083   3.17546   -4.95755  1.000 21.21167 ? 59 MET A CE  1 
ATOM 43   N N   . ALA A 1 60 ? 10.99910  3.27195   -8.88582  1.000 19.53529 ? 60 ALA A N   1 
ATOM 44   C CA  . ALA A 1 60 ? 11.48425  2.06169   -9.52628  1.000 21.79083 ? 60 ALA A CA  1 
ATOM 45   C C   . ALA A 1 60 ? 11.68762  1.02369   -8.43703  1.000 22.20524 ? 60 ALA A C   1 
ATOM 46   O O   . ALA A 1 60 ? 12.44586  1.25334   -7.49224  1.000 23.38786 ? 60 ALA A O   1 
ATOM 47   C CB  . ALA A 1 60 ? 12.77860  2.31653   -10.29895 1.000 19.88828 ? 60 ALA A CB  1 
ATOM 48   N N   . THR A 1 61 ? 10.99784  -0.10110  -8.55884  1.000 21.68359 ? 61 THR A N   1 
ATOM 49   C CA  . THR A 1 61 ? 10.99914  -1.13672  -7.54214  1.000 22.96872 ? 61 THR A CA  1 
ATOM 50   C C   . THR A 1 61 ? 11.12814  -2.48158  -8.23086  1.000 24.34706 ? 61 THR A C   1 
ATOM 51   O O   . THR A 1 61 ? 10.58590  -2.67985  -9.31741  1.000 27.40234 ? 61 THR A O   1 
ATOM 52   C CB  . THR A 1 61 ? 9.70562   -1.09709  -6.69820  1.000 27.39073 ? 61 THR A CB  1 
ATOM 53   O OG1 . THR A 1 61 ? 9.40597   0.25327   -6.32499  1.000 26.17421 ? 61 THR A OG1 1 
ATOM 54   C CG2 . THR A 1 61 ? 9.84911   -1.93473  -5.44020  1.000 23.16478 ? 61 THR A CG2 1 
ATOM 55   N N   . THR A 1 62 ? 11.84578  -3.40758  -7.60604  1.000 23.30609 ? 62 THR A N   1 
ATOM 56   C CA  . THR A 1 62 ? 11.93701  -4.74118  -8.18442  1.000 23.51950 ? 62 THR A CA  1 
ATOM 57   C C   . THR A 1 62 ? 10.92232  -5.69245  -7.56811  1.000 22.03243 ? 62 THR A C   1 
ATOM 58   O O   . THR A 1 62 ? 10.14791  -6.32564  -8.28731  1.000 25.43888 ? 62 THR A O   1 
ATOM 59   C CB  . THR A 1 62 ? 13.35215  -5.29823  -8.04003  1.000 22.33893 ? 62 THR A CB  1 
ATOM 60   O OG1 . THR A 1 62 ? 14.24242  -4.52640  -8.84765  1.000 24.05520 ? 62 THR A OG1 1 
ATOM 61   C CG2 . THR A 1 62 ? 13.40013  -6.73581  -8.50494  1.000 21.45666 ? 62 THR A CG2 1 
ATOM 62   N N   . ALA A 1 63 ? 10.90279  -5.80430  -6.24834  1.000 18.95030 ? 63 ALA A N   1 
ATOM 63   C CA  . ALA A 1 63 ? 9.92282   -6.63803  -5.57568  1.000 17.24503 ? 63 ALA A CA  1 
ATOM 64   C C   . ALA A 1 63 ? 9.33599   -5.86164  -4.41340  1.000 16.97405 ? 63 ALA A C   1 
ATOM 65   O O   . ALA A 1 63 ? 10.07359  -5.26188  -3.63060  1.000 18.70533 ? 63 ALA A O   1 
ATOM 66   C CB  . ALA A 1 63 ? 10.54151  -7.94576  -5.08494  1.000 16.89026 ? 63 ALA A CB  1 
ATOM 67   N N   . ALA A 1 64 ? 8.01514   -5.87316  -4.29922  1.000 14.52720 ? 64 ALA A N   1 
ATOM 68   C CA  . ALA A 1 64 ? 7.35831   -5.19141  -3.19893  1.000 15.04696 ? 64 ALA A CA  1 
ATOM 69   C C   . ALA A 1 64 ? 6.09269   -5.94030  -2.83280  1.000 13.19173 ? 64 ALA A C   1 
ATOM 70   O O   . ALA A 1 64 ? 5.35057   -6.37353  -3.71295  1.000 14.36258 ? 64 ALA A O   1 
ATOM 71   C CB  . ALA A 1 64 ? 7.02454   -3.74112  -3.55622  1.000 14.14385 ? 64 ALA A CB  1 
ATOM 72   N N   . GLY A 1 65 ? 5.85340   -6.09467  -1.53339  1.000 13.84747 ? 65 GLY A N   1 
ATOM 73   C CA  . GLY A 1 65 ? 4.55274   -6.56857  -1.10091  1.000 13.16863 ? 65 GLY A CA  1 
ATOM 74   C C   . GLY A 1 65 ? 3.44811   -5.62883  -1.53188  1.000 12.59682 ? 65 GLY A C   1 
ATOM 75   O O   . GLY A 1 65 ? 2.44702   -6.04828  -2.10826  1.000 14.02793 ? 65 GLY A O   1 
ATOM 76   N N   . VAL A 1 66 ? 3.63302   -4.33917  -1.28321  1.000 12.18688 ? 66 VAL A N   1 
ATOM 77   C CA  . VAL A 1 66 ? 2.70727   -3.30326  -1.71181  1.000 13.26817 ? 66 VAL A CA  1 
ATOM 78   C C   . VAL A 1 66 ? 3.53097   -2.14364  -2.24152  1.000 12.77083 ? 66 VAL A C   1 
ATOM 79   O O   . VAL A 1 66 ? 4.44362   -1.66861  -1.56075  1.000 13.59130 ? 66 VAL A O   1 
ATOM 80   C CB  . VAL A 1 66 ? 1.78890   -2.83148  -0.56694  1.000 13.38609 ? 66 VAL A CB  1 
ATOM 81   C CG1 . VAL A 1 66 ? 1.00378   -1.60989  -0.98810  1.000 12.39896 ? 66 VAL A CG1 1 
ATOM 82   C CG2 . VAL A 1 66 ? 0.86032   -3.94327  -0.13497  1.000 10.97295 ? 66 VAL A CG2 1 
ATOM 83   N N   . ALA A 1 67 ? 3.21776   -1.68931  -3.44772  1.000 12.25268 ? 67 ALA A N   1 
ATOM 84   C CA  . ALA A 1 67 ? 3.87865   -0.54144  -4.05036  1.000 14.41357 ? 67 ALA A CA  1 
ATOM 85   C C   . ALA A 1 67 ? 2.81774   0.46979   -4.44345  1.000 14.44190 ? 67 ALA A C   1 
ATOM 86   O O   . ALA A 1 67 ? 1.89950   0.14511   -5.19912  1.000 14.76919 ? 67 ALA A O   1 
ATOM 87   C CB  . ALA A 1 67 ? 4.71424   -0.95321  -5.26481  1.000 12.86218 ? 67 ALA A CB  1 
ATOM 88   N N   . VAL A 1 68 ? 2.93350   1.68392   -3.92531  1.000 13.91786 ? 68 VAL A N   1 
ATOM 89   C CA  . VAL A 1 68 ? 1.96360   2.73529   -4.18218  1.000 16.10651 ? 68 VAL A CA  1 
ATOM 90   C C   . VAL A 1 68 ? 2.70811   3.99932   -4.56981  1.000 17.06717 ? 68 VAL A C   1 
ATOM 91   O O   . VAL A 1 68 ? 3.63547   4.41469   -3.87061  1.000 18.39288 ? 68 VAL A O   1 
ATOM 92   C CB  . VAL A 1 68 ? 1.06242   2.99593   -2.95993  1.000 16.88295 ? 68 VAL A CB  1 
ATOM 93   C CG1 . VAL A 1 68 ? 0.09515   4.11656   -3.25574  1.000 15.60087 ? 68 VAL A CG1 1 
ATOM 94   C CG2 . VAL A 1 68 ? 0.32609   1.73363   -2.55988  1.000 13.27335 ? 68 VAL A CG2 1 
ATOM 95   N N   . GLY A 1 69 ? 2.29466   4.61677   -5.66941  1.000 17.77908 ? 69 GLY A N   1 
ATOM 96   C CA  . GLY A 1 69 ? 2.87497   5.87892   -6.06729  1.000 18.43238 ? 69 GLY A CA  1 
ATOM 97   C C   . GLY A 1 69 ? 2.39525   7.04441   -5.23290  1.000 18.52406 ? 69 GLY A C   1 
ATOM 98   O O   . GLY A 1 69 ? 3.15284   7.59526   -4.43499  1.000 20.68843 ? 69 GLY A O   1 
ATOM 99   N N   . SER A 1 70 ? 1.13089   7.41246   -5.38793  1.000 18.00484 ? 70 SER A N   1 
ATOM 100  C CA  . SER A 1 70 ? 0.54897   8.54507   -4.68822  1.000 20.41944 ? 70 SER A CA  1 
ATOM 101  C C   . SER A 1 70 ? -0.81068  8.12731   -4.15907  1.000 19.89078 ? 70 SER A C   1 
ATOM 102  O O   . SER A 1 70 ? -1.57761  7.48031   -4.87351  1.000 20.22738 ? 70 SER A O   1 
ATOM 103  C CB  . SER A 1 70 ? 0.41048   9.76050   -5.61038  1.000 20.64698 ? 70 SER A CB  1 
ATOM 104  O OG  . SER A 1 70 ? 1.66748   10.19256  -6.08664  1.000 22.39509 ? 70 SER A OG  1 
ATOM 105  N N   . ALA A 1 71 ? -1.11217  8.48913   -2.91832  1.000 18.53672 ? 71 ALA A N   1 
ATOM 106  C CA  . ALA A 1 71 ? -2.34883  8.03028   -2.30828  1.000 17.75653 ? 71 ALA A CA  1 
ATOM 107  C C   . ALA A 1 71 ? -2.79695  9.00447   -1.23678  1.000 17.81256 ? 71 ALA A C   1 
ATOM 108  O O   . ALA A 1 71 ? -1.97824  9.54116   -0.49357  1.000 19.71301 ? 71 ALA A O   1 
ATOM 109  C CB  . ALA A 1 71 ? -2.18503  6.63285   -1.70848  1.000 18.43281 ? 71 ALA A CB  1 
ATOM 110  N N   . VAL A 1 72 ? -4.10357  9.21717   -1.15995  1.000 17.12817 ? 72 VAL A N   1 
ATOM 111  C CA  . VAL A 1 72 ? -4.70433  10.11851  -0.19004  1.000 19.34932 ? 72 VAL A CA  1 
ATOM 112  C C   . VAL A 1 72 ? -5.89504  9.41769   0.43592   1.000 19.30010 ? 72 VAL A C   1 
ATOM 113  O O   . VAL A 1 72 ? -6.72712  8.84770   -0.27327  1.000 20.23478 ? 72 VAL A O   1 
ATOM 114  C CB  . VAL A 1 72 ? -5.14748  11.44764  -0.83247  1.000 20.62616 ? 72 VAL A CB  1 
ATOM 115  C CG1 . VAL A 1 72 ? -5.88627  12.29865  0.17487   1.000 21.67489 ? 72 VAL A CG1 1 
ATOM 116  C CG2 . VAL A 1 72 ? -3.96307  12.19158  -1.39703  1.000 17.65642 ? 72 VAL A CG2 1 
ATOM 117  N N   . GLY A 1 73 ? -5.98036  9.46312   1.75516   1.000 19.20762 ? 73 GLY A N   1 
ATOM 118  C CA  . GLY A 1 73 ? -7.16440  8.99970   2.44025   1.000 20.23873 ? 73 GLY A CA  1 
ATOM 119  C C   . GLY A 1 73 ? -7.59857  10.01813  3.46141   1.000 22.24192 ? 73 GLY A C   1 
ATOM 120  O O   . GLY A 1 73 ? -6.79367  10.41439  4.30209   1.000 25.42826 ? 73 GLY A O   1 
ATOM 121  N N   . HIS A 1 74 ? -8.83623  10.48823  3.39911   1.000 22.19572 ? 74 HIS A N   1 
ATOM 122  C CA  . HIS A 1 74 ? -9.25902  11.47343  4.37567   1.000 25.25092 ? 74 HIS A CA  1 
ATOM 123  C C   . HIS A 1 74 ? -10.73018 11.31952  4.71152   1.000 25.81712 ? 74 HIS A C   1 
ATOM 124  O O   . HIS A 1 74 ? -11.52018 10.83421  3.90605   1.000 26.69889 ? 74 HIS A O   1 
ATOM 125  C CB  . HIS A 1 74 ? -8.97548  12.90949  3.90827   1.000 27.23540 ? 74 HIS A CB  1 
ATOM 126  C CG  . HIS A 1 74 ? -9.51187  13.24068  2.55716   1.000 27.29100 ? 74 HIS A CG  1 
ATOM 127  N ND1 . HIS A 1 74 ? -9.10583  12.57793  1.42057   1.000 29.38466 ? 74 HIS A ND1 1 
ATOM 128  C CD2 . HIS A 1 74 ? -10.44403 14.13674  2.15849   1.000 29.21266 ? 74 HIS A CD2 1 
ATOM 129  C CE1 . HIS A 1 74 ? -9.75384  13.06184  0.37687   1.000 31.11525 ? 74 HIS A CE1 1 
ATOM 130  N NE2 . HIS A 1 74 ? -10.57260 14.00884  0.79709   1.000 33.60987 ? 74 HIS A NE2 1 
ATOM 131  N N   . THR A 1 75 ? -11.08187 11.73168  5.92147   1.000 25.75676 ? 75 THR A N   1 
ATOM 132  C CA  . THR A 1 75 ? -12.45541 11.74177  6.39379   1.000 24.85427 ? 75 THR A CA  1 
ATOM 133  C C   . THR A 1 75 ? -12.84411 13.17335  6.70527   1.000 26.75673 ? 75 THR A C   1 
ATOM 134  O O   . THR A 1 75 ? -12.07360 13.90697  7.32713   1.000 29.99212 ? 75 THR A O   1 
ATOM 135  C CB  . THR A 1 75 ? -12.63194 10.87584  7.63804   1.000 25.84912 ? 75 THR A CB  1 
ATOM 136  O OG1 . THR A 1 75 ? -12.00719 11.51572  8.75535   1.000 28.49485 ? 75 THR A OG1 1 
ATOM 137  C CG2 . THR A 1 75 ? -12.03235 9.50269   7.44029   1.000 25.56732 ? 75 THR A CG2 1 
ATOM 138  N N   . LEU A 1 76 ? -14.02768 13.56852  6.26582   1.000 27.96855 ? 76 LEU A N   1 
ATOM 139  C CA  . LEU A 1 76 ? -14.57299 14.88633  6.54103   1.000 29.84559 ? 76 LEU A CA  1 
ATOM 140  C C   . LEU A 1 76 ? -15.89984 14.70358  7.26050   1.000 33.46029 ? 76 LEU A C   1 
ATOM 141  O O   . LEU A 1 76 ? -16.74590 13.92138  6.81748   1.000 34.59137 ? 76 LEU A O   1 
ATOM 142  C CB  . LEU A 1 76 ? -14.74658 15.68148  5.24508   1.000 31.12398 ? 76 LEU A CB  1 
ATOM 143  C CG  . LEU A 1 76 ? -14.85022 17.20723  5.28565   1.000 31.43613 ? 76 LEU A CG  1 
ATOM 144  C CD1 . LEU A 1 76 ? -14.66855 17.76822  3.89656   1.000 30.05082 ? 76 LEU A CD1 1 
ATOM 145  C CD2 . LEU A 1 76 ? -16.18133 17.66260  5.84306   1.000 31.88436 ? 76 LEU A CD2 1 
ATOM 146  N N   . GLY A 1 77 ? -16.07253 15.40822  8.37254   1.000 34.56643 ? 77 GLY A N   1 
ATOM 147  C CA  . GLY A 1 77 ? -17.30773 15.32936  9.12237   1.000 33.83237 ? 77 GLY A CA  1 
ATOM 148  C C   . GLY A 1 77 ? -17.18061 14.50284  10.38066  1.000 36.24385 ? 77 GLY A C   1 
ATOM 149  O O   . GLY A 1 77 ? -16.57969 14.94429  11.36075  1.000 41.49536 ? 77 GLY A O   1 
ATOM 150  N N   . HIS A 1 78 ? -17.74676 13.30114  10.36681  1.000 37.28894 ? 78 HIS A N   1 
ATOM 151  C CA  . HIS A 1 78 ? -17.73226 12.40450  11.51385  1.000 38.36459 ? 78 HIS A CA  1 
ATOM 152  C C   . HIS A 1 78 ? -17.32541 11.02086  11.04818  1.000 37.03349 ? 78 HIS A C   1 
ATOM 153  O O   . HIS A 1 78 ? -17.95502 10.45686  10.15036  1.000 39.72804 ? 78 HIS A O   1 
ATOM 154  C CB  . HIS A 1 78 ? -19.10419 12.34310  12.18844  1.000 39.10292 ? 78 HIS A CB  1 
ATOM 155  C CG  . HIS A 1 78 ? -19.34671 13.44520  13.16532  1.000 41.03790 ? 78 HIS A CG  1 
ATOM 156  N ND1 . HIS A 1 78 ? -19.08537 13.31698  14.51085  1.000 44.20078 ? 78 HIS A ND1 1 
ATOM 157  C CD2 . HIS A 1 78 ? -19.81382 14.70254  12.98953  1.000 42.18978 ? 78 HIS A CD2 1 
ATOM 158  C CE1 . HIS A 1 78 ? -19.39019 14.44586  15.12417  1.000 46.60959 ? 78 HIS A CE1 1 
ATOM 159  N NE2 . HIS A 1 78 ? -19.83316 15.30307  14.22353  1.000 46.17193 ? 78 HIS A NE2 1 
ATOM 160  N N   . ALA A 1 79 ? -16.28997 10.47118  11.66238  1.000 35.03043 ? 79 ALA A N   1 
ATOM 161  C CA  . ALA A 1 79 ? -15.81597 9.14340   11.32116  1.000 34.30612 ? 79 ALA A CA  1 
ATOM 162  C C   . ALA A 1 79 ? -15.57354 8.37397   12.60396  1.000 33.63717 ? 79 ALA A C   1 
ATOM 163  O O   . ALA A 1 79 ? -14.95830 8.89571   13.53580  1.000 36.36722 ? 79 ALA A O   1 
ATOM 164  C CB  . ALA A 1 79 ? -14.53989 9.20800   10.47861  1.000 32.74709 ? 79 ALA A CB  1 
ATOM 165  N N   . ILE A 1 80 ? -16.07316 7.14742   12.65770  1.000 33.70280 ? 80 ILE A N   1 
ATOM 166  C CA  . ILE A 1 80 ? -15.90018 6.27633   13.80990  1.000 34.51786 ? 80 ILE A CA  1 
ATOM 167  C C   . ILE A 1 80 ? -15.37308 4.94577   13.31089  1.000 33.02913 ? 80 ILE A C   1 
ATOM 168  O O   . ILE A 1 80 ? -15.97059 4.33373   12.42018  1.000 35.99447 ? 80 ILE A O   1 
ATOM 169  C CB  . ILE A 1 80 ? -17.20748 6.07666   14.59396  1.000 34.40821 ? 80 ILE A CB  1 
ATOM 170  C CG1 . ILE A 1 80 ? -17.73684 7.41417   15.10268  1.000 33.99819 ? 80 ILE A CG1 1 
ATOM 171  C CG2 . ILE A 1 80 ? -16.99384 5.10831   15.73615  1.000 32.64908 ? 80 ILE A CG2 1 
ATOM 172  C CD1 . ILE A 1 80 ? -19.22354 7.42517   15.33505  1.000 32.78815 ? 80 ILE A CD1 1 
ATOM 173  N N   . THR A 1 81 ? -14.26190 4.50140   13.87706  1.000 30.69791 ? 81 THR A N   1 
ATOM 174  C CA  . THR A 1 81 ? -13.67659 3.21602   13.54518  1.000 31.85109 ? 81 THR A CA  1 
ATOM 175  C C   . THR A 1 81 ? -13.76440 2.31276   14.76181  1.000 31.90499 ? 81 THR A C   1 
ATOM 176  O O   . THR A 1 81 ? -13.29700 2.67848   15.84208  1.000 33.39629 ? 81 THR A O   1 
ATOM 177  C CB  . THR A 1 81 ? -12.21889 3.36585   13.10708  1.000 33.26009 ? 81 THR A CB  1 
ATOM 178  O OG1 . THR A 1 81 ? -12.13519 4.29568   12.02349  1.000 37.99041 ? 81 THR A OG1 1 
ATOM 179  C CG2 . THR A 1 81 ? -11.67580 2.03719   12.65441  1.000 30.45432 ? 81 THR A CG2 1 
ATOM 180  N N   . GLY A 1 82 ? -14.35958 1.13904   14.58575  1.000 31.40192 ? 82 GLY A N   1 
ATOM 181  C CA  . GLY A 1 82 ? -14.43953 0.19476   15.68245  1.000 30.84975 ? 82 GLY A CA  1 
ATOM 182  C C   . GLY A 1 82 ? -13.08249 -0.41184  15.98774  1.000 30.04748 ? 82 GLY A C   1 
ATOM 183  O O   . GLY A 1 82 ? -12.26743 -0.64621  15.09622  1.000 32.42330 ? 82 GLY A O   1 
ATOM 184  N N   . GLY A 1 83 ? -12.84672 -0.67514  17.26419  1.000 28.45611 ? 83 GLY A N   1 
ATOM 185  C CA  . GLY A 1 83 ? -11.62760 -1.30228  17.71725  1.000 27.68102 ? 83 GLY A CA  1 
ATOM 186  C C   . GLY A 1 83 ? -11.77018 -2.80054  17.85926  1.000 27.81899 ? 83 GLY A C   1 
ATOM 187  O O   . GLY A 1 83 ? -12.63201 -3.43426  17.24720  1.000 27.93529 ? 83 GLY A O   1 
ATOM 188  N N   . PHE A 1 84 ? -10.90550 -3.37320  18.68521  1.000 29.86601 ? 84 PHE A N   1 
ATOM 189  C CA  . PHE A 1 84 ? -10.83845 -4.81047  18.90531  1.000 29.96372 ? 84 PHE A CA  1 
ATOM 190  C C   . PHE A 1 84 ? -11.23285 -5.10127  20.34538  1.000 32.57061 ? 84 PHE A C   1 
ATOM 191  O O   . PHE A 1 84 ? -10.64628 -4.54190  21.27550  1.000 35.63653 ? 84 PHE A O   1 
ATOM 192  C CB  . PHE A 1 84 ? -9.43173  -5.33194  18.61404  1.000 27.34781 ? 84 PHE A CB  1 
ATOM 193  C CG  . PHE A 1 84 ? -9.07030  -5.31401  17.16013  1.000 26.42013 ? 84 PHE A CG  1 
ATOM 194  C CD1 . PHE A 1 84 ? -8.81016  -4.12182  16.51477  1.000 24.92075 ? 84 PHE A CD1 1 
ATOM 195  C CD2 . PHE A 1 84 ? -8.97535  -6.48855  16.44297  1.000 25.40217 ? 84 PHE A CD2 1 
ATOM 196  C CE1 . PHE A 1 84 ? -8.48104  -4.10254  15.18404  1.000 24.10622 ? 84 PHE A CE1 1 
ATOM 197  C CE2 . PHE A 1 84 ? -8.64298  -6.47108  15.11051  1.000 23.54682 ? 84 PHE A CE2 1 
ATOM 198  C CZ  . PHE A 1 84 ? -8.39767  -5.27772  14.48222  1.000 23.92747 ? 84 PHE A CZ  1 
ATOM 199  N N   . SER A 1 85 ? -12.21925 -5.96957  20.52915  1.000 35.40179 ? 85 SER A N   1 
ATOM 200  C CA  . SER A 1 85 ? -12.69693 -6.33526  21.85313  1.000 37.68598 ? 85 SER A CA  1 
ATOM 201  C C   . SER A 1 85 ? -12.76615 -7.84886  21.97475  1.000 40.83292 ? 85 SER A C   1 
ATOM 202  O O   . SER A 1 85 ? -12.89509 -8.55968  20.97658  1.000 41.26880 ? 85 SER A O   1 
ATOM 203  C CB  . SER A 1 85 ? -14.06352 -5.72302  22.14185  1.000 36.90149 ? 85 SER A CB  1 
ATOM 204  O OG  . SER A 1 85 ? -14.17281 -4.43970  21.56517  1.000 38.33590 ? 85 SER A OG  1 
ATOM 205  N N   . GLY A 1 86 ? -12.67269 -8.33608  23.20626  1.000 41.92537 ? 86 GLY A N   1 
ATOM 206  C CA  . GLY A 1 86 ? -12.68293 -9.76314  23.47007  1.000 43.78560 ? 86 GLY A CA  1 
ATOM 207  C C   . GLY A 1 86 ? -14.05737 -10.32364 23.77904  1.000 45.54955 ? 86 GLY A C   1 
ATOM 208  O O   . GLY A 1 86 ? -15.01547 -9.57515  23.96440  1.000 44.84450 ? 86 GLY A O   1 
ATOM 209  N N   . GLY B 1 54 ? 3.95620   20.03734  -3.53882  1.000 29.01305 ? 54 GLY C N   1 
ATOM 210  C CA  . GLY B 1 54 ? 3.44415   19.41332  -2.33705  1.000 27.44263 ? 54 GLY C CA  1 
ATOM 211  C C   . GLY B 1 54 ? 4.33958   18.30287  -1.83648  1.000 26.97816 ? 54 GLY C C   1 
ATOM 212  O O   . GLY B 1 54 ? 5.23437   18.54170  -1.03766  1.000 29.14581 ? 54 GLY C O   1 
ATOM 213  N N   . LEU B 1 55 ? 4.09182   17.08349  -2.30362  1.000 25.80001 ? 55 LEU C N   1 
ATOM 214  C CA  . LEU B 1 55 ? 4.89933   15.92218  -1.96527  1.000 23.74605 ? 55 LEU C CA  1 
ATOM 215  C C   . LEU B 1 55 ? 5.52336   15.38217  -3.24123  1.000 25.12074 ? 55 LEU C C   1 
ATOM 216  O O   . LEU B 1 55 ? 4.81506   15.11337  -4.21397  1.000 27.72237 ? 55 LEU C O   1 
ATOM 217  C CB  . LEU B 1 55 ? 4.05899   14.83668  -1.29824  1.000 24.13651 ? 55 LEU C CB  1 
ATOM 218  C CG  . LEU B 1 55 ? 3.72206   14.95292  0.18679   1.000 24.21953 ? 55 LEU C CG  1 
ATOM 219  C CD1 . LEU B 1 55 ? 2.59321   15.92612  0.39636   1.000 22.70442 ? 55 LEU C CD1 1 
ATOM 220  C CD2 . LEU B 1 55 ? 3.36872   13.59740  0.76209   1.000 23.17039 ? 55 LEU C CD2 1 
ATOM 221  N N   . MET B 1 56 ? 6.83780   15.22099  -3.23941  1.000 25.01115 ? 56 MET C N   1 
ATOM 222  C CA  . MET B 1 56 ? 7.54682   14.63147  -4.36348  1.000 24.41956 ? 56 MET C CA  1 
ATOM 223  C C   . MET B 1 56 ? 8.48516   13.55524  -3.84559  1.000 23.56335 ? 56 MET C C   1 
ATOM 224  O O   . MET B 1 56 ? 9.12454   13.73217  -2.80724  1.000 25.72292 ? 56 MET C O   1 
ATOM 225  C CB  . MET B 1 56 ? 8.31741   15.69174  -5.14717  1.000 25.91879 ? 56 MET C CB  1 
ATOM 226  C CG  . MET B 1 56 ? 8.85269   15.20241  -6.47307  1.000 29.54849 ? 56 MET C CG  1 
ATOM 227  S SD  . MET B 1 56 ? 10.01506  16.35299  -7.22436  1.000 55.15240 ? 56 MET C SD  1 
ATOM 228  C CE  . MET B 1 56 ? 9.50878   17.89407  -6.46584  1.000 42.82806 ? 56 MET C CE  1 
ATOM 229  N N   . ALA B 1 57 ? 8.55862   12.43854  -4.55836  1.000 21.58903 ? 57 ALA C N   1 
ATOM 230  C CA  . ALA B 1 57 ? 9.44433   11.35140  -4.17475  1.000 19.64943 ? 57 ALA C CA  1 
ATOM 231  C C   . ALA B 1 57 ? 10.02146  10.70048  -5.42026  1.000 18.13961 ? 57 ALA C C   1 
ATOM 232  O O   . ALA B 1 57 ? 9.28558   10.39577  -6.35887  1.000 19.89031 ? 57 ALA C O   1 
ATOM 233  C CB  . ALA B 1 57 ? 8.70987   10.31704  -3.32797  1.000 18.28014 ? 57 ALA C CB  1 
ATOM 234  N N   . GLN B 1 58 ? 11.33089  10.50011  -5.43024  1.000 17.46087 ? 58 GLN C N   1 
ATOM 235  C CA  . GLN B 1 58 ? 12.00298  9.67043   -6.42327  1.000 16.97849 ? 58 GLN C CA  1 
ATOM 236  C C   . GLN B 1 58 ? 12.68534  8.54314   -5.66304  1.000 17.32329 ? 58 GLN C C   1 
ATOM 237  O O   . GLN B 1 58 ? 13.66871  8.77708   -4.95759  1.000 17.55871 ? 58 GLN C O   1 
ATOM 238  C CB  . GLN B 1 58 ? 13.00847  10.47720  -7.23579  1.000 16.18472 ? 58 GLN C CB  1 
ATOM 239  C CG  . GLN B 1 58 ? 12.39806  11.60894  -8.02287  1.000 18.38182 ? 58 GLN C CG  1 
ATOM 240  C CD  . GLN B 1 58 ? 13.42356  12.36485  -8.82854  1.000 19.16687 ? 58 GLN C CD  1 
ATOM 241  O OE1 . GLN B 1 58 ? 14.38400  12.89108  -8.28391  1.000 22.38684 ? 58 GLN C OE1 1 
ATOM 242  N NE2 . GLN B 1 58 ? 13.21801  12.43438  -10.13228 1.000 20.94181 ? 58 GLN C NE2 1 
ATOM 243  N N   . MET B 1 59 ? 12.15969  7.32991   -5.78434  1.000 17.08519 ? 59 MET C N   1 
ATOM 244  C CA  . MET B 1 59 ? 12.63066  6.21197   -4.98367  1.000 17.68909 ? 59 MET C CA  1 
ATOM 245  C C   . MET B 1 59 ? 13.06453  5.07250   -5.88285  1.000 19.17835 ? 59 MET C C   1 
ATOM 246  O O   . MET B 1 59 ? 12.33537  4.68169   -6.79656  1.000 21.66846 ? 59 MET C O   1 
ATOM 247  C CB  . MET B 1 59 ? 11.55591  5.70995   -4.02338  1.000 18.64381 ? 59 MET C CB  1 
ATOM 248  C CG  . MET B 1 59 ? 11.04353  6.75294   -3.06397  1.000 19.74260 ? 59 MET C CG  1 
ATOM 249  S SD  . MET B 1 59 ? 9.54954   6.24292   -2.21503  1.000 29.59324 ? 59 MET C SD  1 
ATOM 250  C CE  . MET B 1 59 ? 9.99243   4.57745   -1.72224  1.000 21.21167 ? 59 MET C CE  1 
ATOM 251  N N   . ALA B 1 60 ? 14.24576  4.53835   -5.61354  1.000 19.53529 ? 60 ALA C N   1 
ATOM 252  C CA  . ALA B 1 60 ? 14.71566  3.30976   -6.23004  1.000 21.79083 ? 60 ALA C CA  1 
ATOM 253  C C   . ALA B 1 60 ? 14.89172  2.28632   -5.12241  1.000 22.20524 ? 60 ALA C C   1 
ATOM 254  O O   . ALA B 1 60 ? 15.64554  2.51839   -4.17468  1.000 23.38786 ? 60 ALA C O   1 
ATOM 255  C CB  . ALA B 1 60 ? 16.02085  3.52998   -6.99505  1.000 19.88828 ? 60 ALA C CB  1 
ATOM 256  N N   . THR B 1 61 ? 14.18386  1.17158   -5.23226  1.000 21.68359 ? 61 THR C N   1 
ATOM 257  C CA  . THR B 1 61 ? 14.15858  0.15276   -4.19903  1.000 22.96872 ? 61 THR C CA  1 
ATOM 258  C C   . THR B 1 61 ? 14.27050  -1.20512  -4.86480  1.000 24.34706 ? 61 THR C C   1 
ATOM 259  O O   . THR B 1 61 ? 13.73442  -1.41180  -5.95283  1.000 27.40234 ? 61 THR C O   1 
ATOM 260  C CB  . THR B 1 61 ? 12.85863  0.22808   -3.36747  1.000 27.39073 ? 61 THR C CB  1 
ATOM 261  O OG1 . THR B 1 61 ? 12.57892  1.58923   -3.01879  1.000 26.17421 ? 61 THR C OG1 1 
ATOM 262  C CG2 . THR B 1 61 ? 12.97681  -0.59130  -2.09491  1.000 23.16478 ? 61 THR C CG2 1 
ATOM 263  N N   . THR B 1 62 ? 14.96672  -2.13289  -4.21872  1.000 23.30609 ? 62 THR C N   1 
ATOM 264  C CA  . THR B 1 62 ? 15.04012  -3.47708  -4.77468  1.000 23.51950 ? 62 THR C CA  1 
ATOM 265  C C   . THR B 1 62 ? 14.00396  -4.40084  -4.15225  1.000 22.03243 ? 62 THR C C   1 
ATOM 266  O O   . THR B 1 62 ? 13.22510  -5.03238  -4.86808  1.000 25.43888 ? 62 THR C O   1 
ATOM 267  C CB  . THR B 1 62 ? 16.44419  -4.05567  -4.60864  1.000 22.33893 ? 62 THR C CB  1 
ATOM 268  O OG1 . THR B 1 62 ? 17.35455  -3.31232  -5.42057  1.000 24.05520 ? 62 THR C OG1 1 
ATOM 269  C CG2 . THR B 1 62 ? 16.47157  -5.50124  -5.04987  1.000 21.45666 ? 62 THR C CG2 1 
ATOM 270  N N   . ALA B 1 63 ? 13.97102  -4.49085  -2.83108  1.000 18.95030 ? 63 ALA C N   1 
ATOM 271  C CA  . ALA B 1 63 ? 12.97110  -5.29675  -2.15389  1.000 17.24503 ? 63 ALA C CA  1 
ATOM 272  C C   . ALA B 1 63 ? 12.38756  -4.49170  -1.00959  1.000 16.97405 ? 63 ALA C C   1 
ATOM 273  O O   . ALA B 1 63 ? 13.12850  -3.89189  -0.22996  1.000 18.70533 ? 63 ALA C O   1 
ATOM 274  C CB  . ALA B 1 63 ? 13.56301  -6.60665  -1.63660  1.000 16.89026 ? 63 ALA C CB  1 
ATOM 275  N N   . ALA B 1 64 ? 11.06577  -4.47891  -0.90711  1.000 14.52720 ? 64 ALA C N   1 
ATOM 276  C CA  . ALA B 1 64 ? 10.41117  -3.76830  0.17611   1.000 15.04696 ? 64 ALA C CA  1 
ATOM 277  C C   . ALA B 1 64 ? 9.12978   -4.48952  0.54290   1.000 13.19173 ? 64 ALA C C   1 
ATOM 278  O O   . ALA B 1 64 ? 8.38802   -4.92435  -0.33678  1.000 14.36258 ? 64 ALA C O   1 
ATOM 279  C CB  . ALA B 1 64 ? 10.10542  -2.31855  -0.20749  1.000 14.14385 ? 64 ALA C CB  1 
ATOM 280  N N   . GLY B 1 65 ? 8.87658   -4.61864  1.84242   1.000 13.84747 ? 65 GLY C N   1 
ATOM 281  C CA  . GLY B 1 65 ? 7.56427   -5.06327  2.27080   1.000 13.16863 ? 65 GLY C CA  1 
ATOM 282  C C   . GLY B 1 65 ? 6.47970   -4.11204  1.81483   1.000 12.59682 ? 65 GLY C C   1 
ATOM 283  O O   . GLY B 1 65 ? 5.47663   -4.52376  1.23633   1.000 14.02793 ? 65 GLY C O   1 
ATOM 284  N N   . VAL B 1 66 ? 6.68451   -2.82183  2.04433   1.000 12.18688 ? 66 VAL C N   1 
ATOM 285  C CA  . VAL B 1 66 ? 5.78040   -1.77747  1.59079   1.000 13.26817 ? 66 VAL C CA  1 
ATOM 286  C C   . VAL B 1 66 ? 6.62842   -0.64078  1.04988   1.000 12.77083 ? 66 VAL C C   1 
ATOM 287  O O   . VAL B 1 66 ? 7.54312   -0.17030  1.73107   1.000 13.59130 ? 66 VAL C O   1 
ATOM 288  C CB  . VAL B 1 66 ? 4.86032   -1.27157  2.71962   1.000 13.38609 ? 66 VAL C CB  1 
ATOM 289  C CG1 . VAL B 1 66 ? 4.09993   -0.04384  2.27180   1.000 12.39896 ? 66 VAL C CG1 1 
ATOM 290  C CG2 . VAL B 1 66 ? 3.90910   -2.36026  3.16111   1.000 10.97295 ? 66 VAL C CG2 1 
ATOM 291  N N   . ALA B 1 67 ? 6.33354   -0.20087  -0.16625  1.000 12.25268 ? 67 ALA C N   1 
ATOM 292  C CA  . ALA B 1 67 ? 7.01922   0.92564   -0.78135  1.000 14.41357 ? 67 ALA C CA  1 
ATOM 293  C C   . ALA B 1 67 ? 5.97925   1.94823   -1.20020  1.000 14.44190 ? 67 ALA C C   1 
ATOM 294  O O   . ALA B 1 67 ? 5.06220   1.62695   -1.95875  1.000 14.76919 ? 67 ALA C O   1 
ATOM 295  C CB  . ALA B 1 67 ? 7.85818   0.48005   -1.98146  1.000 12.86218 ? 67 ALA C CB  1 
ATOM 296  N N   . VAL B 1 68 ? 6.11129   3.16848   -0.70068  1.000 13.91786 ? 68 VAL C N   1 
ATOM 297  C CA  . VAL B 1 68 ? 5.16181   4.23185   -0.98316  1.000 16.10651 ? 68 VAL C CA  1 
ATOM 298  C C   . VAL B 1 68 ? 5.93121   5.47658   -1.38442  1.000 17.06717 ? 68 VAL C C   1 
ATOM 299  O O   . VAL B 1 68 ? 6.85943   5.88747   -0.68370  1.000 18.39288 ? 68 VAL C O   1 
ATOM 300  C CB  . VAL B 1 68 ? 4.25463   4.52762   0.22658   1.000 16.88295 ? 68 VAL C CB  1 
ATOM 301  C CG1 . VAL B 1 68 ? 3.30931   5.65956   -0.09592  1.000 15.60087 ? 68 VAL C CG1 1 
ATOM 302  C CG2 . VAL B 1 68 ? 3.49333   3.28469   0.64031   1.000 13.27335 ? 68 VAL C CG2 1 
ATOM 303  N N   . GLY B 1 69 ? 5.53797   6.08300   -2.49750  1.000 17.77908 ? 69 GLY C N   1 
ATOM 304  C CA  . GLY B 1 69 ? 6.14326   7.32847   -2.91044  1.000 18.43238 ? 69 GLY C CA  1 
ATOM 305  C C   . GLY B 1 69 ? 5.67633   8.51536   -2.09929  1.000 18.52406 ? 69 GLY C C   1 
ATOM 306  O O   . GLY B 1 69 ? 6.43628   9.06617   -1.30358  1.000 20.68843 ? 69 GLY C O   1 
ATOM 307  N N   . SER B 1 70 ? 4.41986   8.90227   -2.27157  1.000 18.00484 ? 70 SER C N   1 
ATOM 308  C CA  . SER B 1 70 ? 3.85137   10.05584  -1.59545  1.000 20.41944 ? 70 SER C CA  1 
ATOM 309  C C   . SER B 1 70 ? 2.48021   9.66989   -1.07187  1.000 19.89078 ? 70 SER C C   1 
ATOM 310  O O   . SER B 1 70 ? 1.70855   9.02448   -1.78264  1.000 20.22738 ? 70 SER C O   1 
ATOM 311  C CB  . SER B 1 70 ? 3.74175   11.25828  -2.53830  1.000 20.64698 ? 70 SER C CB  1 
ATOM 312  O OG  . SER B 1 70 ? 5.01007   11.66111  -3.01016  1.000 22.39509 ? 70 SER C OG  1 
ATOM 313  N N   . ALA B 1 71 ? 2.17419   10.05693  0.16012   1.000 18.53672 ? 71 ALA C N   1 
ATOM 314  C CA  . ALA B 1 71 ? 0.92458   9.62913   0.76636   1.000 17.75653 ? 71 ALA C CA  1 
ATOM 315  C C   . ALA B 1 71 ? 0.48389   10.62810  1.81795   1.000 17.81256 ? 71 ALA C C   1 
ATOM 316  O O   . ALA B 1 71 ? 1.30520   11.16283  2.55973   1.000 19.71301 ? 71 ALA C O   1 
ATOM 317  C CB  . ALA B 1 71 ? 1.05920   8.23907   1.39006   1.000 18.43281 ? 71 ALA C CB  1 
ATOM 318  N N   . VAL B 1 72 ? -0.81949  10.86419  1.87961   1.000 17.12817 ? 72 VAL C N   1 
ATOM 319  C CA  . VAL B 1 72 ? -1.41314  11.79126  2.82943   1.000 19.34932 ? 72 VAL C CA  1 
ATOM 320  C C   . VAL B 1 72 ? -2.62108  11.12105  3.45591   1.000 19.30010 ? 72 VAL C C   1 
ATOM 321  O O   . VAL B 1 72 ? -3.45660  10.55381  2.74854   1.000 20.23478 ? 72 VAL C O   1 
ATOM 322  C CB  . VAL B 1 72 ? -1.82784  13.11710  2.16171   1.000 20.62616 ? 72 VAL C CB  1 
ATOM 323  C CG1 . VAL B 1 72 ? -2.56069  13.99681  3.14853   1.000 21.67489 ? 72 VAL C CG1 1 
ATOM 324  C CG2 . VAL B 1 72 ? -0.62600  13.83153  1.59589   1.000 17.65642 ? 72 VAL C CG2 1 
ATOM 325  N N   . GLY B 1 73 ? -2.71709  11.18938  4.77341   1.000 19.20762 ? 73 GLY C N   1 
ATOM 326  C CA  . GLY B 1 73 ? -3.91481  10.75736  5.45522   1.000 20.23873 ? 73 GLY C CA  1 
ATOM 327  C C   . GLY B 1 73 ? -4.34033  11.79949  6.45589   1.000 22.24192 ? 73 GLY C C   1 
ATOM 328  O O   . GLY B 1 73 ? -3.53611  12.19564  7.29727   1.000 25.42826 ? 73 GLY C O   1 
ATOM 329  N N   . HIS B 1 74 ? -5.56917  12.28947  6.37492   1.000 22.19572 ? 74 HIS C N   1 
ATOM 330  C CA  . HIS B 1 74 ? -5.98351  13.29746  7.33164   1.000 25.25092 ? 74 HIS C CA  1 
ATOM 331  C C   . HIS B 1 74 ? -7.45995  13.17405  7.65672   1.000 25.81712 ? 74 HIS C C   1 
ATOM 332  O O   . HIS B 1 74 ? -8.25111  12.68919  6.85210   1.000 26.69889 ? 74 HIS C O   1 
ATOM 333  C CB  . HIS B 1 74 ? -5.67135  14.72071  6.84372   1.000 27.23540 ? 74 HIS C CB  1 
ATOM 334  C CG  . HIS B 1 74 ? -6.19021  15.03894  5.48268   1.000 27.29100 ? 74 HIS C CG  1 
ATOM 335  N ND1 . HIS B 1 74 ? -5.78571  14.35098  4.36061   1.000 29.38466 ? 74 HIS C ND1 1 
ATOM 336  C CD2 . HIS B 1 74 ? -7.10338  15.94411  5.06128   1.000 29.21266 ? 74 HIS C CD2 1 
ATOM 337  C CE1 . HIS B 1 74 ? -6.41623  14.82879  3.30348   1.000 31.11525 ? 74 HIS C CE1 1 
ATOM 338  N NE2 . HIS B 1 74 ? -7.22226  15.79627  3.70101   1.000 33.60987 ? 74 HIS C NE2 1 
ATOM 339  N N   . THR B 1 75 ? -7.81503  13.61176  8.85666   1.000 25.75676 ? 75 THR C N   1 
ATOM 340  C CA  . THR B 1 75 ? -9.19226  13.65286  9.31640   1.000 24.85427 ? 75 THR C CA  1 
ATOM 341  C C   . THR B 1 75 ? -9.55908  15.09572  9.60126   1.000 26.75673 ? 75 THR C C   1 
ATOM 342  O O   . THR B 1 75 ? -8.78155  15.82617  10.21811  1.000 29.99212 ? 75 THR C O   1 
ATOM 343  C CB  . THR B 1 75 ? -9.39441  12.81043  10.57282  1.000 25.84912 ? 75 THR C CB  1 
ATOM 344  O OG1 . THR B 1 75 ? -8.76854  13.45769  11.68523  1.000 28.49485 ? 75 THR C OG1 1 
ATOM 345  C CG2 . THR B 1 75 ? -8.81673  11.42425  10.40262  1.000 25.56732 ? 75 THR C CG2 1 
ATOM 346  N N   . LEU B 1 76 ? -10.73183 15.50374  9.14490   1.000 27.96855 ? 76 LEU C N   1 
ATOM 347  C CA  . LEU B 1 76 ? -11.25686 16.83492  9.39393   1.000 29.84559 ? 76 LEU C CA  1 
ATOM 348  C C   . LEU B 1 76 ? -12.59286 16.68647  10.10431  1.000 33.46029 ? 76 LEU C C   1 
ATOM 349  O O   . LEU B 1 76 ? -13.44831 15.91167  9.66637   1.000 34.59137 ? 76 LEU C O   1 
ATOM 350  C CB  . LEU B 1 76 ? -11.40552 17.61172  8.08382   1.000 31.12398 ? 76 LEU C CB  1 
ATOM 351  C CG  . LEU B 1 76 ? -11.48336 19.13947  8.09886   1.000 31.43613 ? 76 LEU C CG  1 
ATOM 352  C CD1 . LEU B 1 76 ? -11.28003 19.67462  6.70259   1.000 30.05082 ? 76 LEU C CD1 1 
ATOM 353  C CD2 . LEU B 1 76 ? -12.81128 19.62639  8.63688   1.000 31.88436 ? 76 LEU C CD2 1 
ATOM 354  N N   . GLY B 1 77 ? -12.76313 17.41194  11.20325  1.000 34.56643 ? 77 GLY C N   1 
ATOM 355  C CA  . GLY B 1 77 ? -14.00598 17.36629  11.94313  1.000 33.83237 ? 77 GLY C CA  1 
ATOM 356  C C   . GLY B 1 77 ? -13.90398 16.55831  13.21567  1.000 36.24385 ? 77 GLY C C   1 
ATOM 357  O O   . GLY B 1 77 ? -13.30413 17.00538  14.19387  1.000 41.49536 ? 77 GLY C O   1 
ATOM 358  N N   . HIS B 1 78 ? -14.49049 15.36634  13.21611  1.000 37.28894 ? 78 HIS C N   1 
ATOM 359  C CA  . HIS B 1 78 ? -14.50134 14.48837  14.37754  1.000 38.36459 ? 78 HIS C CA  1 
ATOM 360  C C   . HIS B 1 78 ? -14.11421 13.09061  13.93791  1.000 37.03349 ? 78 HIS C C   1 
ATOM 361  O O   . HIS B 1 78 ? -14.74556 12.52286  13.04367  1.000 39.72804 ? 78 HIS C O   1 
ATOM 362  C CB  . HIS B 1 78 ? -15.87993 14.46126  15.04069  1.000 39.10292 ? 78 HIS C CB  1 
ATOM 363  C CG  . HIS B 1 78 ? -16.11202 15.58308  15.99745  1.000 41.03790 ? 78 HIS C CG  1 
ATOM 364  N ND1 . HIS B 1 78 ? -15.86463 15.47234  17.34718  1.000 44.20078 ? 78 HIS C ND1 1 
ATOM 365  C CD2 . HIS B 1 78 ? -16.55597 16.84514  15.79724  1.000 42.18978 ? 78 HIS C CD2 1 
ATOM 366  C CE1 . HIS B 1 78 ? -16.15538 16.61607  17.93946  1.000 46.60959 ? 78 HIS C CE1 1 
ATOM 367  N NE2 . HIS B 1 78 ? -16.57576 17.46591  17.02117  1.000 46.17193 ? 78 HIS C NE2 1 
ATOM 368  N N   . ALA B 1 79 ? -13.09373 12.53349  14.57015  1.000 35.03043 ? 79 ALA C N   1 
ATOM 369  C CA  . ALA B 1 79 ? -12.63959 11.19248  14.25465  1.000 34.30612 ? 79 ALA C CA  1 
ATOM 370  C C   . ALA B 1 79 ? -12.42154 10.44001  15.55181  1.000 33.63717 ? 79 ALA C C   1 
ATOM 371  O O   . ALA B 1 79 ? -11.80558 10.96631  16.48061  1.000 36.36722 ? 79 ALA C O   1 
ATOM 372  C CB  . ALA B 1 79 ? -11.35530 11.22168  13.42266  1.000 32.74709 ? 79 ALA C CB  1 
ATOM 373  N N   . ILE B 1 80 ? -12.94254 9.22316   15.62083  1.000 33.70280 ? 80 ILE C N   1 
ATOM 374  C CA  . ILE B 1 80 ? -12.79456 8.36812   16.78843  1.000 34.51786 ? 80 ILE C CA  1 
ATOM 375  C C   . ILE B 1 80 ? -12.28600 7.02084   16.31568  1.000 33.02913 ? 80 ILE C C   1 
ATOM 376  O O   . ILE B 1 80 ? -12.88613 6.40464   15.42962  1.000 35.99447 ? 80 ILE C O   1 
ATOM 377  C CB  . ILE B 1 80 ? -14.11185 8.20347   17.56383  1.000 34.40821 ? 80 ILE C CB  1 
ATOM 378  C CG1 . ILE B 1 80 ? -14.62263 9.55788   18.04615  1.000 33.99819 ? 80 ILE C CG1 1 
ATOM 379  C CG2 . ILE B 1 80 ? -13.92478 7.25034   18.72335  1.000 32.64908 ? 80 ILE C CG2 1 
ATOM 380  C CD1 . ILE B 1 80 ? -16.11088 9.59791   18.26496  1.000 32.78815 ? 80 ILE C CD1 1 
ATOM 381  N N   . THR B 1 81 ? -11.18756 6.56695   16.89888  1.000 30.69791 ? 81 THR C N   1 
ATOM 382  C CA  . THR B 1 81 ? -10.62149 5.26658   16.59304  1.000 31.85109 ? 81 THR C CA  1 
ATOM 383  C C   . THR B 1 81 ? -10.73535 4.38485   17.82324  1.000 31.90499 ? 81 THR C C   1 
ATOM 384  O O   . THR B 1 81 ? -10.27117 4.76010   18.90161  1.000 33.39629 ? 81 THR C O   1 
ATOM 385  C CB  . THR B 1 81 ? -9.15769  5.38447   16.16567  1.000 33.26009 ? 81 THR C CB  1 
ATOM 386  O OG1 . THR B 1 81 ? -9.04865  6.29499   15.06804  1.000 37.99041 ? 81 THR C OG1 1 
ATOM 387  C CG2 . THR B 1 81 ? -8.63352  4.03959   15.73937  1.000 30.45432 ? 81 THR C CG2 1 
ATOM 388  N N   . GLY B 1 82 ? -11.34899 3.21871   17.66078  1.000 31.40192 ? 82 GLY C N   1 
ATOM 389  C CA  . GLY B 1 82 ? -11.45465 2.29389   18.77180  1.000 30.84975 ? 82 GLY C CA  1 
ATOM 390  C C   . GLY B 1 82 ? -10.11090 1.66936   19.09899  1.000 30.04748 ? 82 GLY C C   1 
ATOM 391  O O   . GLY B 1 82 ? -9.29226  1.40671   18.21871  1.000 32.42330 ? 82 GLY C O   1 
ATOM 392  N N   . GLY B 1 83 ? -9.89080  1.42290   20.38159  1.000 28.45611 ? 83 GLY C N   1 
ATOM 393  C CA  . GLY B 1 83 ? -8.68658  0.78260   20.85562  1.000 27.68102 ? 83 GLY C CA  1 
ATOM 394  C C   . GLY B 1 83 ? -8.85604  -0.71051  21.02048  1.000 27.81899 ? 83 GLY C C   1 
ATOM 395  O O   . GLY B 1 83 ? -9.72324  -1.33939  20.41100  1.000 27.93529 ? 83 GLY C O   1 
ATOM 396  N N   . PHE B 1 84 ? -8.00853  -1.28426  21.86329  1.000 29.86601 ? 84 PHE C N   1 
ATOM 397  C CA  . PHE B 1 84 ? -7.96802  -2.71870  22.10711  1.000 29.96372 ? 84 PHE C CA  1 
ATOM 398  C C   . PHE B 1 84 ? -8.37986  -2.97929  23.54808  1.000 32.57061 ? 84 PHE C C   1 
ATOM 399  O O   . PHE B 1 84 ? -7.79190  -2.41491  24.47428  1.000 35.63653 ? 84 PHE C O   1 
ATOM 400  C CB  . PHE B 1 84 ? -6.56796  -3.26865  21.83692  1.000 27.34781 ? 84 PHE C CB  1 
ATOM 401  C CG  . PHE B 1 84 ? -6.19363  -3.28053  20.38622  1.000 26.42013 ? 84 PHE C CG  1 
ATOM 402  C CD1 . PHE B 1 84 ? -5.90751  -2.10359  19.72409  1.000 24.92075 ? 84 PHE C CD1 1 
ATOM 403  C CD2 . PHE B 1 84 ? -6.11259  -4.46802  19.68895  1.000 25.40217 ? 84 PHE C CD2 1 
ATOM 404  C CE1 . PHE B 1 84 ? -5.56654  -2.11156  18.39623  1.000 24.10622 ? 84 PHE C CE1 1 
ATOM 405  C CE2 . PHE B 1 84 ? -5.76838  -4.47789  18.35943  1.000 23.54682 ? 84 PHE C CE2 1 
ATOM 406  C CZ  . PHE B 1 84 ? -5.49722  -3.29926  17.71421  1.000 23.92747 ? 84 PHE C CZ  1 
ATOM 407  N N   . SER B 1 85 ? -9.38254  -3.82760  23.73696  1.000 35.40179 ? 85 SER C N   1 
ATOM 408  C CA  . SER B 1 85 ? -9.87792  -4.16354  25.06233  1.000 37.68598 ? 85 SER C CA  1 
ATOM 409  C C   . SER B 1 85 ? -9.97412  -5.67356  25.20770  1.000 40.83292 ? 85 SER C C   1 
ATOM 410  O O   . SER B 1 85 ? -10.10652 -6.39824  24.22000  1.000 41.26880 ? 85 SER C O   1 
ATOM 411  C CB  . SER B 1 85 ? -11.23628 -3.52356  25.32886  1.000 36.90149 ? 85 SER C CB  1 
ATOM 412  O OG  . SER B 1 85 ? -11.31855 -2.24812  24.73061  1.000 38.33590 ? 85 SER C OG  1 
ATOM 413  N N   . GLY B 1 86 ? -9.89974  -6.14220  26.44768  1.000 41.92537 ? 86 GLY C N   1 
ATOM 414  C CA  . GLY B 1 86 ? -9.93672  -7.56439  26.73437  1.000 43.78560 ? 86 GLY C CA  1 
ATOM 415  C C   . GLY B 1 86 ? -11.32320 -8.09638  27.03998  1.000 45.54955 ? 86 GLY C C   1 
ATOM 416  O O   . GLY B 1 86 ? -12.26990 -7.32879  27.20464  1.000 44.84450 ? 86 GLY C O   1 
ATOM 417  N N   . GLY C 1 54 ? -3.01952  17.00256  -9.39369  1.000 29.01305 ? 54 GLY B N   1 
ATOM 418  C CA  . GLY C 1 54 ? -3.48720  16.32326  -8.20385  1.000 27.44263 ? 54 GLY B CA  1 
ATOM 419  C C   . GLY C 1 54 ? -2.54527  15.22899  -7.75573  1.000 26.97816 ? 54 GLY B C   1 
ATOM 420  O O   . GLY C 1 54 ? -1.64408  15.47298  -6.96570  1.000 29.14581 ? 54 GLY B O   1 
ATOM 421  N N   . LEU C 1 55 ? -2.76036  14.01728  -8.25773  1.000 25.80001 ? 55 LEU B N   1 
ATOM 422  C CA  . LEU C 1 55 ? -1.90763  12.87435  -7.97180  1.000 23.74605 ? 55 LEU B CA  1 
ATOM 423  C C   . LEU C 1 55 ? -1.28999  12.39712  -9.27559  1.000 25.12074 ? 55 LEU B C   1 
ATOM 424  O O   . LEU C 1 55 ? -2.00712  12.13518  -10.24372 1.000 27.72237 ? 55 LEU B O   1 
ATOM 425  C CB  . LEU C 1 55 ? -2.69785  11.73978  -7.32547  1.000 24.13651 ? 55 LEU B CB  1 
ATOM 426  C CG  . LEU C 1 55 ? -3.01026  11.79695  -5.83165  1.000 24.21953 ? 55 LEU B CG  1 
ATOM 427  C CD1 . LEU C 1 55 ? -4.16729  12.72345  -5.57041  1.000 22.70442 ? 55 LEU B CD1 1 
ATOM 428  C CD2 . LEU C 1 55 ? -3.30643  10.41240  -5.29448  1.000 23.17039 ? 55 LEU B CD2 1 
ATOM 429  N N   . MET C 1 56 ? 0.02896   12.28143  -9.30253  1.000 25.01115 ? 56 MET B N   1 
ATOM 430  C CA  . MET C 1 56 ? 0.73608   11.75285  -10.45767 1.000 24.41956 ? 56 MET B CA  1 
ATOM 431  C C   . MET C 1 56 ? 1.72005   10.69370  -9.99188  1.000 23.56335 ? 56 MET B C   1 
ATOM 432  O O   . MET C 1 56 ? 2.37267   10.85940  -8.95994  1.000 25.72292 ? 56 MET B O   1 
ATOM 433  C CB  . MET C 1 56 ? 1.45524   12.86352  -11.22015 1.000 25.91879 ? 56 MET B CB  1 
ATOM 434  C CG  . MET C 1 56 ? 1.98155   12.43544  -12.57061 1.000 29.54849 ? 56 MET B CG  1 
ATOM 435  S SD  . MET C 1 56 ? 3.08974   13.64882  -13.30479 1.000 55.15240 ? 56 MET B SD  1 
ATOM 436  C CE  . MET C 1 56 ? 2.54597   15.14654  -12.48766 1.000 42.82806 ? 56 MET B CE  1 
ATOM 437  N N   . ALA C 1 57 ? 1.81781   9.60347   -10.74177 1.000 21.58903 ? 57 ALA B N   1 
ATOM 438  C CA  . ALA C 1 57 ? 2.74701   8.53587   -10.40960 1.000 19.64943 ? 57 ALA B CA  1 
ATOM 439  C C   . ALA C 1 57 ? 3.32213   7.94528   -11.68573 1.000 18.13961 ? 57 ALA B C   1 
ATOM 440  O O   . ALA C 1 57 ? 2.57932   7.64542   -12.62043 1.000 19.89031 ? 57 ALA B O   1 
ATOM 441  C CB  . ALA C 1 57 ? 2.06427   7.45033   -9.58388  1.000 18.28014 ? 57 ALA B CB  1 
ATOM 442  N N   . GLN C 1 58 ? 4.63717   7.79064   -11.72563 1.000 17.46087 ? 58 GLN B N   1 
ATOM 443  C CA  . GLN C 1 58 ? 5.31804   7.01672   -12.75696 1.000 16.97849 ? 58 GLN B CA  1 
ATOM 444  C C   . GLN C 1 58 ? 6.05255   5.88999   -12.04609 1.000 17.32329 ? 58 GLN B C   1 
ATOM 445  O O   . GLN C 1 58 ? 7.04065   6.13514   -11.35113 1.000 17.55871 ? 58 GLN B O   1 
ATOM 446  C CB  . GLN C 1 58 ? 6.27997   7.88319   -13.56069 1.000 16.18472 ? 58 GLN B CB  1 
ATOM 447  C CG  . GLN C 1 58 ? 5.61668   9.01767   -14.29955 1.000 18.38182 ? 58 GLN B CG  1 
ATOM 448  C CD  . GLN C 1 58 ? 6.60046   9.83382   -15.09844 1.000 19.16687 ? 58 GLN B CD  1 
ATOM 449  O OE1 . GLN C 1 58 ? 7.55268   10.37527  -14.55426 1.000 22.38684 ? 58 GLN B OE1 1 
ATOM 450  N NE2 . GLN C 1 58 ? 6.36795   9.93773   -16.39535 1.000 20.94181 ? 58 GLN B NE2 1 
ATOM 451  N N   . MET C 1 59 ? 5.56616   4.66382   -12.19733 1.000 17.08519 ? 59 MET B N   1 
ATOM 452  C CA  . MET C 1 59 ? 6.08990   3.53787   -11.44196 1.000 17.68909 ? 59 MET B CA  1 
ATOM 453  C C   . MET C 1 59 ? 6.54502   2.44328   -12.38532 1.000 19.17835 ? 59 MET B C   1 
ATOM 454  O O   . MET C 1 59 ? 5.81231   2.05684   -13.29805 1.000 21.66846 ? 59 MET B O   1 
ATOM 455  C CB  . MET C 1 59 ? 5.05121   2.96871   -10.47942 1.000 18.64381 ? 59 MET B CB  1 
ATOM 456  C CG  . MET C 1 59 ? 4.52207   3.96230   -9.47762  1.000 19.74260 ? 59 MET B CG  1 
ATOM 457  S SD  . MET C 1 59 ? 3.06264   3.37422   -8.61910  1.000 29.59324 ? 59 MET B SD  1 
ATOM 458  C CE  . MET C 1 59 ? 3.57104   1.71018   -8.18870  1.000 21.21167 ? 59 MET B CE  1 
ATOM 459  N N   . ALA C 1 60 ? 7.74859   1.94191   -12.15468 1.000 19.53529 ? 60 ALA B N   1 
ATOM 460  C CA  . ALA C 1 60 ? 8.24809   0.75054   -12.81908 1.000 21.79083 ? 60 ALA B CA  1 
ATOM 461  C C   . ALA C 1 60 ? 8.47977   -0.30099  -11.74863 1.000 22.20524 ? 60 ALA B C   1 
ATOM 462  O O   . ALA C 1 60 ? 9.24316   -0.07336  -10.80748 1.000 23.38786 ? 60 ALA B O   1 
ATOM 463  C CB  . ALA C 1 60 ? 9.53031   1.03993   -13.59976 1.000 19.88828 ? 60 ALA B CB  1 
ATOM 464  N N   . THR C 1 61 ? 7.80817   -1.43544  -11.88196 1.000 21.68359 ? 61 THR B N   1 
ATOM 465  C CA  . THR C 1 61 ? 7.83710   -2.48691  -10.88209 1.000 22.96872 ? 61 THR B CA  1 
ATOM 466  C C   . THR C 1 61 ? 7.98234   -3.81823  -11.59352 1.000 24.34706 ? 61 THR B C   1 
ATOM 467  O O   . THR C 1 61 ? 7.43302   -4.00851  -12.67794 1.000 27.40234 ? 61 THR B O   1 
ATOM 468  C CB  . THR C 1 61 ? 6.55136   -2.48304  -10.02540 1.000 27.39073 ? 61 THR B CB  1 
ATOM 469  O OG1 . THR C 1 61 ? 6.23231   -1.14416  -9.62773  1.000 26.17421 ? 61 THR B OG1 1 
ATOM 470  C CG2 . THR C 1 61 ? 6.72141   -3.33799  -8.78246  1.000 23.16478 ? 61 THR B CG2 1 
ATOM 471  N N   . THR C 1 62 ? 8.72177   -4.74153  -10.99050 1.000 23.30609 ? 62 THR B N   1 
ATOM 472  C CA  . THR C 1 62 ? 8.83015   -6.06398  -11.59107 1.000 23.51950 ? 62 THR B CA  1 
ATOM 473  C C   . THR C 1 62 ? 7.83792   -7.04231  -10.98055 1.000 22.03243 ? 62 THR B C   1 
ATOM 474  O O   . THR C 1 62 ? 7.06749   -7.67724  -11.70247 1.000 25.43888 ? 62 THR B O   1 
ATOM 475  C CB  . THR C 1 62 ? 10.25594  -6.59877  -11.46905 1.000 22.33893 ? 62 THR B CB  1 
ATOM 476  O OG1 . THR C 1 62 ? 11.12498  -5.79895  -12.27256 1.000 24.05520 ? 62 THR B OG1 1 
ATOM 477  C CG2 . THR C 1 62 ? 10.32397  -8.02774  -11.95745 1.000 21.45666 ? 62 THR B CG2 1 
ATOM 478  N N   . ALA C 1 63 ? 7.83316   -7.17546  -9.66262  1.000 18.95030 ? 63 ALA B N   1 
ATOM 479  C CA  . ALA C 1 63 ? 6.87420   -8.03657  -8.99420  1.000 17.24503 ? 63 ALA B CA  1 
ATOM 480  C C   . ALA C 1 63 ? 6.28553   -7.28900  -7.81408  1.000 16.97405 ? 63 ALA B C   1 
ATOM 481  O O   . ALA C 1 63 ? 7.02037   -6.68913  -7.02876  1.000 18.70533 ? 63 ALA B O   1 
ATOM 482  C CB  . ALA C 1 63 ? 7.51991   -9.34108  -8.53042  1.000 16.89026 ? 63 ALA B CB  1 
ATOM 483  N N   . ALA C 1 64 ? 4.96625   -7.32512  -7.68761  1.000 14.52720 ? 64 ALA B N   1 
ATOM 484  C CA  . ALA C 1 64 ? 4.30861   -6.67239  -6.57033  1.000 15.04696 ? 64 ALA B CA  1 
ATOM 485  C C   . ALA C 1 64 ? 3.05960   -7.44874  -6.20432  1.000 13.19173 ? 64 ALA B C   1 
ATOM 486  O O   . ALA C 1 64 ? 2.31646   -7.88065  -7.08425  1.000 14.36258 ? 64 ALA B O   1 
ATOM 487  C CB  . ALA C 1 64 ? 3.94663   -5.22257  -6.90109  1.000 14.14385 ? 64 ALA B CB  1 
ATOM 488  N N   . GLY C 1 65 ? 2.83567   -7.62786  -4.90535  1.000 13.84747 ? 65 GLY B N   1 
ATOM 489  C CA  . GLY C 1 65 ? 1.54757   -8.13095  -4.46824  1.000 13.16863 ? 65 GLY B CA  1 
ATOM 490  C C   . GLY C 1 65 ? 0.42289   -7.20366  -4.87358  1.000 12.59682 ? 65 GLY B C   1 
ATOM 491  O O   . GLY C 1 65 ? -0.57644  -7.63111  -5.44712  1.000 14.02793 ? 65 GLY B O   1 
ATOM 492  N N   . VAL C 1 66 ? 0.58814   -5.91513  -4.60598  1.000 12.18688 ? 66 VAL B N   1 
ATOM 493  C CA  . VAL C 1 66 ? -0.35933  -4.88867  -5.00909  1.000 13.26817 ? 66 VAL B CA  1 
ATOM 494  C C   . VAL C 1 66 ? 0.43924   -3.70672  -5.52787  1.000 12.77083 ? 66 VAL B C   1 
ATOM 495  O O   . VAL C 1 66 ? 1.35020   -3.22690  -4.84822  1.000 13.59130 ? 66 VAL B O   1 
ATOM 496  C CB  . VAL C 1 66 ? -1.27443  -4.45106  -3.84814  1.000 13.38609 ? 66 VAL B CB  1 
ATOM 497  C CG1 . VAL C 1 66 ? -2.08439  -3.23664  -4.24216  1.000 12.39896 ? 66 VAL B CG1 1 
ATOM 498  C CG2 . VAL C 1 66 ? -2.17961  -5.58544  -3.42532  1.000 10.97295 ? 66 VAL B CG2 1 
ATOM 499  N N   . ALA C 1 67 ? 0.10656   -3.23873  -6.72359  1.000 12.25268 ? 67 ALA B N   1 
ATOM 500  C CA  . ALA C 1 67 ? 0.74182   -2.07020  -7.31393  1.000 14.41357 ? 67 ALA B CA  1 
ATOM 501  C C   . ALA C 1 67 ? -0.34000  -1.07129  -7.68066  1.000 14.44190 ? 67 ALA B C   1 
ATOM 502  O O   . ALA C 1 67 ? -1.25987  -1.39970  -8.43273  1.000 14.76919 ? 67 ALA B O   1 
ATOM 503  C CB  . ALA C 1 67 ? 1.57246   -2.44811  -8.54271  1.000 12.86218 ? 67 ALA B CB  1 
ATOM 504  N N   . VAL C 1 68 ? -0.23997  0.13626   -7.14419  1.000 13.91786 ? 68 VAL B N   1 
ATOM 505  C CA  . VAL C 1 68 ? -1.23017  1.17469   -7.37493  1.000 16.10651 ? 68 VAL B CA  1 
ATOM 506  C C   . VAL C 1 68 ? -0.51120  2.45738   -7.74923  1.000 17.06717 ? 68 VAL B C   1 
ATOM 507  O O   . VAL C 1 68 ? 0.41570   2.87753   -7.05225  1.000 18.39288 ? 68 VAL B O   1 
ATOM 508  C CB  . VAL C 1 68 ? -2.12372  1.40028   -6.14018  1.000 16.88295 ? 68 VAL B CB  1 
ATOM 509  C CG1 . VAL C 1 68 ? -3.11286  2.50861   -6.40878  1.000 15.60087 ? 68 VAL B CG1 1 
ATOM 510  C CG2 . VAL C 1 68 ? -2.83443  0.11926   -5.75352  1.000 13.27335 ? 68 VAL B CG2 1 
ATOM 511  N N   . GLY C 1 69 ? -0.94584  3.08502   -8.83481  1.000 17.77908 ? 69 GLY B N   1 
ATOM 512  C CA  . GLY C 1 69 ? -0.39109  4.36318   -9.21782  1.000 18.43238 ? 69 GLY B CA  1 
ATOM 513  C C   . GLY C 1 69 ? -0.88252  5.50679   -8.36032  1.000 18.52406 ? 69 GLY B C   1 
ATOM 514  O O   . GLY C 1 69 ? -0.12673  6.05787   -7.56084  1.000 20.68843 ? 69 GLY B O   1 
ATOM 515  N N   . SER C 1 70 ? -2.15444  5.85539   -8.49743  1.000 18.00484 ? 70 SER B N   1 
ATOM 516  C CA  . SER C 1 70 ? -2.74879  6.96653   -7.77412  1.000 20.41944 ? 70 SER B CA  1 
ATOM 517  C C   . SER C 1 70 ? -4.09588  6.51700   -7.23891  1.000 19.89078 ? 70 SER B C   1 
ATOM 518  O O   . SER C 1 70 ? -4.85857  5.86832   -7.95636  1.000 20.22738 ? 70 SER B O   1 
ATOM 519  C CB  . SER C 1 70 ? -2.91702  8.19389   -8.67528  1.000 20.64698 ? 70 SER B CB  1 
ATOM 520  O OG  . SER C 1 70 ? -1.67229  8.65509   -9.15641  1.000 22.39509 ? 70 SER B OG  1 
ATOM 521  N N   . ALA C 1 71 ? -4.39141  6.85379   -5.98970  1.000 18.53672 ? 71 ALA B N   1 
ATOM 522  C CA  . ALA C 1 71 ? -5.61405  6.36402   -5.37543  1.000 17.75653 ? 71 ALA B CA  1 
ATOM 523  C C   . ALA C 1 71 ? -6.06830  7.31316   -4.28422  1.000 17.81256 ? 71 ALA B C   1 
ATOM 524  O O   . ALA C 1 71 ? -5.25168  7.85202   -3.54027  1.000 19.71301 ? 71 ALA B O   1 
ATOM 525  C CB  . ALA C 1 71 ? -5.42054  4.96026   -4.79975  1.000 18.43281 ? 71 ALA B CB  1 
ATOM 526  N N   . VAL C 1 72 ? -7.37755  7.50205   -4.19162  1.000 17.12817 ? 72 VAL B N   1 
ATOM 527  C CA  . VAL C 1 72 ? -7.98415  8.37734   -3.20170  1.000 19.34932 ? 72 VAL B CA  1 
ATOM 528  C C   . VAL C 1 72 ? -9.15656  7.64622   -2.57583  1.000 19.30010 ? 72 VAL B C   1 
ATOM 529  O O   . VAL C 1 72 ? -9.98563  7.07331   -3.28620  1.000 20.23478 ? 72 VAL B O   1 
ATOM 530  C CB  . VAL C 1 72 ? -8.45620  9.70868   -3.81846  1.000 20.62616 ? 72 VAL B CB  1 
ATOM 531  C CG1 . VAL C 1 72 ? -9.19959  10.53068  -2.79062  1.000 21.67489 ? 72 VAL B CG1 1 
ATOM 532  C CG2 . VAL C 1 72 ? -7.29025  10.48183  -4.38218  1.000 17.65642 ? 72 VAL B CG2 1 
ATOM 533  N N   . GLY C 1 73 ? -9.22978  7.66918   -1.25529  1.000 19.20762 ? 73 GLY B N   1 
ATOM 534  C CA  . GLY C 1 73 ? -10.39899 7.17458   -0.56656  1.000 20.23873 ? 73 GLY B CA  1 
ATOM 535  C C   . GLY C 1 73 ? -10.84054 8.16898   0.47490   1.000 22.24192 ? 73 GLY B C   1 
ATOM 536  O O   . GLY C 1 73 ? -10.03439 8.56565   1.31419   1.000 25.42826 ? 73 GLY B O   1 
ATOM 537  N N   . HIS C 1 74 ? -12.08661 8.61859   0.43189   1.000 22.19572 ? 74 HIS B N   1 
ATOM 538  C CA  . HIS C 1 74 ? -12.51666 9.58068   1.42812   1.000 25.25092 ? 74 HIS B CA  1 
ATOM 539  C C   . HIS C 1 74 ? -13.98163 9.39610   1.77537   1.000 25.81712 ? 74 HIS B C   1 
ATOM 540  O O   . HIS C 1 74 ? -14.77101 8.91010   0.96970   1.000 26.69889 ? 74 HIS B O   1 
ATOM 541  C CB  . HIS C 1 74 ? -12.26228 11.02868  0.98120   1.000 27.23540 ? 74 HIS B CB  1 
ATOM 542  C CG  . HIS C 1 74 ? -12.81739 11.37202  -0.35929  1.000 27.29100 ? 74 HIS B CG  1 
ATOM 543  N ND1 . HIS C 1 74 ? -12.41116 10.73453  -1.51017  1.000 29.38466 ? 74 HIS B ND1 1 
ATOM 544  C CD2 . HIS C 1 74 ? -13.76858 12.25809  -0.73465  1.000 29.21266 ? 74 HIS B CD2 1 
ATOM 545  C CE1 . HIS C 1 74 ? -13.07749 11.22373  -2.53978  1.000 31.11525 ? 74 HIS B CE1 1 
ATOM 546  N NE2 . HIS C 1 74 ? -13.90818 12.14966  -2.09665  1.000 33.60987 ? 74 HIS B NE2 1 
ATOM 547  N N   . THR C 1 75 ? -14.32850 9.78283   2.99506   1.000 25.75676 ? 75 THR B N   1 
ATOM 548  C CA  . THR C 1 75 ? -15.69735 9.76171   3.48046   1.000 24.85427 ? 75 THR B CA  1 
ATOM 549  C C   . THR C 1 75 ? -16.10742 11.18123  3.81857   1.000 26.75673 ? 75 THR B C   1 
ATOM 550  O O   . THR C 1 75 ? -15.34354 11.91805  4.44482   1.000 29.99212 ? 75 THR B O   1 
ATOM 551  C CB  . THR C 1 75 ? -15.84691 8.87319   4.71225   1.000 25.84912 ? 75 THR B CB  1 
ATOM 552  O OG1 . THR C 1 75 ? -15.22234 9.50589   5.83373   1.000 28.49485 ? 75 THR B OG1 1 
ATOM 553  C CG2 . THR C 1 75 ? -15.22588 7.51390   4.48679   1.000 25.56732 ? 75 THR B CG2 1 
ATOM 554  N N   . LEU C 1 76 ? -17.30179 11.56287  3.39676   1.000 27.96855 ? 76 LEU B N   1 
ATOM 555  C CA  . LEU C 1 76 ? -17.86685 12.86653  3.69827   1.000 29.84559 ? 76 LEU B CA  1 
ATOM 556  C C   . LEU C 1 76 ? -19.18331 12.64950  4.42723   1.000 33.46029 ? 76 LEU B C   1 
ATOM 557  O O   . LEU C 1 76 ? -20.02015 11.85996  3.97973   1.000 34.59137 ? 76 LEU B O   1 
ATOM 558  C CB  . LEU C 1 76 ? -18.06662 13.67908  2.41696   1.000 31.12398 ? 76 LEU B CB  1 
ATOM 559  C CG  . LEU C 1 76 ? -18.19595 15.20198  2.48303   1.000 31.43613 ? 76 LEU B CG  1 
ATOM 560  C CD1 . LEU C 1 76 ? -18.03744 15.78805  1.10147   1.000 30.05082 ? 76 LEU B CD1 1 
ATOM 561  C CD2 . LEU C 1 76 ? -19.52915 15.62539  3.06026   1.000 31.88436 ? 76 LEU B CD2 1 
ATOM 562  N N   . GLY C 1 77 ? -19.35718 13.33327  5.55204   1.000 34.56643 ? 77 GLY B N   1 
ATOM 563  C CA  . GLY C 1 77 ? -20.58349 13.22120  6.31216   1.000 33.83237 ? 77 GLY B CA  1 
ATOM 564  C C   . GLY C 1 77 ? -20.43000 12.37708  7.55576   1.000 36.24385 ? 77 GLY B C   1 
ATOM 565  O O   . GLY C 1 77 ? -19.82719 12.81319  8.53706   1.000 41.49536 ? 77 GLY B O   1 
ATOM 566  N N   . HIS C 1 78 ? -20.97563 11.16617  7.52795   1.000 37.28894 ? 78 HIS B N   1 
ATOM 567  C CA  . HIS C 1 78 ? -20.93462 10.25179  8.66024   1.000 38.36459 ? 78 HIS B CA  1 
ATOM 568  C C   . HIS C 1 78 ? -20.50873 8.88295   8.16857   1.000 37.03349 ? 78 HIS B C   1 
ATOM 569  O O   . HIS C 1 78 ? -21.13732 8.32252   7.26780   1.000 39.72804 ? 78 HIS B O   1 
ATOM 570  C CB  . HIS C 1 78 ? -22.29866 10.15599  9.34672   1.000 39.10292 ? 78 HIS B CB  1 
ATOM 571  C CG  . HIS C 1 78 ? -22.55046 11.23808  10.34343  1.000 41.03790 ? 78 HIS B CG  1 
ATOM 572  N ND1 . HIS C 1 78 ? -22.27387 11.09299  11.68420  1.000 44.20078 ? 78 HIS B ND1 1 
ATOM 573  C CD2 . HIS C 1 78 ? -23.04069 12.48981  10.19230  1.000 42.18978 ? 78 HIS B CD2 1 
ATOM 574  C CE1 . HIS C 1 78 ? -22.59196 12.20655  12.31844  1.000 46.60959 ? 78 HIS B CE1 1 
ATOM 575  N NE2 . HIS C 1 78 ? -23.05828 13.07020  11.43592  1.000 46.17193 ? 78 HIS B NE2 1 
ATOM 576  N N   . ALA C 1 79 ? -19.45811 8.34151   8.76401   1.000 35.03043 ? 79 ALA B N   1 
ATOM 577  C CA  . ALA C 1 79 ? -18.96482 7.02771   8.39702   1.000 34.30612 ? 79 ALA B CA  1 
ATOM 578  C C   . ALA C 1 79 ? -18.69679 6.24227   9.66495   1.000 33.63717 ? 79 ALA B C   1 
ATOM 579  O O   . ALA C 1 79 ? -18.08151 6.75966   10.59919  1.000 36.36722 ? 79 ALA B O   1 
ATOM 580  C CB  . ALA C 1 79 ? -17.69830 7.12771   7.54359   1.000 32.74709 ? 79 ALA B CB  1 
ATOM 581  N N   . ILE C 1 80 ? -19.17480 5.00657   9.70369   1.000 33.70280 ? 80 ILE B N   1 
ATOM 582  C CA  . ILE C 1 80 ? -18.97576 4.12038   10.84006  1.000 34.51786 ? 80 ILE B CA  1 
ATOM 583  C C   . ILE C 1 80 ? -18.43086 2.80721   10.31476  1.000 33.02913 ? 80 ILE B C   1 
ATOM 584  O O   . ILE C 1 80 ? -19.02647 2.19921   9.42003   1.000 35.99447 ? 80 ILE B O   1 
ATOM 585  C CB  . ILE C 1 80 ? -20.27175 3.88574   11.63316  1.000 34.40821 ? 80 ILE B CB  1 
ATOM 586  C CG1 . ILE C 1 80 ? -20.81892 5.20565   12.16829  1.000 33.99819 ? 80 ILE B CG1 1 
ATOM 587  C CG2 . ILE C 1 80 ? -20.03046 2.90318   12.75755  1.000 32.64908 ? 80 ILE B CG2 1 
ATOM 588  C CD1 . ILE C 1 80 ? -22.30324 5.18731   12.41486  1.000 32.78815 ? 80 ILE B CD1 1 
ATOM 589  N N   . THR C 1 81 ? -17.30677 2.37315   10.86317  1.000 30.69791 ? 81 THR B N   1 
ATOM 590  C CA  . THR C 1 81 ? -16.70284 1.10349   10.50514  1.000 31.85109 ? 81 THR B CA  1 
ATOM 591  C C   . THR C 1 81 ? -16.76334 0.17961   11.70788  1.000 31.90499 ? 81 THR B C   1 
ATOM 592  O O   . THR C 1 81 ? -16.29175 0.53612   12.78940  1.000 33.39629 ? 81 THR B O   1 
ATOM 593  C CB  . THR C 1 81 ? -15.25224 1.28539   10.05573  1.000 33.26009 ? 81 THR B CB  1 
ATOM 594  O OG1 . THR C 1 81 ? -15.19502 2.23365   8.98648   1.000 37.99041 ? 81 THR B OG1 1 
ATOM 595  C CG2 . THR C 1 81 ? -14.69096 -0.02634  9.57664   1.000 30.45432 ? 81 THR B CG2 1 
ATOM 596  N N   . GLY C 1 82 ? -17.34005 -1.00125  11.51863  1.000 31.40192 ? 82 GLY B N   1 
ATOM 597  C CA  . GLY C 1 82 ? -17.39315 -1.96409  12.60071  1.000 30.84975 ? 82 GLY B CA  1 
ATOM 598  C C   . GLY C 1 82 ? -16.02303 -2.55197  12.88335  1.000 30.04748 ? 82 GLY B C   1 
ATOM 599  O O   . GLY C 1 82 ? -15.21280 -2.75804  11.98050  1.000 32.42330 ? 82 GLY B O   1 
ATOM 600  N N   . GLY C 1 83 ? -15.77037 -2.83144  14.15312  1.000 28.45611 ? 83 GLY B N   1 
ATOM 601  C CA  . GLY C 1 83 ? -14.53634 -3.44457  14.58448  1.000 27.68102 ? 83 GLY B CA  1 
ATOM 602  C C   . GLY C 1 83 ? -14.65189 -4.94714  14.70375  1.000 27.81899 ? 83 GLY B C   1 
ATOM 603  O O   . GLY C 1 83 ? -15.50868 -5.58583  14.08976  1.000 27.93529 ? 83 GLY B O   1 
ATOM 604  N N   . PHE C 1 84 ? -13.76954 -5.51787  15.51216  1.000 29.86601 ? 84 PHE B N   1 
ATOM 605  C CA  . PHE C 1 84 ? -13.67578 -6.95708  15.70847  1.000 29.96372 ? 84 PHE B CA  1 
ATOM 606  C C   . PHE C 1 84 ? -14.05111 -7.27752  17.14736  1.000 32.57061 ? 84 PHE B C   1 
ATOM 607  O O   . PHE C 1 84 ? -13.46515 -6.72298  18.08075  1.000 35.63653 ? 84 PHE B O   1 
ATOM 608  C CB  . PHE C 1 84 ? -12.26326 -7.44951  15.39556  1.000 27.34781 ? 84 PHE B CB  1 
ATOM 609  C CG  . PHE C 1 84 ? -11.91637 -7.40222  13.93877  1.000 26.42013 ? 84 PHE B CG  1 
ATOM 610  C CD1 . PHE C 1 84 ? -11.68295 -6.19561  13.31022  1.000 24.92075 ? 84 PHE B CD1 1 
ATOM 611  C CD2 . PHE C 1 84 ? -11.80834 -8.56340  13.20195  1.000 25.40217 ? 84 PHE B CD2 1 
ATOM 612  C CE1 . PHE C 1 84 ? -11.36719 -6.14949  11.97691  1.000 24.10622 ? 84 PHE B CE1 1 
ATOM 613  C CE2 . PHE C 1 84 ? -11.48932 -8.51900  11.86686  1.000 23.54682 ? 84 PHE B CE2 1 
ATOM 614  C CZ  . PHE C 1 84 ? -11.27059 -7.31174  11.25554  1.000 23.92747 ? 84 PHE B CZ  1 
ATOM 615  N N   . SER C 1 85 ? -15.02067 -8.16552  17.32648  1.000 35.40179 ? 85 SER B N   1 
ATOM 616  C CA  . SER C 1 85 ? -15.47911 -8.56041  18.64888  1.000 37.68598 ? 85 SER B CA  1 
ATOM 617  C C   . SER C 1 85 ? -15.52124 -10.07672 18.74680  1.000 40.83292 ? 85 SER B C   1 
ATOM 618  O O   . SER C 1 85 ? -15.64774 -10.77369 17.73861  1.000 41.26880 ? 85 SER B O   1 
ATOM 619  C CB  . SER C 1 85 ? -16.85310 -7.97651  18.96033  1.000 36.90149 ? 85 SER B CB  1 
ATOM 620  O OG  . SER C 1 85 ? -16.98992 -6.68626  18.40541  1.000 38.33590 ? 85 SER B OG  1 
ATOM 621  N N   . GLY C 1 86 ? -15.40749 -10.58178 19.96938  1.000 41.92537 ? 86 GLY B N   1 
ATOM 622  C CA  . GLY C 1 86 ? -15.39076 -12.01282 20.21031  1.000 43.78560 ? 86 GLY B CA  1 
ATOM 623  C C   . GLY C 1 86 ? -16.75234 -12.60180 20.52322  1.000 45.54955 ? 86 GLY B C   1 
ATOM 624  O O   . GLY C 1 86 ? -17.72124 -11.87299 20.72965  1.000 44.84450 ? 86 GLY B O   1 
ATOM 625  N N   . GLY D 1 54 ? 1.15585   -17.89043 7.82778   1.000 29.01305 ? 54 GLY E N   1 
ATOM 626  C CA  . GLY D 1 54 ? 1.97570   -17.04362 6.98716   1.000 27.44263 ? 54 GLY E CA  1 
ATOM 627  C C   . GLY D 1 54 ? 1.75459   -15.57294 7.25853   1.000 26.97816 ? 54 GLY E C   1 
ATOM 628  O O   . GLY D 1 54 ? 2.43384   -14.98798 8.09055   1.000 29.14581 ? 54 GLY E O   1 
ATOM 629  N N   . LEU D 1 55 ? 0.80485   -14.97370 6.54759   1.000 25.80001 ? 55 LEU E N   1 
ATOM 630  C CA  . LEU D 1 55 ? 0.43131   -13.58038 6.73292   1.000 23.74605 ? 55 LEU E CA  1 
ATOM 631  C C   . LEU D 1 55 ? -1.02221  -13.52667 7.17282   1.000 25.12074 ? 55 LEU E C   1 
ATOM 632  O O   . LEU D 1 55 ? -1.89331  -14.09482 6.51058   1.000 27.72237 ? 55 LEU E O   1 
ATOM 633  C CB  . LEU D 1 55 ? 0.61445   -12.78042 5.44608   1.000 24.13651 ? 55 LEU E CB  1 
ATOM 634  C CG  . LEU D 1 55 ? 2.00705   -12.28713 5.05921   1.000 24.21953 ? 55 LEU E CG  1 
ATOM 635  C CD1 . LEU D 1 55 ? 2.81277   -13.40513 4.45402   1.000 22.70442 ? 55 LEU E CD1 1 
ATOM 636  C CD2 . LEU D 1 55 ? 1.91268   -11.11998 4.09895   1.000 23.17039 ? 55 LEU E CD2 1 
ATOM 637  N N   . MET D 1 56 ? -1.28495  -12.84766 8.27900   1.000 25.01115 ? 56 MET E N   1 
ATOM 638  C CA  . MET D 1 56 ? -2.64228  -12.64616 8.75947   1.000 24.41956 ? 56 MET E CA  1 
ATOM 639  C C   . MET D 1 56 ? -2.83818  -11.17504 9.08258   1.000 23.56335 ? 56 MET E C   1 
ATOM 640  O O   . MET D 1 56 ? -1.94395  -10.53379 9.63703   1.000 25.72292 ? 56 MET E O   1 
ATOM 641  C CB  . MET D 1 56 ? -2.92873  -13.51319 9.98355   1.000 25.91879 ? 56 MET E CB  1 
ATOM 642  C CG  . MET D 1 56 ? -4.38884  -13.56004 10.37068  1.000 29.54849 ? 56 MET E CG  1 
ATOM 643  S SD  . MET D 1 56 ? -4.66019  -14.31486 11.98187  1.000 55.15240 ? 56 MET E SD  1 
ATOM 644  C CE  . MET D 1 56 ? -3.19690  -15.33614 12.13143  1.000 42.82806 ? 56 MET E CE  1 
ATOM 645  N N   . ALA D 1 57 ? -3.99825  -10.63844 8.72650   1.000 21.58903 ? 57 ALA E N   1 
ATOM 646  C CA  . ALA D 1 57 ? -4.30843  -9.24671  9.01002   1.000 19.64943 ? 57 ALA E CA  1 
ATOM 647  C C   . ALA D 1 57 ? -5.78152  -9.11321  9.35678   1.000 18.13961 ? 57 ALA E C   1 
ATOM 648  O O   . ALA D 1 57 ? -6.63613  -9.64892  8.65106   1.000 19.89031 ? 57 ALA E O   1 
ATOM 649  C CB  . ALA D 1 57 ? -3.96004  -8.35344  7.82383   1.000 18.28014 ? 57 ALA E CB  1 
ATOM 650  N N   . GLN D 1 58 ? -6.07241  -8.41213  10.44246  1.000 17.46087 ? 58 GLN E N   1 
ATOM 651  C CA  . GLN D 1 58 ? -7.42484  -7.97879  10.77311  1.000 16.97849 ? 58 GLN E CA  1 
ATOM 652  C C   . GLN D 1 58 ? -7.39809  -6.45854  10.82261  1.000 17.32329 ? 58 GLN E C   1 
ATOM 653  O O   . GLN D 1 58 ? -6.81489  -5.87799  11.74036  1.000 17.55871 ? 58 GLN E O   1 
ATOM 654  C CB  . GLN D 1 58 ? -7.89036  -8.56703  12.09952  1.000 16.18472 ? 58 GLN E CB  1 
ATOM 655  C CG  . GLN D 1 58 ? -7.94859  -10.07339 12.11883  1.000 18.38182 ? 58 GLN E CG  1 
ATOM 656  C CD  . GLN D 1 58 ? -8.43519  -10.61098 13.44034  1.000 19.16687 ? 58 GLN E CD  1 
ATOM 657  O OE1 . GLN D 1 58 ? -7.84940  -10.34189 14.47978  1.000 22.38684 ? 58 GLN E OE1 1 
ATOM 658  N NE2 . GLN D 1 58 ? -9.50463  -11.38681 13.40604  1.000 20.94181 ? 58 GLN E NE2 1 
ATOM 659  N N   . MET D 1 59 ? -8.00499  -5.81264  9.83396   1.000 17.08519 ? 59 MET E N   1 
ATOM 660  C CA  . MET D 1 59 ? -7.90849  -4.36905  9.69460   1.000 17.68909 ? 59 MET E CA  1 
ATOM 661  C C   . MET D 1 59 ? -9.29268  -3.75381  9.66829   1.000 19.17835 ? 59 MET E C   1 
ATOM 662  O O   . MET D 1 59 ? -10.16755 -4.20875  8.92874   1.000 21.66846 ? 59 MET E O   1 
ATOM 663  C CB  . MET D 1 59 ? -7.15994  -3.97084  8.42559   1.000 18.64381 ? 59 MET E CB  1 
ATOM 664  C CG  . MET D 1 59 ? -5.75813  -4.51613  8.33403   1.000 19.74260 ? 59 MET E CG  1 
ATOM 665  S SD  . MET D 1 59 ? -5.05018  -4.34312  6.69644   1.000 29.59324 ? 59 MET E SD  1 
ATOM 666  C CE  . MET D 1 59 ? -5.47721  -2.64322  6.32130   1.000 21.21167 ? 59 MET E CE  1 
ATOM 667  N N   . ALA D 1 60 ? -9.48145  -2.71559  10.46803  1.000 19.53529 ? 60 ALA E N   1 
ATOM 668  C CA  . ALA D 1 60 ? -10.66770 -1.87917  10.40921  1.000 21.79083 ? 60 ALA E CA  1 
ATOM 669  C C   . ALA D 1 60 ? -10.21770 -0.48257  10.01897  1.000 22.20524 ? 60 ALA E C   1 
ATOM 670  O O   . ALA D 1 60 ? -9.39227  0.12066   10.70823  1.000 23.38786 ? 60 ALA E O   1 
ATOM 671  C CB  . ALA D 1 60 ? -11.41358 -1.86951  11.74370  1.000 19.88828 ? 60 ALA E CB  1 
ATOM 672  N N   . THR D 1 61 ? -10.74182 0.01673   8.90912   1.000 21.68359 ? 61 THR E N   1 
ATOM 673  C CA  . THR D 1 61 ? -10.32546 1.28849   8.34748   1.000 22.96872 ? 61 THR E CA  1 
ATOM 674  C C   . THR D 1 61 ? -11.56484 2.04853   7.91630   1.000 24.34706 ? 61 THR E C   1 
ATOM 675  O O   . THR D 1 61 ? -12.53110 1.44940   7.44589   1.000 27.40234 ? 61 THR E O   1 
ATOM 676  C CB  . THR D 1 61 ? -9.38210  1.08769   7.14049   1.000 27.39073 ? 61 THR E CB  1 
ATOM 677  O OG1 . THR D 1 61 ? -8.39249  0.09965   7.45191   1.000 26.17421 ? 61 THR E OG1 1 
ATOM 678  C CG2 . THR D 1 61 ? -8.68364  2.38437   6.77235   1.000 23.16478 ? 61 THR E CG2 1 
ATOM 679  N N   . THR D 1 62 ? -11.54433 3.36651   8.07569   1.000 23.30609 ? 62 THR E N   1 
ATOM 680  C CA  . THR D 1 62 ? -12.67638 4.15338   7.60596   1.000 23.51950 ? 62 THR E CA  1 
ATOM 681  C C   . THR D 1 62 ? -12.42710 4.72532   6.21847   1.000 22.03243 ? 62 THR E C   1 
ATOM 682  O O   . THR D 1 62 ? -13.23750 4.52988   5.31132   1.000 25.43888 ? 62 THR E O   1 
ATOM 683  C CB  . THR D 1 62 ? -13.00773 5.26929   8.59527   1.000 22.33893 ? 62 THR E CB  1 
ATOM 684  O OG1 . THR D 1 62 ? -13.48931 4.68962   9.80879   1.000 24.05520 ? 62 THR E OG1 1 
ATOM 685  C CG2 . THR D 1 62 ? -14.08179 6.17014   8.02963   1.000 21.45666 ? 62 THR E CG2 1 
ATOM 686  N N   . ALA D 1 63 ? -11.31819 5.42463   6.02876   1.000 18.95030 ? 63 ALA E N   1 
ATOM 687  C CA  . ALA D 1 63 ? -10.97055 5.94853   4.72011   1.000 17.24503 ? 63 ALA E CA  1 
ATOM 688  C C   . ALA D 1 63 ? -9.51114  5.64519   4.44413   1.000 16.97405 ? 63 ALA E C   1 
ATOM 689  O O   . ALA D 1 63 ? -8.65503  5.88000   5.29764   1.000 18.70533 ? 63 ALA E O   1 
ATOM 690  C CB  . ALA D 1 63 ? -11.22858 7.45163   4.63122   1.000 16.89026 ? 63 ALA E CB  1 
ATOM 691  N N   . ALA D 1 64 ? -9.22733  5.12734   3.25708   1.000 14.52720 ? 64 ALA E N   1 
ATOM 692  C CA  . ALA D 1 64 ? -7.85570  4.83635   2.88189   1.000 15.04696 ? 64 ALA E CA  1 
ATOM 693  C C   . ALA D 1 64 ? -7.69708  5.02530   1.38662   1.000 13.19173 ? 64 ALA E C   1 
ATOM 694  O O   . ALA D 1 64 ? -8.56153  4.61529   0.61350   1.000 14.36258 ? 64 ALA E O   1 
ATOM 695  C CB  . ALA D 1 64 ? -7.45599  3.41243   3.27569   1.000 14.14385 ? 64 ALA E CB  1 
ATOM 696  N N   . GLY D 1 65 ? -6.59411  5.65094   0.98465   1.000 13.84747 ? 65 GLY E N   1 
ATOM 697  C CA  . GLY D 1 65 ? -6.24614  5.64554   -0.42328  1.000 13.16863 ? 65 GLY E CA  1 
ATOM 698  C C   . GLY D 1 65 ? -6.03498  4.23840   -0.93747  1.000 12.59682 ? 65 GLY E C   1 
ATOM 699  O O   . GLY D 1 65 ? -6.58966  3.84729   -1.96202  1.000 14.02793 ? 65 GLY E O   1 
ATOM 700  N N   . VAL D 1 66 ? -5.25175  3.45100   -0.21235  1.000 12.18688 ? 66 VAL E N   1 
ATOM 701  C CA  . VAL D 1 66 ? -5.01999  2.05007   -0.52462  1.000 13.26817 ? 66 VAL E CA  1 
ATOM 702  C C   . VAL D 1 66 ? -5.07041  1.27575   0.77989   1.000 12.77083 ? 66 VAL E C   1 
ATOM 703  O O   . VAL D 1 66 ? -4.38604  1.63473   1.74154   1.000 13.59130 ? 66 VAL E O   1 
ATOM 704  C CB  . VAL D 1 66 ? -3.66815  1.82568   -1.23093  1.000 13.38609 ? 66 VAL E CB  1 
ATOM 705  C CG1 . VAL D 1 66 ? -3.36479  0.34810   -1.33507  1.000 12.39896 ? 66 VAL E CG1 1 
ATOM 706  C CG2 . VAL D 1 66 ? -3.66649  2.47124   -2.59776  1.000 10.97295 ? 66 VAL E CG2 1 
ATOM 707  N N   . ALA D 1 67 ? -5.87501  0.22193   0.81915   1.000 12.25268 ? 67 ALA E N   1 
ATOM 708  C CA  . ALA D 1 67 ? -5.97150  -0.64933  1.98066   1.000 14.41357 ? 67 ALA E CA  1 
ATOM 709  C C   . ALA D 1 67 ? -5.70057  -2.07407  1.53411   1.000 14.44190 ? 67 ALA E C   1 
ATOM 710  O O   . ALA D 1 67 ? -6.38086  -2.58577  0.64250   1.000 14.76919 ? 67 ALA E O   1 
ATOM 711  C CB  . ALA D 1 67 ? -7.34498  -0.54003  2.64719   1.000 12.86218 ? 67 ALA E CB  1 
ATOM 712  N N   . VAL D 1 68 ? -4.70578  -2.70703  2.13885   1.000 13.91786 ? 68 VAL E N   1 
ATOM 713  C CA  . VAL D 1 68 ? -4.31000  -4.05820  1.77862   1.000 16.10651 ? 68 VAL E CA  1 
ATOM 714  C C   . VAL D 1 68 ? -4.17660  -4.88014  3.04705   1.000 17.06717 ? 68 VAL E C   1 
ATOM 715  O O   . VAL D 1 68 ? -3.50553  -4.46039  3.99304   1.000 18.39288 ? 68 VAL E O   1 
ATOM 716  C CB  . VAL D 1 68 ? -2.98962  -4.07713  0.98477   1.000 16.88295 ? 68 VAL E CB  1 
ATOM 717  C CG1 . VAL D 1 68 ? -2.59660  -5.49846  0.66182   1.000 15.60087 ? 68 VAL E CG1 1 
ATOM 718  C CG2 . VAL D 1 68 ? -3.11250  -3.24706  -0.27679  1.000 13.27335 ? 68 VAL E CG2 1 
ATOM 719  N N   . GLY D 1 69 ? -4.79855  -6.05244  3.06147   1.000 17.77908 ? 69 GLY E N   1 
ATOM 720  C CA  . GLY D 1 69 ? -4.65150  -6.94995  4.18441   1.000 18.43238 ? 69 GLY E CA  1 
ATOM 721  C C   . GLY D 1 69 ? -3.31649  -7.65831  4.20987   1.000 18.52406 ? 69 GLY E C   1 
ATOM 722  O O   . GLY D 1 69 ? -2.47241  -7.37019  5.05757   1.000 20.68843 ? 69 GLY E O   1 
ATOM 723  N N   . SER D 1 70 ? -3.10273  -8.56847  3.26965   1.000 18.00484 ? 70 SER E N   1 
ATOM 724  C CA  . SER D 1 70 ? -1.88627  -9.36012  3.20204   1.000 20.41944 ? 70 SER E CA  1 
ATOM 725  C C   . SER D 1 70 ? -1.41936  -9.38876  1.75831   1.000 19.89078 ? 70 SER E C   1 
ATOM 726  O O   . SER D 1 70 ? -2.23299  -9.56811  0.85108   1.000 20.22738 ? 70 SER E O   1 
ATOM 727  C CB  . SER D 1 70 ? -2.11763  -10.78505 3.71475   1.000 20.64698 ? 70 SER E CB  1 
ATOM 728  O OG  . SER D 1 70 ? -2.51693  -10.78750 5.06903   1.000 22.39509 ? 70 SER E OG  1 
ATOM 729  N N   . ALA D 1 71 ? -0.12213  -9.21276  1.54038   1.000 18.53672 ? 71 ALA E N   1 
ATOM 730  C CA  . ALA D 1 71 ? 0.37929   -9.11778  0.17964   1.000 17.75653 ? 71 ALA E CA  1 
ATOM 731  C C   . ALA D 1 71 ? 1.82998   -9.55420  0.12463   1.000 17.81256 ? 71 ALA E C   1 
ATOM 732  O O   . ALA D 1 71 ? 2.61083   -9.25419  1.02515   1.000 19.71301 ? 71 ALA E O   1 
ATOM 733  C CB  . ALA D 1 71 ? 0.24083   -7.69462  -0.36331  1.000 18.43281 ? 71 ALA E CB  1 
ATOM 734  N N   . VAL D 1 72 ? 2.18186   -10.25482 -0.94480  1.000 17.12817 ? 72 VAL E N   1 
ATOM 735  C CA  . VAL D 1 72 ? 3.53186   -10.75053 -1.15880  1.000 19.34932 ? 72 VAL E CA  1 
ATOM 736  C C   . VAL D 1 72 ? 3.92969   -10.44287 -2.58984  1.000 19.30010 ? 72 VAL E C   1 
ATOM 737  O O   . VAL D 1 72 ? 3.16529   -10.70725 -3.52043  1.000 20.23478 ? 72 VAL E O   1 
ATOM 738  C CB  . VAL D 1 72 ? 3.64157   -12.26436 -0.89057  1.000 20.62616 ? 72 VAL E CB  1 
ATOM 739  C CG1 . VAL D 1 72 ? 5.02107   -12.76460 -1.25322  1.000 21.67489 ? 72 VAL E CG1 1 
ATOM 740  C CG2 . VAL D 1 72 ? 3.31829   -12.57879 0.54875   1.000 17.65642 ? 72 VAL E CG2 1 
ATOM 741  N N   . GLY D 1 73 ? 5.11968   -9.89297  -2.76661  1.000 19.20762 ? 73 GLY E N   1 
ATOM 742  C CA  . GLY D 1 73 ? 5.67729   -9.73599  -4.08967  1.000 20.23873 ? 73 GLY E CA  1 
ATOM 743  C C   . GLY D 1 73 ? 7.10212   -10.22382 -4.10764  1.000 22.24192 ? 73 GLY E C   1 
ATOM 744  O O   . GLY D 1 73 ? 7.90602   -9.77656  -3.29196  1.000 25.42826 ? 73 GLY E O   1 
ATOM 745  N N   . HIS D 1 74 ? 7.44019   -11.15654 -4.98652  1.000 22.19572 ? 74 HIS E N   1 
ATOM 746  C CA  . HIS D 1 74 ? 8.80905   -11.63500 -5.00534  1.000 25.25092 ? 74 HIS E CA  1 
ATOM 747  C C   . HIS D 1 74 ? 9.24345   -12.00551 -6.41062  1.000 25.81712 ? 74 HIS E C   1 
ATOM 748  O O   . HIS D 1 74 ? 8.42745   -12.36155 -7.25667  1.000 26.69889 ? 74 HIS E O   1 
ATOM 749  C CB  . HIS D 1 74 ? 9.01735   -12.82866 -4.06040  1.000 27.23540 ? 74 HIS E CB  1 
ATOM 750  C CG  . HIS D 1 74 ? 8.06111   -13.95477 -4.26144  1.000 27.29100 ? 74 HIS E CG  1 
ATOM 751  N ND1 . HIS D 1 74 ? 6.70223   -13.80564 -4.09668  1.000 29.38466 ? 74 HIS E ND1 1 
ATOM 752  C CD2 . HIS D 1 74 ? 8.25590   -15.23749 -4.64547  1.000 29.21266 ? 74 HIS E CD2 1 
ATOM 753  C CE1 . HIS D 1 74 ? 6.10161   -14.95258 -4.35590  1.000 31.11525 ? 74 HIS E CE1 1 
ATOM 754  N NE2 . HIS D 1 74 ? 7.02169   -15.83821 -4.69182  1.000 33.60987 ? 74 HIS E NE2 1 
ATOM 755  N N   . THR D 1 75 ? 10.54394  -11.90458 -6.64742  1.000 25.75676 ? 75 THR E N   1 
ATOM 756  C CA  . THR D 1 75 ? 11.15928  -12.29322 -7.90445  1.000 24.85427 ? 75 THR E CA  1 
ATOM 757  C C   . THR D 1 75 ? 12.14476  -13.41160 -7.62952  1.000 26.75673 ? 75 THR E C   1 
ATOM 758  O O   . THR D 1 75 ? 12.91643  -13.34056 -6.67136  1.000 29.99212 ? 75 THR E O   1 
ATOM 759  C CB  . THR D 1 75 ? 11.87850  -11.12204 -8.56793  1.000 25.84912 ? 75 THR E CB  1 
ATOM 760  O OG1 . THR D 1 75 ? 13.06251  -10.80974 -7.82718  1.000 28.49485 ? 75 THR E OG1 1 
ATOM 761  C CG2 . THR D 1 75 ? 10.98939  -9.90201  -8.63987  1.000 25.56732 ? 75 THR E CG2 1 
ATOM 762  N N   . LEU D 1 76 ? 12.10997  -14.44111 -8.45957  1.000 27.96855 ? 76 LEU E N   1 
ATOM 763  C CA  . LEU D 1 76 ? 13.03386  -15.55845 -8.37171  1.000 29.84559 ? 76 LEU E CA  1 
ATOM 764  C C   . LEU D 1 76 ? 13.77080  -15.66258 -9.69747  1.000 33.46029 ? 76 LEU E C   1 
ATOM 765  O O   . LEU D 1 76 ? 13.14450  -15.64536 -10.76111 1.000 34.59137 ? 76 LEU E O   1 
ATOM 766  C CB  . LEU D 1 76 ? 12.28692  -16.85378 -8.04598  1.000 31.12398 ? 76 LEU E CB  1 
ATOM 767  C CG  . LEU D 1 76 ? 13.03724  -18.04664 -7.45063  1.000 31.43613 ? 76 LEU E CG  1 
ATOM 768  C CD1 . LEU D 1 76 ? 12.05039  -19.05074 -6.90733  1.000 30.05082 ? 76 LEU E CD1 1 
ATOM 769  C CD2 . LEU D 1 76 ? 13.92539  -18.71690 -8.47622  1.000 31.88436 ? 76 LEU E CD2 1 
ATOM 770  N N   . GLY D 1 77 ? 15.09399  -15.75276 -9.63405  1.000 34.56643 ? 77 GLY E N   1 
ATOM 771  C CA  . GLY D 1 77 ? 15.89211  -15.88174 -10.83429 1.000 33.83237 ? 77 GLY E CA  1 
ATOM 772  C C   . GLY D 1 77 ? 16.59828  -14.60060 -11.21195 1.000 36.24385 ? 77 GLY E C   1 
ATOM 773  O O   . GLY D 1 77 ? 17.57433  -14.21180 -10.56954 1.000 41.49536 ? 77 GLY E O   1 
ATOM 774  N N   . HIS D 1 78 ? 16.11586  -13.93726 -12.25696 1.000 37.28894 ? 78 HIS E N   1 
ATOM 775  C CA  . HIS D 1 78 ? 16.70841  -12.70448 -12.75598 1.000 38.36459 ? 78 HIS E CA  1 
ATOM 776  C C   . HIS D 1 78 ? 15.60710  -11.68749 -12.97889 1.000 37.03349 ? 78 HIS E C   1 
ATOM 777  O O   . HIS D 1 78 ? 14.65107  -11.95642 -13.70984 1.000 39.72804 ? 78 HIS E O   1 
ATOM 778  C CB  . HIS D 1 78 ? 17.46812  -12.94237 -14.06263 1.000 39.10292 ? 78 HIS E CB  1 
ATOM 779  C CG  . HIS D 1 78 ? 18.86508  -13.43083 -13.86865 1.000 41.03790 ? 78 HIS E CG  1 
ATOM 780  N ND1 . HIS D 1 78 ? 19.94888  -12.58341 -13.81909 1.000 44.20078 ? 78 HIS E ND1 1 
ATOM 781  C CD2 . HIS D 1 78 ? 19.35451  -14.68025 -13.69722 1.000 42.18978 ? 78 HIS E CD2 1 
ATOM 782  C CE1 . HIS D 1 78 ? 21.04822  -13.29117 -13.63470 1.000 46.60959 ? 78 HIS E CE1 1 
ATOM 783  N NE2 . HIS D 1 78 ? 20.71496  -14.56592 -13.55623 1.000 46.17193 ? 78 HIS E NE2 1 
ATOM 784  N N   . ALA D 1 79 ? 15.74546  -10.52254 -12.36629 1.000 35.03043 ? 79 ALA E N   1 
ATOM 785  C CA  . ALA D 1 79 ? 14.76931  -9.46006  -12.51581 1.000 34.30612 ? 79 ALA E CA  1 
ATOM 786  C C   . ALA D 1 79 ? 15.50666  -8.16034  -12.76763 1.000 33.63717 ? 79 ALA E C   1 
ATOM 787  O O   . ALA D 1 79 ? 16.47520  -7.84937  -12.07171 1.000 36.36722 ? 79 ALA E O   1 
ATOM 788  C CB  . ALA D 1 79 ? 13.87749  -9.34595  -11.27723 1.000 32.74709 ? 79 ALA E CB  1 
ATOM 789  N N   . ILE D 1 80 ? 15.06260  -7.41688  -13.77113 1.000 33.70280 ? 80 ILE E N   1 
ATOM 790  C CA  . ILE D 1 80 ? 15.64873  -6.13156  -14.11854 1.000 34.51786 ? 80 ILE E CA  1 
ATOM 791  C C   . ILE D 1 80 ? 14.52532  -5.11801  -14.20769 1.000 33.02913 ? 80 ILE E C   1 
ATOM 792  O O   . ILE D 1 80 ? 13.54891  -5.33276  -14.93258 1.000 35.99447 ? 80 ILE E O   1 
ATOM 793  C CB  . ILE D 1 80 ? 16.43176  -6.18371  -15.44058 1.000 34.40821 ? 80 ILE E CB  1 
ATOM 794  C CG1 . ILE D 1 80 ? 17.56719  -7.19897  -15.35119 1.000 33.99819 ? 80 ILE E CG1 1 
ATOM 795  C CG2 . ILE D 1 80 ? 16.95866  -4.81088  -15.79503 1.000 32.64908 ? 80 ILE E CG2 1 
ATOM 796  C CD1 . ILE D 1 80 ? 17.98869  -7.75119  -16.68600 1.000 32.78815 ? 80 ILE E CD1 1 
ATOM 797  N N   . THR D 1 81 ? 14.65904  -4.02295  -13.47578 1.000 30.69791 ? 81 THR E N   1 
ATOM 798  C CA  . THR D 1 81 ? 13.69461  -2.93954  -13.50827 1.000 31.85109 ? 81 THR E CA  1 
ATOM 799  C C   . THR D 1 81 ? 14.35978  -1.71386  -14.10745 1.000 31.90499 ? 81 THR E C   1 
ATOM 800  O O   . THR D 1 81 ? 15.40805  -1.27859  -13.62697 1.000 33.39629 ? 81 THR E O   1 
ATOM 801  C CB  . THR D 1 81 ? 13.17060  -2.62004  -12.10735 1.000 33.26009 ? 81 THR E CB  1 
ATOM 802  O OG1 . THR D 1 81 ? 12.63487  -3.80511  -11.51206 1.000 37.99041 ? 81 THR E OG1 1 
ATOM 803  C CG2 . THR D 1 81 ? 12.08642  -1.57907  -12.18574 1.000 30.45432 ? 81 THR E CG2 1 
ATOM 804  N N   . GLY D 1 82 ? 13.75210  -1.16116  -15.15057 1.000 31.40192 ? 82 GLY E N   1 
ATOM 805  C CA  . GLY D 1 82 ? 14.29216  0.04279   -15.75029 1.000 30.84975 ? 82 GLY E CA  1 
ATOM 806  C C   . GLY D 1 82 ? 14.08748  1.24692   -14.84978 1.000 30.04748 ? 82 GLY E C   1 
ATOM 807  O O   . GLY D 1 82 ? 13.08152  1.36387   -14.15091 1.000 32.42330 ? 82 GLY E O   1 
ATOM 808  N N   . GLY D 1 83 ? 15.05240  2.15378   -14.87769 1.000 28.45611 ? 83 GLY E N   1 
ATOM 809  C CA  . GLY D 1 83 ? 14.98764  3.38268   -14.12242 1.000 27.68102 ? 83 GLY E CA  1 
ATOM 810  C C   . GLY D 1 83 ? 14.44528  4.53240   -14.94050 1.000 27.81899 ? 83 GLY E C   1 
ATOM 811  O O   . GLY D 1 83 ? 13.74109  4.34947   -15.93532 1.000 27.93529 ? 83 GLY E O   1 
ATOM 812  N N   . PHE D 1 84 ? 14.78323  5.73972   -14.50927 1.000 29.86601 ? 84 PHE E N   1 
ATOM 813  C CA  . PHE D 1 84 ? 14.30733  6.97177   -15.12103 1.000 29.96372 ? 84 PHE E CA  1 
ATOM 814  C C   . PHE D 1 84 ? 15.49327  7.69986   -15.73532 1.000 32.57061 ? 84 PHE E C   1 
ATOM 815  O O   . PHE D 1 84 ? 16.48166  7.96864   -15.04762 1.000 35.63653 ? 84 PHE E O   1 
ATOM 816  C CB  . PHE D 1 84 ? 13.61144  7.85132   -14.08289 1.000 27.34781 ? 84 PHE E CB  1 
ATOM 817  C CG  . PHE D 1 84 ? 12.29290  7.31081   -13.62014 1.000 26.42013 ? 84 PHE E CG  1 
ATOM 818  C CD1 . PHE D 1 84 ? 12.23661  6.20938   -12.79000 1.000 24.92075 ? 84 PHE E CD1 1 
ATOM 819  C CD2 . PHE D 1 84 ? 11.11157  7.91227   -14.00174 1.000 25.40217 ? 84 PHE E CD2 1 
ATOM 820  C CE1 . PHE D 1 84 ? 11.03134  5.71174   -12.36666 1.000 24.10622 ? 84 PHE E CE1 1 
ATOM 821  C CE2 . PHE D 1 84 ? 9.90350   7.41662   -13.57618 1.000 23.54682 ? 84 PHE E CE2 1 
ATOM 822  C CZ  . PHE D 1 84 ? 9.86484   6.31582   -12.76023 1.000 23.92747 ? 84 PHE E CZ  1 
ATOM 823  N N   . SER D 1 85 ? 15.39724  8.01682   -17.02023 1.000 35.40179 ? 85 SER E N   1 
ATOM 824  C CA  . SER D 1 85 ? 16.45892  8.71083   -17.73158 1.000 37.68598 ? 85 SER E CA  1 
ATOM 825  C C   . SER D 1 85 ? 15.88115  9.89490   -18.48967 1.000 40.83292 ? 85 SER E C   1 
ATOM 826  O O   . SER D 1 85 ? 14.69814  9.91092   -18.83387 1.000 41.26880 ? 85 SER E O   1 
ATOM 827  C CB  . SER D 1 85 ? 17.18849  7.77832   -18.69280 1.000 36.90149 ? 85 SER E CB  1 
ATOM 828  O OG  . SER D 1 85 ? 17.28708  6.47724   -18.15531 1.000 38.33590 ? 85 SER E OG  1 
ATOM 829  N N   . GLY D 1 86 ? 16.72428  10.88920  -18.74105 1.000 41.92537 ? 86 GLY E N   1 
ATOM 830  C CA  . GLY D 1 86 ? 16.30248  12.10009  -19.42078 1.000 43.78560 ? 86 GLY E CA  1 
ATOM 831  C C   . GLY D 1 86 ? 16.51294  12.07024  -20.92195 1.000 45.54955 ? 86 GLY E C   1 
ATOM 832  O O   . GLY D 1 86 ? 17.15592  11.16436  -21.44968 1.000 44.84450 ? 86 GLY E O   1 
ATOM 833  N N   . GLY E 1 54 ? -1.65166  -19.58500 4.35926   1.000 29.01305 ? 54 GLY F N   1 
ATOM 834  C CA  . GLY E 1 54 ? -0.84999  -18.71553 3.52426   1.000 27.44263 ? 54 GLY F CA  1 
ATOM 835  C C   . GLY E 1 54 ? -1.08932  -17.25188 3.81734   1.000 26.97816 ? 54 GLY F C   1 
ATOM 836  O O   . GLY E 1 54 ? -0.41193  -16.66888 4.65224   1.000 29.14581 ? 54 GLY F O   1 
ATOM 837  N N   . LEU E 1 55 ? -2.05262  -16.65631 3.12173   1.000 25.80001 ? 55 LEU F N   1 
ATOM 838  C CA  . LEU E 1 55 ? -2.44396  -15.27099 3.32887   1.000 23.74605 ? 55 LEU F CA  1 
ATOM 839  C C   . LEU E 1 55 ? -3.89470  -15.24348 3.78021   1.000 25.12074 ? 55 LEU F C   1 
ATOM 840  O O   . LEU E 1 55 ? -4.76287  -15.81466 3.11672   1.000 27.72237 ? 55 LEU F O   1 
ATOM 841  C CB  . LEU E 1 55 ? -2.28167  -14.45115 2.05178   1.000 24.13651 ? 55 LEU F CB  1 
ATOM 842  C CG  . LEU E 1 55 ? -0.89898  -13.93332 1.66138   1.000 24.21953 ? 55 LEU F CG  1 
ATOM 843  C CD1 . LEU E 1 55 ? -0.08252  -15.03169 1.03499   1.000 22.70442 ? 55 LEU F CD1 1 
ATOM 844  C CD2 . LEU E 1 55 ? -1.01676  -12.75468 0.71790   1.000 23.17039 ? 55 LEU F CD2 1 
ATOM 845  N N   . MET E 1 56 ? -4.15838  -14.58328 4.89749   1.000 25.01115 ? 56 MET F N   1 
ATOM 846  C CA  . MET E 1 56 ? -5.51467  -14.40722 5.39072   1.000 24.41956 ? 56 MET F CA  1 
ATOM 847  C C   . MET E 1 56 ? -5.72842  -12.94350 5.73535   1.000 23.56335 ? 56 MET F C   1 
ATOM 848  O O   . MET E 1 56 ? -4.83895  -12.29746 6.29190   1.000 25.72292 ? 56 MET F O   1 
ATOM 849  C CB  . MET E 1 56 ? -5.77981  -15.29470 6.60489   1.000 25.91879 ? 56 MET F CB  1 
ATOM 850  C CG  . MET E 1 56 ? -7.23615  -15.36711 7.00215   1.000 29.54849 ? 56 MET F CG  1 
ATOM 851  S SD  . MET E 1 56 ? -7.48481  -16.14744 8.60484   1.000 55.15240 ? 56 MET F SD  1 
ATOM 852  C CE  . MET E 1 56 ? -6.00646  -17.15019 8.72957   1.000 42.82806 ? 56 MET F CE  1 
ATOM 853  N N   . ALA E 1 57 ? -6.89846  -12.41831 5.39525   1.000 21.58903 ? 57 ALA F N   1 
ATOM 854  C CA  . ALA E 1 57 ? -7.22566  -11.03501 5.70009   1.000 19.64943 ? 57 ALA F CA  1 
ATOM 855  C C   . ALA E 1 57 ? -8.69778  -10.92674 6.05952   1.000 18.13961 ? 57 ALA F C   1 
ATOM 856  O O   . ALA E 1 57 ? -9.55025  -11.46466 5.35289   1.000 19.89031 ? 57 ALA F O   1 
ATOM 857  C CB  . ALA E 1 57 ? -6.89867  -10.12095 4.52367   1.000 18.28014 ? 57 ALA F CB  1 
ATOM 858  N N   . GLN E 1 58 ? -8.99008  -10.24457 7.15682   1.000 17.46087 ? 58 GLN F N   1 
ATOM 859  C CA  . GLN E 1 58 ? -10.34582 -9.83463  7.50338   1.000 16.97849 ? 58 GLN F CA  1 
ATOM 860  C C   . GLN E 1 58 ? -10.33969 -8.31496  7.57347   1.000 17.32329 ? 58 GLN F C   1 
ATOM 861  O O   . GLN E 1 58 ? -9.75762  -7.73887  8.49473   1.000 17.55871 ? 58 GLN F O   1 
ATOM 862  C CB  . GLN E 1 58 ? -10.79308 -10.44724 8.82504   1.000 16.18472 ? 58 GLN F CB  1 
ATOM 863  C CG  . GLN E 1 58 ? -10.83035 -11.95439 8.82415   1.000 18.38182 ? 58 GLN F CG  1 
ATOM 864  C CD  . GLN E 1 58 ? -11.29943 -12.51659 10.14176  1.000 19.16687 ? 58 GLN F CD  1 
ATOM 865  O OE1 . GLN E 1 58 ? -10.70953 -12.25351 11.18041  1.000 22.38684 ? 58 GLN F OE1 1 
ATOM 866  N NE2 . GLN E 1 58 ? -12.35829 -13.30670 10.10477  1.000 20.94181 ? 58 GLN F NE2 1 
ATOM 867  N N   . MET E 1 59 ? -10.96295 -7.66420  6.59827   1.000 17.08519 ? 59 MET F N   1 
ATOM 868  C CA  . MET E 1 59 ? -10.88747 -6.21766  6.47796   1.000 17.68909 ? 59 MET F CA  1 
ATOM 869  C C   . MET E 1 59 ? -12.28018 -5.62144  6.47032   1.000 19.17835 ? 59 MET F C   1 
ATOM 870  O O   . MET E 1 59 ? -13.15427 -6.07842  5.73113   1.000 21.66846 ? 59 MET F O   1 
ATOM 871  C CB  . MET E 1 59 ? -10.15415 -5.79188  5.20901   1.000 18.64381 ? 59 MET F CB  1 
ATOM 872  C CG  . MET E 1 59 ? -8.74567  -6.31631  5.09962   1.000 19.74260 ? 59 MET F CG  1 
ATOM 873  S SD  . MET E 1 59 ? -8.05264  -6.11125  3.45934   1.000 29.59324 ? 59 MET F SD  1 
ATOM 874  C CE  . MET E 1 59 ? -8.50594  -4.41252  3.11067   1.000 21.21167 ? 59 MET F CE  1 
ATOM 875  N N   . ALA E 1 60 ? -12.47719 -4.59690  7.28557   1.000 19.53529 ? 60 ALA F N   1 
ATOM 876  C CA  . ALA E 1 60 ? -13.67530 -3.77635  7.24699   1.000 21.79083 ? 60 ALA F CA  1 
ATOM 877  C C   . ALA E 1 60 ? -13.24761 -2.36844  6.87257   1.000 22.20524 ? 60 ALA F C   1 
ATOM 878  O O   . ALA E 1 60 ? -12.42538 -1.76320  7.56389   1.000 23.38786 ? 60 ALA F O   1 
ATOM 879  C CB  . ALA E 1 60 ? -14.41108 -3.79518  8.58698   1.000 19.88828 ? 60 ALA F CB  1 
ATOM 880  N N   . THR E 1 61 ? -13.78700 -1.86147  5.77356   1.000 21.68359 ? 61 THR F N   1 
ATOM 881  C CA  . THR E 1 61 ? -13.39251 -0.57653  5.22630   1.000 22.96872 ? 61 THR F CA  1 
ATOM 882  C C   . THR E 1 61 ? -14.64551 0.17197   4.81476   1.000 24.34706 ? 61 THR F C   1 
ATOM 883  O O   . THR E 1 61 ? -15.60695 -0.43411  4.34336   1.000 27.40234 ? 61 THR F O   1 
ATOM 884  C CB  . THR E 1 61 ? -12.45567 -0.74778  4.00973   1.000 27.39073 ? 61 THR F CB  1 
ATOM 885  O OG1 . THR E 1 61 ? -11.45016 -1.72609  4.30026   1.000 26.17421 ? 61 THR F OG1 1 
ATOM 886  C CG2 . THR E 1 61 ? -11.77800 0.56338   3.65420   1.000 23.16478 ? 61 THR F CG2 1 
ATOM 887  N N   . THR E 1 62 ? -14.64200 1.48783   4.99200   1.000 23.30609 ? 62 THR F N   1 
ATOM 888  C CA  . THR E 1 62 ? -15.78834 2.26517   4.54148   1.000 23.51950 ? 62 THR F CA  1 
ATOM 889  C C   . THR E 1 62 ? -15.55754 2.85931   3.16014   1.000 22.03243 ? 62 THR F C   1 
ATOM 890  O O   . THR E 1 62 ? -16.37203 2.66494   2.25643   1.000 25.43888 ? 62 THR F O   1 
ATOM 891  C CB  . THR E 1 62 ? -16.12756 3.36282   5.54840   1.000 22.33893 ? 62 THR F CB  1 
ATOM 892  O OG1 . THR E 1 62 ? -16.59184 2.76010   6.75741   1.000 24.05520 ? 62 THR F OG1 1 
ATOM 893  C CG2 . THR E 1 62 ? -17.21822 4.25624   5.00310   1.000 21.45666 ? 62 THR F CG2 1 
ATOM 894  N N   . ALA E 1 63 ? -14.45986 3.57649   2.97181   1.000 18.95030 ? 63 ALA F N   1 
ATOM 895  C CA  . ALA E 1 63 ? -14.12945 4.12290   1.66791   1.000 17.24503 ? 63 ALA F CA  1 
ATOM 896  C C   . ALA E 1 63 ? -12.66813 3.84368   1.37700   1.000 16.97405 ? 63 ALA F C   1 
ATOM 897  O O   . ALA E 1 63 ? -11.80887 4.07876   2.22728   1.000 18.70533 ? 63 ALA F O   1 
ATOM 898  C CB  . ALA E 1 63 ? -14.40889 5.62333   1.60150   1.000 16.89026 ? 63 ALA F CB  1 
ATOM 899  N N   . ALA E 1 64 ? -12.38621 3.34598   0.18091   1.000 14.52720 ? 64 ALA F N   1 
ATOM 900  C CA  . ALA E 1 64 ? -11.01358 3.07923   -0.20839  1.000 15.04696 ? 64 ALA F CA  1 
ATOM 901  C C   . ALA E 1 64 ? -10.86895 3.29066   -1.70205  1.000 13.19173 ? 64 ALA F C   1 
ATOM 902  O O   . ALA E 1 64 ? -11.73349 2.87918   -2.47430  1.000 14.36258 ? 64 ALA F O   1 
ATOM 903  C CB  . ALA E 1 64 ? -10.59125 1.65579   0.16294   1.000 14.14385 ? 64 ALA F CB  1 
ATOM 904  N N   . GLY E 1 65 ? -9.77780  3.93698   -2.10359  1.000 13.84747 ? 65 GLY F N   1 
ATOM 905  C CA  . GLY E 1 65 ? -9.44050  3.95555   -3.51399  1.000 13.16863 ? 65 GLY F CA  1 
ATOM 906  C C   . GLY E 1 65 ? -9.21383  2.55859   -4.04895  1.000 12.59682 ? 65 GLY F C   1 
ATOM 907  O O   . GLY E 1 65 ? -9.77082  2.17374   -5.07461  1.000 14.02793 ? 65 GLY F O   1 
ATOM 908  N N   . VAL E 1 66 ? -8.41433  1.77238   -3.34048  1.000 12.18688 ? 66 VAL F N   1 
ATOM 909  C CA  . VAL E 1 66 ? -8.16560  0.37919   -3.67359  1.000 13.26817 ? 66 VAL F CA  1 
ATOM 910  C C   . VAL E 1 66 ? -8.19542  -0.41339  -2.37947  1.000 12.77083 ? 66 VAL F C   1 
ATOM 911  O O   . VAL E 1 66 ? -7.50879  -0.05801  -1.41808  1.000 13.59130 ? 66 VAL F O   1 
ATOM 912  C CB  . VAL E 1 66 ? -6.81620  0.18323   -4.39290  1.000 13.38609 ? 66 VAL F CB  1 
ATOM 913  C CG1 . VAL E 1 66 ? -6.49326  -1.28843  -4.51949  1.000 12.39896 ? 66 VAL F CG1 1 
ATOM 914  C CG2 . VAL E 1 66 ? -6.83384  0.84726   -5.75074  1.000 10.97295 ? 66 VAL F CG2 1 
ATOM 915  N N   . ALA E 1 67 ? -8.98506  -1.47875  -2.34866  1.000 12.25268 ? 67 ALA F N   1 
ATOM 916  C CA  . ALA E 1 67 ? -9.06068  -2.36696  -1.19849  1.000 14.41357 ? 67 ALA F CA  1 
ATOM 917  C C   . ALA E 1 67 ? -8.77350  -3.78159  -1.66649  1.000 14.44190 ? 67 ALA F C   1 
ATOM 918  O O   . ALA E 1 67 ? -9.45341  -4.29056  -2.55995  1.000 14.76919 ? 67 ALA F O   1 
ATOM 919  C CB  . ALA E 1 67 ? -10.43044 -2.28584  -0.52038  1.000 12.86218 ? 67 ALA F CB  1 
ATOM 920  N N   . VAL E 1 68 ? -7.76550  -4.40880  -1.07785  1.000 13.91786 ? 68 VAL F N   1 
ATOM 921  C CA  . VAL E 1 68 ? -7.35383  -5.74932  -1.45946  1.000 16.10651 ? 68 VAL F CA  1 
ATOM 922  C C   . VAL E 1 68 ? -7.19947  -6.58647  -0.20341  1.000 17.06717 ? 68 VAL F C   1 
ATOM 923  O O   . VAL E 1 68 ? -6.52710  -6.17030  0.74324   1.000 18.39288 ? 68 VAL F O   1 
ATOM 924  C CB  . VAL E 1 68 ? -6.03939  -5.73910  -2.26325  1.000 16.88295 ? 68 VAL F CB  1 
ATOM 925  C CG1 . VAL E 1 68 ? -5.62924  -7.15030  -2.60852  1.000 15.60087 ? 68 VAL F CG1 1 
ATOM 926  C CG2 . VAL E 1 68 ? -6.18330  -4.89377  -3.51238  1.000 13.27335 ? 68 VAL F CG2 1 
ATOM 927  N N   . GLY E 1 69 ? -7.80502  -7.76740  -0.20042  1.000 17.77908 ? 69 GLY F N   1 
ATOM 928  C CA  . GLY E 1 69 ? -7.63708  -8.67794  0.90901   1.000 18.43238 ? 69 GLY F CA  1 
ATOM 929  C C   . GLY E 1 69 ? -6.29226  -9.36793  0.91489   1.000 18.52406 ? 69 GLY F C   1 
ATOM 930  O O   . GLY E 1 69 ? -5.44582  -9.07963  1.76018   1.000 20.68843 ? 69 GLY F O   1 
ATOM 931  N N   . SER E 1 70 ? -6.07309  -10.26217 -0.03924  1.000 18.00484 ? 70 SER F N   1 
ATOM 932  C CA  . SER E 1 70 ? -4.84637  -11.03584 -0.12669  1.000 20.41944 ? 70 SER F CA  1 
ATOM 933  C C   . SER E 1 70 ? -4.39008  -11.03837 -1.57410  1.000 19.89078 ? 70 SER F C   1 
ATOM 934  O O   . SER E 1 70 ? -5.20801  -11.21670 -2.47764  1.000 20.22738 ? 70 SER F O   1 
ATOM 935  C CB  . SER E 1 70 ? -5.05412  -12.47067 0.36817   1.000 20.64698 ? 70 SER F CB  1 
ATOM 936  O OG  . SER E 1 70 ? -5.44305  -12.49708 1.72522   1.000 22.39509 ? 70 SER F OG  1 
ATOM 937  N N   . ALA E 1 71 ? -3.09709  -10.84139 -1.79920  1.000 18.53672 ? 71 ALA F N   1 
ATOM 938  C CA  . ALA E 1 71 ? -2.60737  -10.72098 -3.16218  1.000 17.75653 ? 71 ALA F CA  1 
ATOM 939  C C   . ALA E 1 71 ? -1.15126  -11.13638 -3.23392  1.000 17.81256 ? 71 ALA F C   1 
ATOM 940  O O   . ALA E 1 71 ? -0.36781  -10.83779 -2.33516  1.000 19.71301 ? 71 ALA F O   1 
ATOM 941  C CB  . ALA E 1 71 ? -2.76961  -9.29263  -3.68458  1.000 18.43281 ? 71 ALA F CB  1 
ATOM 942  N N   . VAL E 1 72 ? -0.79787  -11.81746 -4.31540  1.000 17.12817 ? 72 VAL F N   1 
ATOM 943  C CA  . VAL E 1 72 ? 0.55719   -12.29137 -4.54616  1.000 19.34932 ? 72 VAL F CA  1 
ATOM 944  C C   . VAL E 1 72 ? 0.93984   -11.95881 -5.97576  1.000 19.30010 ? 72 VAL F C   1 
ATOM 945  O O   . VAL E 1 72 ? 0.17212   -12.22115 -6.90420  1.000 20.23478 ? 72 VAL F O   1 
ATOM 946  C CB  . VAL E 1 72 ? 0.68983   -13.80703 -4.29948  1.000 20.62616 ? 72 VAL F CB  1 
ATOM 947  C CG1 . VAL E 1 72 ? 2.07331   -14.28306 -4.67914  1.000 21.67489 ? 72 VAL F CG1 1 
ATOM 948  C CG2 . VAL E 1 72 ? 0.38186   -14.14545 -2.86225  1.000 17.65642 ? 72 VAL F CG2 1 
ATOM 949  N N   . GLY E 1 73 ? 2.12074   -11.39005 -6.15380  1.000 19.20762 ? 73 GLY F N   1 
ATOM 950  C CA  . GLY E 1 73 ? 2.66607   -11.20738 -7.47868  1.000 20.23873 ? 73 GLY F CA  1 
ATOM 951  C C   . GLY E 1 73 ? 4.09733   -11.67506 -7.51386  1.000 22.24192 ? 73 GLY F C   1 
ATOM 952  O O   . GLY E 1 73 ? 4.90114   -11.22777 -6.69812  1.000 25.42826 ? 73 GLY F O   1 
ATOM 953  N N   . HIS E 1 74 ? 4.44157   -12.59095 -8.40791  1.000 22.19572 ? 74 HIS F N   1 
ATOM 954  C CA  . HIS E 1 74 ? 5.81672   -13.05002 -8.44341  1.000 25.25092 ? 74 HIS F CA  1 
ATOM 955  C C   . HIS E 1 74 ? 6.24551   -13.39535 -9.85680  1.000 25.81712 ? 74 HIS F C   1 
ATOM 956  O O   . HIS E 1 74 ? 5.42810   -13.75117 -10.70157 1.000 26.69889 ? 74 HIS F O   1 
ATOM 957  C CB  . HIS E 1 74 ? 6.04867   -14.25340 -7.51645  1.000 27.23540 ? 74 HIS F CB  1 
ATOM 958  C CG  . HIS E 1 74 ? 5.10657   -15.38986 -7.72579  1.000 27.29100 ? 74 HIS F CG  1 
ATOM 959  N ND1 . HIS E 1 74 ? 3.74705   -15.26191 -7.54896  1.000 29.38466 ? 74 HIS F ND1 1 
ATOM 960  C CD2 . HIS E 1 74 ? 5.31613   -16.66440 -8.12876  1.000 29.21266 ? 74 HIS F CD2 1 
ATOM 961  C CE1 . HIS E 1 74 ? 3.16037   -16.41347 -7.81938  1.000 31.11525 ? 74 HIS F CE1 1 
ATOM 962  N NE2 . HIS E 1 74 ? 4.09002   -17.28157 -8.17419  1.000 33.60987 ? 74 HIS F NE2 1 
ATOM 963  N N   . THR E 1 75 ? 7.54264   -13.27311 -10.10183 1.000 25.75676 ? 75 THR F N   1 
ATOM 964  C CA  . THR E 1 75 ? 8.15373   -13.63606 -11.36858 1.000 24.85427 ? 75 THR F CA  1 
ATOM 965  C C   . THR E 1 75 ? 9.15662   -14.74424 -11.11629 1.000 26.75673 ? 75 THR F C   1 
ATOM 966  O O   . THR E 1 75 ? 9.93450   -14.67549 -10.16298 1.000 29.99212 ? 75 THR F O   1 
ATOM 967  C CB  . THR E 1 75 ? 8.85165   -12.44608 -12.02129 1.000 25.84912 ? 75 THR F CB  1 
ATOM 968  O OG1 . THR E 1 75 ? 10.03682  -12.12742 -11.28513 1.000 28.49485 ? 75 THR F OG1 1 
ATOM 969  C CG2 . THR E 1 75 ? 7.94524   -11.23767 -12.06994 1.000 25.56732 ? 75 THR F CG2 1 
ATOM 970  N N   . LEU E 1 76 ? 9.12976   -15.76277 -11.96007 1.000 27.96855 ? 76 LEU F N   1 
ATOM 971  C CA  . LEU E 1 76 ? 10.06963  -16.86823 -11.89434 1.000 29.84559 ? 76 LEU F CA  1 
ATOM 972  C C   . LEU E 1 76 ? 10.79786  -16.94410 -13.22682 1.000 33.46029 ? 76 LEU F C   1 
ATOM 973  O O   . LEU E 1 76 ? 10.16331  -16.92116 -14.28547 1.000 34.59137 ? 76 LEU F O   1 
ATOM 974  C CB  . LEU E 1 76 ? 9.34316   -18.17814 -11.58083 1.000 31.12398 ? 76 LEU F CB  1 
ATOM 975  C CG  . LEU E 1 76 ? 10.11438  -19.36841 -11.00744 1.000 31.43613 ? 76 LEU F CG  1 
ATOM 976  C CD1 . LEU E 1 76 ? 9.14565   -20.39344 -10.47063 1.000 30.05082 ? 76 LEU F CD1 1 
ATOM 977  C CD2 . LEU E 1 76 ? 11.00389  -20.01227 -12.04865 1.000 31.88436 ? 76 LEU F CD2 1 
ATOM 978  N N   . GLY E 1 77 ? 12.12260  -17.01670 -13.17445 1.000 34.56643 ? 77 GLY F N   1 
ATOM 979  C CA  . GLY E 1 77 ? 12.91329  -17.11826 -14.38221 1.000 33.83237 ? 77 GLY F CA  1 
ATOM 980  C C   . GLY E 1 77 ? 13.59880  -15.82241 -14.74752 1.000 36.24385 ? 77 GLY F C   1 
ATOM 981  O O   . GLY E 1 77 ? 14.57425  -15.42882 -14.10710 1.000 41.49536 ? 77 GLY F O   1 
ATOM 982  N N   . HIS E 1 78 ? 13.09935  -15.15172 -15.77976 1.000 37.28894 ? 78 HIS F N   1 
ATOM 983  C CA  . HIS E 1 78 ? 13.67100  -13.90416 -16.26625 1.000 38.36459 ? 78 HIS F CA  1 
ATOM 984  C C   . HIS E 1 78 ? 12.55409  -12.89965 -16.46706 1.000 37.03349 ? 78 HIS F C   1 
ATOM 985  O O   . HIS E 1 78 ? 11.59634  -13.17191 -17.19452 1.000 39.72804 ? 78 HIS F O   1 
ATOM 986  C CB  . HIS E 1 78 ? 14.42398  -14.11368 -17.58161 1.000 39.10292 ? 78 HIS F CB  1 
ATOM 987  C CG  . HIS E 1 78 ? 15.82899  -14.58524 -17.40470 1.000 41.03790 ? 78 HIS F CG  1 
ATOM 988  N ND1 . HIS E 1 78 ? 16.90133  -13.72358 -17.35157 1.000 44.20078 ? 78 HIS F ND1 1 
ATOM 989  C CD2 . HIS E 1 78 ? 16.33693  -15.82995 -17.25400 1.000 42.18978 ? 78 HIS F CD2 1 
ATOM 990  C CE1 . HIS E 1 78 ? 18.01171  -14.41841 -17.18503 1.000 46.60959 ? 78 HIS F CE1 1 
ATOM 991  N NE2 . HIS E 1 78 ? 17.69669  -15.69862 -17.12153 1.000 46.17193 ? 78 HIS F NE2 1 
ATOM 992  N N   . ALA E 1 79 ? 12.68100  -11.74132 -15.83962 1.000 35.03043 ? 79 ALA F N   1 
ATOM 993  C CA  . ALA E 1 79 ? 11.68915  -10.69059 -15.96736 1.000 34.30612 ? 79 ALA F CA  1 
ATOM 994  C C   . ALA E 1 79 ? 12.40655  -9.37743  -16.20682 1.000 33.63717 ? 79 ALA F C   1 
ATOM 995  O O   . ALA E 1 79 ? 13.37596  -9.06249  -15.51391 1.000 36.36722 ? 79 ALA F O   1 
ATOM 996  C CB  . ALA E 1 79 ? 10.80527  -10.60572 -14.72076 1.000 32.74709 ? 79 ALA F CB  1 
ATOM 997  N N   . ILE E 1 80 ? 11.94466  -8.62666  -17.19675 1.000 33.70280 ? 80 ILE F N   1 
ATOM 998  C CA  . ILE E 1 80 ? 12.51031  -7.32871  -17.53088 1.000 34.51786 ? 80 ILE F CA  1 
ATOM 999  C C   . ILE E 1 80 ? 11.37237  -6.32978  -17.59782 1.000 33.02913 ? 80 ILE F C   1 
ATOM 1000 O O   . ILE E 1 80 ? 10.39354  -6.54824  -18.31833 1.000 35.99447 ? 80 ILE F O   1 
ATOM 1001 C CB  . ILE E 1 80 ? 13.28393  -7.35201  -18.85926 1.000 34.40821 ? 80 ILE F CB  1 
ATOM 1002 C CG1 . ILE E 1 80 ? 14.43391  -8.35250  -18.79217 1.000 33.99819 ? 80 ILE F CG1 1 
ATOM 1003 C CG2 . ILE E 1 80 ? 13.78911  -5.96730  -19.19880 1.000 32.64908 ? 80 ILE F CG2 1 
ATOM 1004 C CD1 . ILE E 1 80 ? 14.85286  -8.88062  -20.13750 1.000 32.78815 ? 80 ILE F CD1 1 
ATOM 1005 N N   . THR E 1 81 ? 11.49650  -5.24301  -16.85201 1.000 30.69791 ? 81 THR F N   1 
ATOM 1006 C CA  . THR E 1 81 ? 10.51698  -4.17278  -16.86253 1.000 31.85109 ? 81 THR F CA  1 
ATOM 1007 C C   . THR E 1 81 ? 11.16059  -2.92994  -17.44979 1.000 31.90499 ? 81 THR F C   1 
ATOM 1008 O O   . THR E 1 81 ? 12.20637  -2.48669  -16.97119 1.000 33.39629 ? 81 THR F O   1 
ATOM 1009 C CB  . THR E 1 81 ? 9.99925   -3.87965  -15.45353 1.000 33.26009 ? 81 THR F CB  1 
ATOM 1010 O OG1 . THR E 1 81 ? 9.48449   -5.08003  -14.87056 1.000 37.99041 ? 81 THR F OG1 1 
ATOM 1011 C CG2 . THR E 1 81 ? 8.90024   -2.85290  -15.50964 1.000 30.45432 ? 81 THR F CG2 1 
ATOM 1012 N N   . GLY E 1 82 ? 10.53743  -2.37164  -18.48074 1.000 31.40192 ? 82 GLY F N   1 
ATOM 1013 C CA  . GLY E 1 82 ? 11.05623  -1.15226  -19.06791 1.000 30.84975 ? 82 GLY F CA  1 
ATOM 1014 C C   . GLY E 1 82 ? 10.84179  0.03657   -18.14952 1.000 30.04748 ? 82 GLY F C   1 
ATOM 1015 O O   . GLY E 1 82 ? 9.83965   0.13001   -17.44168 1.000 32.42330 ? 82 GLY F O   1 
ATOM 1016 N N   . GLY E 1 83 ? 11.79385  0.95707   -18.17217 1.000 28.45611 ? 83 GLY F N   1 
ATOM 1017 C CA  . GLY E 1 83 ? 11.71785  2.17457   -17.39969 1.000 27.68102 ? 83 GLY F CA  1 
ATOM 1018 C C   . GLY E 1 83 ? 11.15347  3.32764   -18.19793 1.000 27.81899 ? 83 GLY F C   1 
ATOM 1019 O O   . GLY E 1 83 ? 10.44434  3.14845   -19.18991 1.000 27.93529 ? 83 GLY F O   1 
ATOM 1020 N N   . PHE E 1 84 ? 11.47798  4.53357   -17.75273 1.000 29.86601 ? 84 PHE F N   1 
ATOM 1021 C CA  . PHE E 1 84 ? 10.98047  5.76708   -18.34405 1.000 29.96372 ? 84 PHE F CA  1 
ATOM 1022 C C   . PHE E 1 84 ? 12.15154  6.51988   -18.95708 1.000 32.57061 ? 84 PHE F C   1 
ATOM 1023 O O   . PHE E 1 84 ? 13.14131  6.79302   -18.27310 1.000 35.63653 ? 84 PHE F O   1 
ATOM 1024 C CB  . PHE E 1 84 ? 10.28040  6.62268   -17.28884 1.000 27.34781 ? 84 PHE F CB  1 
ATOM 1025 C CG  . PHE E 1 84 ? 8.97300   6.05765   -16.82379 1.000 26.42013 ? 84 PHE F CG  1 
ATOM 1026 C CD1 . PHE E 1 84 ? 8.93824   4.94437   -16.00839 1.000 24.92075 ? 84 PHE F CD1 1 
ATOM 1027 C CD2 . PHE E 1 84 ? 7.78061   6.64773   -17.18835 1.000 25.40217 ? 84 PHE F CD2 1 
ATOM 1028 C CE1 . PHE E 1 84 ? 7.74321   4.42430   -15.58298 1.000 24.10622 ? 84 PHE F CE1 1 
ATOM 1029 C CE2 . PHE E 1 84 ? 6.58277   6.12959   -16.76067 1.000 23.54682 ? 84 PHE F CE2 1 
ATOM 1030 C CZ  . PHE E 1 84 ? 6.56552   5.01738   -15.95960 1.000 23.92747 ? 84 PHE F CZ  1 
ATOM 1031 N N   . SER E 1 85 ? 12.04137  6.85289   -20.23679 1.000 35.40179 ? 85 SER F N   1 
ATOM 1032 C CA  . SER E 1 85 ? 13.08795  7.57119   -20.94642 1.000 37.68598 ? 85 SER F CA  1 
ATOM 1033 C C   . SER E 1 85 ? 12.48813  8.75729   -21.68395 1.000 40.83292 ? 85 SER F C   1 
ATOM 1034 O O   . SER E 1 85 ? 11.30243  8.76152   -22.01912 1.000 41.26880 ? 85 SER F O   1 
ATOM 1035 C CB  . SER E 1 85 ? 13.82300  6.66205   -21.92568 1.000 36.90149 ? 85 SER F CB  1 
ATOM 1036 O OG  . SER E 1 85 ? 13.94363  5.35530   -21.40679 1.000 38.33590 ? 85 SER F OG  1 
ATOM 1037 N N   . GLY E 1 86 ? 13.31552  9.76655   -21.92794 1.000 41.92537 ? 86 GLY F N   1 
ATOM 1038 C CA  . GLY E 1 86 ? 12.87188  10.98057  -22.58789 1.000 43.78560 ? 86 GLY F CA  1 
ATOM 1039 C C   . GLY E 1 86 ? 13.07132  10.97403  -24.09085 1.000 45.54955 ? 86 GLY F C   1 
ATOM 1040 O O   . GLY E 1 86 ? 13.72272  10.08444  -24.63567 1.000 44.84450 ? 86 GLY F O   1 
ATOM 1041 N N   . GLY F 1 54 ? 3.91402   -16.13997 11.38578  1.000 29.01305 ? 54 GLY G N   1 
ATOM 1042 C CA  . GLY F 1 54 ? 4.75455   -15.32226 10.53683  1.000 27.44263 ? 54 GLY G CA  1 
ATOM 1043 C C   . GLY F 1 54 ? 4.55645   -13.84344 10.78035  1.000 26.97816 ? 54 GLY G C   1 
ATOM 1044 O O   . GLY F 1 54 ? 5.23918   -13.25529 11.60724  1.000 29.14581 ? 54 GLY G O   1 
ATOM 1045 N N   . LEU F 1 55 ? 3.62249   -13.24102 10.05141  1.000 25.80001 ? 55 LEU G N   1 
ATOM 1046 C CA  . LEU F 1 55 ? 3.27131   -11.83853 10.20907  1.000 23.74605 ? 55 LEU G CA  1 
ATOM 1047 C C   . LEU F 1 55 ? 1.81560   -11.75244 10.63641  1.000 25.12074 ? 55 LEU G C   1 
ATOM 1048 O O   . LEU F 1 55 ? 0.94003   -12.31753 9.97745   1.000 27.72237 ? 55 LEU G O   1 
ATOM 1049 C CB  . LEU F 1 55 ? 3.47784   -11.06485 8.90976   1.000 24.13651 ? 55 LEU G CB  1 
ATOM 1050 C CG  . LEU F 1 55 ? 4.88155   -10.60212 8.52526   1.000 24.21953 ? 55 LEU G CG  1 
ATOM 1051 C CD1 . LEU F 1 55 ? 5.67271   -11.74419 7.94635   1.000 22.70442 ? 55 LEU G CD1 1 
ATOM 1052 C CD2 . LEU F 1 55 ? 4.81438   -9.45087  7.54376   1.000 23.17039 ? 55 LEU G CD2 1 
ATOM 1053 N N   . MET F 1 56 ? 1.55604   -11.04947 11.72828  1.000 25.01115 ? 56 MET G N   1 
ATOM 1054 C CA  . MET F 1 56 ? 0.19872   -10.81654 12.19434  1.000 24.41956 ? 56 MET G CA  1 
ATOM 1055 C C   . MET F 1 56 ? 0.02541   -9.33680  12.48977  1.000 23.56335 ? 56 MET G C   1 
ATOM 1056 O O   . MET F 1 56 ? 0.92617   -8.70095  13.03985  1.000 25.72292 ? 56 MET G O   1 
ATOM 1057 C CB  . MET F 1 56 ? -0.11178  -11.65665 13.43125  1.000 25.91879 ? 56 MET G CB  1 
ATOM 1058 C CG  . MET F 1 56 ? -1.57538  -11.67192 13.80757  1.000 29.54849 ? 56 MET G CG  1 
ATOM 1059 S SD  . MET F 1 56 ? -1.87182  -12.39319 15.42969  1.000 55.15240 ? 56 MET G SD  1 
ATOM 1060 C CE  . MET F 1 56 ? -0.42731  -13.43619 15.60890  1.000 42.82806 ? 56 MET G CE  1 
ATOM 1061 N N   . ALA F 1 57 ? -1.12261  -8.78713  12.11506  1.000 21.58903 ? 57 ALA G N   1 
ATOM 1062 C CA  . ALA F 1 57 ? -1.41120  -7.38553  12.37144  1.000 19.64943 ? 57 ALA G CA  1 
ATOM 1063 C C   . ALA F 1 57 ? -2.88441  -7.22102  12.70409  1.000 18.13961 ? 57 ALA G C   1 
ATOM 1064 O O   . ALA F 1 57 ? -3.74260  -7.75473  12.00121  1.000 19.89031 ? 57 ALA G O   1 
ATOM 1065 C CB  . ALA F 1 57 ? -1.03863  -6.51957  11.17241  1.000 18.28014 ? 57 ALA G CB  1 
ATOM 1066 N N   . GLN F 1 58 ? -3.17160  -6.49587  13.77484  1.000 17.46087 ? 58 GLN G N   1 
ATOM 1067 C CA  . GLN F 1 58 ? -4.51894  -6.03393  14.08704  1.000 16.97849 ? 58 GLN G CA  1 
ATOM 1068 C C   . GLN F 1 58 ? -4.46670  -4.51370  14.10982  1.000 17.32329 ? 58 GLN G C   1 
ATOM 1069 O O   . GLN F 1 58 ? -3.88071  -3.92681  15.02173  1.000 17.55871 ? 58 GLN G O   1 
ATOM 1070 C CB  . GLN F 1 58 ? -5.00449  -6.59046  15.41993  1.000 16.18472 ? 58 GLN G CB  1 
ATOM 1071 C CG  . GLN F 1 58 ? -5.08851  -8.09505  15.46544  1.000 18.38182 ? 58 GLN G CG  1 
ATOM 1072 C CD  . GLN F 1 58 ? -5.59424  -8.60068  16.79236  1.000 19.16687 ? 58 GLN G CD  1 
ATOM 1073 O OE1 . GLN F 1 58 ? -5.01191  -8.32301  17.83149  1.000 22.38684 ? 58 GLN G OE1 1 
ATOM 1074 N NE2 . GLN F 1 58 ? -6.67645  -9.35885  16.76334  1.000 20.94181 ? 58 GLN G NE2 1 
ATOM 1075 N N   . MET F 1 59 ? -5.05496  -3.87539  13.10511  1.000 17.08519 ? 59 MET G N   1 
ATOM 1076 C CA  . MET F 1 59 ? -4.93285  -2.43635  12.94097  1.000 17.68909 ? 59 MET G CA  1 
ATOM 1077 C C   . MET F 1 59 ? -6.30613  -1.79840  12.89279  1.000 19.17835 ? 59 MET G C   1 
ATOM 1078 O O   . MET F 1 59 ? -7.18294  -2.25162  12.15452  1.000 21.66846 ? 59 MET G O   1 
ATOM 1079 C CB  . MET F 1 59 ? -4.16798  -2.07354  11.67108  1.000 18.64381 ? 59 MET G CB  1 
ATOM 1080 C CG  . MET F 1 59 ? -2.77498  -2.64396  11.60030  1.000 19.74260 ? 59 MET G CG  1 
ATOM 1081 S SD  . MET F 1 59 ? -2.05173  -2.51217  9.96557   1.000 29.59324 ? 59 MET G SD  1 
ATOM 1082 C CE  . MET F 1 59 ? -2.44690  -0.81226  9.55701   1.000 21.21167 ? 59 MET G CE  1 
ATOM 1083 N N   . ALA F 1 60 ? -6.48329  -0.74304  13.67251  1.000 19.53529 ? 60 ALA G N   1 
ATOM 1084 C CA  . ALA F 1 60 ? -7.65465  0.11210   13.58949  1.000 21.79083 ? 60 ALA G CA  1 
ATOM 1085 C C   . ALA F 1 60 ? -7.17798  1.49373   13.17816  1.000 22.20524 ? 60 ALA G C   1 
ATOM 1086 O O   . ALA F 1 60 ? -6.34768  2.09514   13.86315  1.000 23.38786 ? 60 ALA G O   1 
ATOM 1087 C CB  . ALA F 1 60 ? -8.41041  0.15816   14.91765  1.000 19.88828 ? 60 ALA G CB  1 
ATOM 1088 N N   . THR F 1 61 ? -7.68506  1.98192   12.05552  1.000 21.68359 ? 61 THR G N   1 
ATOM 1089 C CA  . THR F 1 61 ? -7.24284  3.23625   11.47476  1.000 22.96872 ? 61 THR G CA  1 
ATOM 1090 C C   . THR F 1 61 ? -8.46579  4.00929   11.02039  1.000 24.34706 ? 61 THR G C   1 
ATOM 1091 O O   . THR F 1 61 ? -9.43848  3.41826   10.55301  1.000 27.40234 ? 61 THR G O   1 
ATOM 1092 C CB  . THR F 1 61 ? -6.29386  2.99805   10.27904  1.000 27.39073 ? 61 THR G CB  1 
ATOM 1093 O OG1 . THR F 1 61 ? -5.32361  1.99916   10.61574  1.000 26.17421 ? 61 THR G OG1 1 
ATOM 1094 C CG2 . THR F 1 61 ? -5.57065  4.27599   9.89353   1.000 23.16478 ? 61 THR G CG2 1 
ATOM 1095 N N   . THR F 1 62 ? -8.42406  5.32937   11.15657  1.000 23.30609 ? 62 THR G N   1 
ATOM 1096 C CA  . THR F 1 62 ? -9.53893  6.12673   10.66403  1.000 23.51950 ? 62 THR G CA  1 
ATOM 1097 C C   . THR F 1 62 ? -9.26940  6.66954   9.26865   1.000 22.03243 ? 62 THR G C   1 
ATOM 1098 O O   . THR F 1 62 ? -10.07606 6.47164   8.35870   1.000 25.43888 ? 62 THR G O   1 
ATOM 1099 C CB  . THR F 1 62 ? -9.85878  7.26554   11.63076  1.000 22.33893 ? 62 THR G CB  1 
ATOM 1100 O OG1 . THR F 1 62 ? -10.35939 6.71584   12.85050  1.000 24.05520 ? 62 THR G OG1 1 
ATOM 1101 C CG2 . THR F 1 62 ? -10.91300 8.17417   11.04076  1.000 21.45666 ? 62 THR G CG2 1 
ATOM 1102 N N   . ALA F 1 63 ? -8.14733  7.34652   9.07537   1.000 18.95030 ? 63 ALA G N   1 
ATOM 1103 C CA  . ALA F 1 63 ? -7.78085  7.84106   7.76045   1.000 17.24503 ? 63 ALA G CA  1 
ATOM 1104 C C   . ALA F 1 63 ? -6.32476  7.50826   7.50145   1.000 16.97405 ? 63 ALA G C   1 
ATOM 1105 O O   . ALA F 1 63 ? -5.47130  7.74376   8.35744   1.000 18.70533 ? 63 ALA G O   1 
ATOM 1106 C CB  . ALA F 1 63 ? -8.01259  9.34648   7.64291   1.000 16.89026 ? 63 ALA G CB  1 
ATOM 1107 N N   . ALA F 1 64 ? -6.04077  6.96459   6.32605   1.000 14.52720 ? 64 ALA G N   1 
ATOM 1108 C CA  . ALA F 1 64 ? -4.67146  6.64384   5.96695   1.000 15.04696 ? 64 ALA G CA  1 
ATOM 1109 C C   . ALA F 1 64 ? -4.49825  6.80339   4.46988   1.000 13.19173 ? 64 ALA G C   1 
ATOM 1110 O O   . ALA F 1 64 ? -5.36363  6.39429   3.69731   1.000 14.36258 ? 64 ALA G O   1 
ATOM 1111 C CB  . ALA F 1 64 ? -4.29905  5.22063   6.38906   1.000 14.14385 ? 64 ALA G CB  1 
ATOM 1112 N N   . GLY F 1 65 ? -3.38176  7.40304   4.06564   1.000 13.84747 ? 65 GLY G N   1 
ATOM 1113 C CA  . GLY F 1 65 ? -3.02321  7.36665   2.66083   1.000 13.16863 ? 65 GLY G CA  1 
ATOM 1114 C C   . GLY F 1 65 ? -2.83211  5.94720   2.17332   1.000 12.59682 ? 65 GLY G C   1 
ATOM 1115 O O   . GLY F 1 65 ? -3.38555  5.54729   1.15150   1.000 14.02793 ? 65 GLY G O   1 
ATOM 1116 N N   . VAL F 1 66 ? -2.06795  5.15974   2.91846   1.000 12.18688 ? 66 VAL G N   1 
ATOM 1117 C CA  . VAL F 1 66 ? -1.85769  3.74975   2.63290   1.000 13.26817 ? 66 VAL G CA  1 
ATOM 1118 C C   . VAL F 1 66 ? -1.93123  2.99980   3.95047   1.000 12.77083 ? 66 VAL G C   1 
ATOM 1119 O O   . VAL F 1 66 ? -1.24820  3.36428   4.91100   1.000 13.59130 ? 66 VAL G O   1 
ATOM 1120 C CB  . VAL F 1 66 ? -0.50452  3.49001   1.94140   1.000 13.38609 ? 66 VAL G CB  1 
ATOM 1121 C CG1 . VAL F 1 66 ? -0.22557  2.00590   1.86585   1.000 12.39896 ? 66 VAL G CG1 1 
ATOM 1122 C CG2 . VAL F 1 66 ? -0.48145  4.11097   0.56342   1.000 10.97295 ? 66 VAL G CG2 1 
ATOM 1123 N N   . ALA F 1 67 ? -2.75391  1.96058   4.00202   1.000 12.25268 ? 67 ALA G N   1 
ATOM 1124 C CA  . ALA F 1 67 ? -2.87407  1.11193   5.17797   1.000 14.41357 ? 67 ALA G CA  1 
ATOM 1125 C C   . ALA F 1 67 ? -2.62404  -0.32491  4.75888   1.000 14.44190 ? 67 ALA G C   1 
ATOM 1126 O O   . ALA F 1 67 ? -3.30613  -0.84088  3.87112   1.000 14.76919 ? 67 ALA G O   1 
ATOM 1127 C CB  . ALA F 1 67 ? -4.25053  1.25627   5.83155   1.000 12.86218 ? 67 ALA G CB  1 
ATOM 1128 N N   . VAL F 1 68 ? -1.64481  -0.96369  5.38259   1.000 13.91786 ? 68 VAL G N   1 
ATOM 1129 C CA  . VAL F 1 68 ? -1.26934  -2.32756  5.04949   1.000 16.10651 ? 68 VAL G CA  1 
ATOM 1130 C C   . VAL F 1 68 ? -1.15963  -3.12888  6.33330   1.000 17.06717 ? 68 VAL G C   1 
ATOM 1131 O O   . VAL F 1 68 ? -0.48874  -2.70372  7.27700   1.000 18.39288 ? 68 VAL G O   1 
ATOM 1132 C CB  . VAL F 1 68 ? 0.05654   -2.38294  4.26659   1.000 16.88295 ? 68 VAL G CB  1 
ATOM 1133 C CG1 . VAL F 1 68 ? 0.42776   -3.81623  3.97199   1.000 15.60087 ? 68 VAL G CG1 1 
ATOM 1134 C CG2 . VAL F 1 68 ? -0.04258  -1.57356  2.98961   1.000 13.27335 ? 68 VAL G CG2 1 
ATOM 1135 N N   . GLY F 1 69 ? -1.80152  -4.29007  6.36355   1.000 17.77908 ? 69 GLY G N   1 
ATOM 1136 C CA  . GLY F 1 69 ? -1.67834  -5.16975  7.50334   1.000 18.43238 ? 69 GLY G CA  1 
ATOM 1137 C C   . GLY F 1 69 ? -0.35581  -5.89998  7.55193   1.000 18.52406 ? 69 GLY G C   1 
ATOM 1138 O O   . GLY F 1 69 ? 0.48656   -5.61108  8.40104   1.000 20.68843 ? 69 GLY G O   1 
ATOM 1139 N N   . SER F 1 70 ? -0.15040  -6.83025  6.62969   1.000 18.00484 ? 70 SER G N   1 
ATOM 1140 C CA  . SER F 1 70 ? 1.05287   -7.64340  6.58575   1.000 20.41944 ? 70 SER G CA  1 
ATOM 1141 C C   . SER F 1 70 ? 1.53022   -7.70567  5.14650   1.000 19.89078 ? 70 SER G C   1 
ATOM 1142 O O   . SER F 1 70 ? 0.72061   -7.88742  4.23617   1.000 20.22738 ? 70 SER G O   1 
ATOM 1143 C CB  . SER F 1 70 ? 0.79340   -9.05485  7.12176   1.000 20.64698 ? 70 SER G CB  1 
ATOM 1144 O OG  . SER F 1 70 ? 0.38380   -9.02641  8.47267   1.000 22.39509 ? 70 SER G OG  1 
ATOM 1145 N N   . ALA F 1 71 ? 2.83189   -7.55552  4.93577   1.000 18.53672 ? 71 ALA G N   1 
ATOM 1146 C CA  . ALA F 1 71 ? 3.34522   -7.49331  3.57759   1.000 17.75653 ? 71 ALA G CA  1 
ATOM 1147 C C   . ALA F 1 71 ? 4.78864   -7.95505  3.54179   1.000 17.81256 ? 71 ALA G C   1 
ATOM 1148 O O   . ALA F 1 71 ? 5.56760   -7.65226  4.44304   1.000 19.71301 ? 71 ALA G O   1 
ATOM 1149 C CB  . ALA F 1 71 ? 3.23514   -6.07792  3.00843   1.000 18.43281 ? 71 ALA G CB  1 
ATOM 1150 N N   . VAL F 1 72 ? 5.13668   -8.68050  2.48777   1.000 17.12817 ? 72 VAL G N   1 
ATOM 1151 C CA  . VAL F 1 72 ? 6.47965   -9.20265  2.29328   1.000 19.34932 ? 72 VAL G CA  1 
ATOM 1152 C C   . VAL F 1 72 ? 6.89356   -8.92734  0.86023   1.000 19.30010 ? 72 VAL G C   1 
ATOM 1153 O O   . VAL F 1 72 ? 6.13188   -9.19534  -0.07158  1.000 20.23478 ? 72 VAL G O   1 
ATOM 1154 C CB  . VAL F 1 72 ? 6.56153   -10.71309 2.58914   1.000 20.62616 ? 72 VAL G CB  1 
ATOM 1155 C CG1 . VAL F 1 72 ? 7.93504   -11.24294 2.24636   1.000 21.67489 ? 72 VAL G CG1 1 
ATOM 1156 C CG2 . VAL F 1 72 ? 6.22198   -10.99630 4.03119   1.000 17.65642 ? 72 VAL G CG2 1 
ATOM 1157 N N   . GLY F 1 73 ? 8.09403   -8.40084  0.68318   1.000 19.20762 ? 73 GLY G N   1 
ATOM 1158 C CA  . GLY F 1 73 ? 8.66432   -8.27693  -0.63800  1.000 20.23873 ? 73 GLY G CA  1 
ATOM 1159 C C   . GLY F 1 73 ? 10.08074  -8.78899  -0.63602  1.000 22.24192 ? 73 GLY G C   1 
ATOM 1160 O O   . GLY F 1 73 ? 10.88589  -8.34088  0.17795   1.000 25.42826 ? 73 GLY G O   1 
ATOM 1161 N N   . HIS F 1 74 ? 10.40958  -9.74281  -1.49555  1.000 22.19572 ? 74 HIS G N   1 
ATOM 1162 C CA  . HIS F 1 74 ? 11.77019  -10.24457 -1.49504  1.000 25.25092 ? 74 HIS G CA  1 
ATOM 1163 C C   . HIS F 1 74 ? 12.20893  -10.64738 -2.89005  1.000 25.81712 ? 74 HIS G C   1 
ATOM 1164 O O   . HIS F 1 74 ? 11.39346  -11.00462 -3.73610  1.000 26.69889 ? 74 HIS G O   1 
ATOM 1165 C CB  . HIS F 1 74 ? 11.95094  -11.42454 -0.52749  1.000 27.23540 ? 74 HIS G CB  1 
ATOM 1166 C CG  . HIS F 1 74 ? 10.97724  -12.53774 -0.71613  1.000 27.29100 ? 74 HIS G CG  1 
ATOM 1167 N ND1 . HIS F 1 74 ? 9.61987   -12.36278 -0.56481  1.000 29.38466 ? 74 HIS G ND1 1 
ATOM 1168 C CD2 . HIS F 1 74 ? 11.15308  -13.83020 -1.07583  1.000 29.21266 ? 74 HIS G CD2 1 
ATOM 1169 C CE1 . HIS F 1 74 ? 9.00180   -13.50385 -0.80843  1.000 31.11525 ? 74 HIS G CE1 1 
ATOM 1170 N NE2 . HIS F 1 74 ? 9.90922   -14.41075 -1.12131  1.000 33.60987 ? 74 HIS G NE2 1 
ATOM 1171 N N   . THR F 1 75 ? 13.51271  -10.57265 -3.11829  1.000 25.75676 ? 75 THR G N   1 
ATOM 1172 C CA  . THR F 1 75 ? 14.13091  -10.99399 -4.36332  1.000 24.85427 ? 75 THR G CA  1 
ATOM 1173 C C   . THR F 1 75 ? 15.09509  -12.12376 -4.06084  1.000 26.75673 ? 75 THR G C   1 
ATOM 1174 O O   . THR F 1 75 ? 15.86053  -12.04867 -3.09799  1.000 29.99212 ? 75 THR G O   1 
ATOM 1175 C CB  . THR F 1 75 ? 14.87500  -9.84714  -5.04172  1.000 25.84912 ? 75 THR G CB  1 
ATOM 1176 O OG1 . THR F 1 75 ? 16.05848  -9.54171  -4.29726  1.000 28.49485 ? 75 THR G OG1 1 
ATOM 1177 C CG2 . THR F 1 75 ? 14.00735  -8.61374  -5.14230  1.000 25.56732 ? 75 THR G CG2 1 
ATOM 1178 N N   . LEU F 1 76 ? 15.04912  -13.16718 -4.87278  1.000 27.96855 ? 76 LEU G N   1 
ATOM 1179 C CA  . LEU F 1 76 ? 15.95315  -14.29821 -4.75781  1.000 29.84559 ? 76 LEU G CA  1 
ATOM 1180 C C   . LEU F 1 76 ? 16.69831  -14.43841 -6.07564  1.000 33.46029 ? 76 LEU G C   1 
ATOM 1181 O O   . LEU F 1 76 ? 16.08052  -14.42960 -7.14436  1.000 34.59137 ? 76 LEU G O   1 
ATOM 1182 C CB  . LEU F 1 76 ? 15.18182  -15.57473 -4.41513  1.000 31.12398 ? 76 LEU G CB  1 
ATOM 1183 C CG  . LEU F 1 76 ? 15.90717  -16.76927 -3.79283  1.000 31.43613 ? 76 LEU G CG  1 
ATOM 1184 C CD1 . LEU F 1 76 ? 14.89925  -17.74672 -3.23967  1.000 30.05082 ? 76 LEU G CD1 1 
ATOM 1185 C CD2 . LEU F 1 76 ? 16.79158  -17.47263 -4.79931  1.000 31.88436 ? 76 LEU G CD2 1 
ATOM 1186 N N   . GLY F 1 77 ? 18.01924  -14.54976 -6.00016  1.000 34.56643 ? 77 GLY G N   1 
ATOM 1187 C CA  . GLY F 1 77 ? 18.82419  -14.71359 -7.19156  1.000 33.83237 ? 77 GLY G CA  1 
ATOM 1188 C C   . GLY F 1 77 ? 19.55491  -13.45149 -7.58624  1.000 36.24385 ? 77 GLY G C   1 
ATOM 1189 O O   . GLY F 1 77 ? 20.53252  -13.06782 -6.94310  1.000 41.49536 ? 77 GLY G O   1 
ATOM 1190 N N   . HIS F 1 78 ? 19.09182  -12.79885 -8.64662  1.000 37.28894 ? 78 HIS G N   1 
ATOM 1191 C CA  . HIS F 1 78 ? 19.70906  -11.58535 -9.16269  1.000 38.36459 ? 78 HIS G CA  1 
ATOM 1192 C C   . HIS F 1 78 ? 18.62696  -10.55405 -9.41229  1.000 37.03349 ? 78 HIS G C   1 
ATOM 1193 O O   . HIS F 1 78 ? 17.67208  -10.81980 -10.14592 1.000 39.72804 ? 78 HIS G O   1 
ATOM 1194 C CB  . HIS F 1 78 ? 20.47455  -11.85930 -10.45884 1.000 39.10292 ? 78 HIS G CB  1 
ATOM 1195 C CG  . HIS F 1 78 ? 21.86148  -12.36774 -10.24519 1.000 41.03790 ? 78 HIS G CG  1 
ATOM 1196 N ND1 . HIS F 1 78 ? 22.95914  -11.53799 -10.20206 1.000 44.20078 ? 78 HIS G ND1 1 
ATOM 1197 C CD2 . HIS F 1 78 ? 22.32827  -13.62199 -10.04779 1.000 42.18978 ? 78 HIS G CD2 1 
ATOM 1198 C CE1 . HIS F 1 78 ? 24.04484  -12.26081 -9.99646  1.000 46.60959 ? 78 HIS G CE1 1 
ATOM 1199 N NE2 . HIS F 1 78 ? 23.68934  -13.52814 -9.89807  1.000 46.17193 ? 78 HIS G NE2 1 
ATOM 1200 N N   . ALA F 1 79 ? 18.78044  -9.38087  -8.81933  1.000 35.03043 ? 79 ALA G N   1 
ATOM 1201 C CA  . ALA F 1 79 ? 17.82369  -8.30489  -8.99538  1.000 34.30612 ? 79 ALA G CA  1 
ATOM 1202 C C   . ALA F 1 79 ? 18.58495  -7.02250  -9.26433  1.000 33.63717 ? 79 ALA G C   1 
ATOM 1203 O O   . ALA F 1 79 ? 19.55331  -6.71556  -8.56637  1.000 36.36722 ? 79 ALA G O   1 
ATOM 1204 C CB  . ALA F 1 79 ? 16.92453  -8.15366  -7.76612  1.000 32.74709 ? 79 ALA G CB  1 
ATOM 1205 N N   . ILE F 1 80 ? 18.16128  -6.28967  -10.28432 1.000 33.70280 ? 80 ILE G N   1 
ATOM 1206 C CA  . ILE F 1 80 ? 18.77183  -5.02083  -10.64978 1.000 34.51786 ? 80 ILE G CA  1 
ATOM 1207 C C   . ILE F 1 80 ? 17.66654  -3.99022  -10.76576 1.000 33.02913 ? 80 ILE G C   1 
ATOM 1208 O O   . ILE F 1 80 ? 16.69217  -4.20135  -11.49445 1.000 35.99447 ? 80 ILE G O   1 
ATOM 1209 C CB  . ILE F 1 80 ? 19.56391  -5.10977  -11.96444 1.000 34.40821 ? 80 ILE G CB  1 
ATOM 1210 C CG1 . ILE F 1 80 ? 20.68118  -6.14230  -11.84808 1.000 33.99819 ? 80 ILE G CG1 1 
ATOM 1211 C CG2 . ILE F 1 80 ? 20.11679  -3.75258  -12.33896 1.000 32.64908 ? 80 ILE G CG2 1 
ATOM 1212 C CD1 . ILE F 1 80 ? 21.10340  -6.72528  -13.16953 1.000 32.78815 ? 80 ILE G CD1 1 
ATOM 1213 N N   . THR F 1 81 ? 17.81330  -2.88469  -10.05233 1.000 30.69791 ? 81 THR G N   1 
ATOM 1214 C CA  . THR F 1 81 ? 16.86771  -1.78590  -10.11164 1.000 31.85109 ? 81 THR G CA  1 
ATOM 1215 C C   . THR F 1 81 ? 17.55820  -0.58250  -10.72714 1.000 31.90499 ? 81 THR G C   1 
ATOM 1216 O O   . THR F 1 81 ? 18.61003  -0.15650  -10.24616 1.000 33.39629 ? 81 THR G O   1 
ATOM 1217 C CB  . THR F 1 81 ? 16.33854  -1.43266  -8.72079  1.000 33.26009 ? 81 THR G CB  1 
ATOM 1218 O OG1 . THR F 1 81 ? 15.77821  -2.59770  -8.10887  1.000 37.99041 ? 81 THR G OG1 1 
ATOM 1219 C CG2 . THR F 1 81 ? 15.27288  -0.37510  -8.82619  1.000 30.45432 ? 81 THR G CG2 1 
ATOM 1220 N N   . GLY F 1 82 ? 16.96799  -0.03832  -11.78466 1.000 31.40192 ? 82 GLY G N   1 
ATOM 1221 C CA  . GLY F 1 82 ? 17.53301  1.14545   -12.40130 1.000 30.84975 ? 82 GLY G CA  1 
ATOM 1222 C C   . GLY F 1 82 ? 17.34200  2.36873   -11.52391 1.000 30.04748 ? 82 GLY G C   1 
ATOM 1223 O O   . GLY F 1 82 ? 16.33287  2.51509   -10.83521 1.000 32.42330 ? 82 GLY G O   1 
ATOM 1224 N N   . GLY F 1 83 ? 18.32240  3.25853   -11.56024 1.000 28.45611 ? 83 GLY G N   1 
ATOM 1225 C CA  . GLY F 1 83 ? 18.27281  4.50162   -10.82738 1.000 27.68102 ? 83 GLY G CA  1 
ATOM 1226 C C   . GLY F 1 83 ? 17.75634  5.64556   -11.66996 1.000 27.81899 ? 83 GLY G C   1 
ATOM 1227 O O   . GLY F 1 83 ? 17.05675  5.45682   -12.66693 1.000 27.93529 ? 83 GLY G O   1 
ATOM 1228 N N   . PHE F 1 84 ? 18.11150  6.85450   -11.25750 1.000 29.86601 ? 84 PHE G N   1 
ATOM 1229 C CA  . PHE F 1 84 ? 17.66131  8.08331   -11.89476 1.000 29.96372 ? 84 PHE G CA  1 
ATOM 1230 C C   . PHE F 1 84 ? 18.86412  8.78020   -12.51242 1.000 32.57061 ? 84 PHE G C   1 
ATOM 1231 O O   . PHE F 1 84 ? 19.85166  9.04448   -11.82177 1.000 35.63653 ? 84 PHE G O   1 
ATOM 1232 C CB  . PHE F 1 84 ? 16.97259  8.99285   -10.87790 1.000 27.34781 ? 84 PHE G CB  1 
ATOM 1233 C CG  . PHE F 1 84 ? 15.64155  8.48303   -10.41612 1.000 26.42013 ? 84 PHE G CG  1 
ATOM 1234 C CD1 . PHE F 1 84 ? 15.56020  7.39768   -9.56707  1.000 24.92075 ? 84 PHE G CD1 1 
ATOM 1235 C CD2 . PHE F 1 84 ? 14.47358  9.09744   -10.81765 1.000 25.40217 ? 84 PHE G CD2 1 
ATOM 1236 C CE1 . PHE F 1 84 ? 14.34344  6.92809   -9.14455  1.000 24.10622 ? 84 PHE G CE1 1 
ATOM 1237 C CE2 . PHE F 1 84 ? 13.25404  8.62993   -10.39296 1.000 23.54682 ? 84 PHE G CE2 1 
ATOM 1238 C CZ  . PHE F 1 84 ? 13.19043  7.54467   -9.55798  1.000 23.92747 ? 84 PHE G CZ  1 
ATOM 1239 N N   . SER F 1 85 ? 18.78329  9.07576   -13.80346 1.000 35.40179 ? 85 SER G N   1 
ATOM 1240 C CA  . SER F 1 85 ? 19.86203  9.73894   -14.51855 1.000 37.68598 ? 85 SER G CA  1 
ATOM 1241 C C   . SER F 1 85 ? 19.31029  10.91888  -15.30205 1.000 40.83292 ? 85 SER G C   1 
ATOM 1242 O O   . SER F 1 85 ? 18.13038  10.94873  -15.65585 1.000 41.26880 ? 85 SER G O   1 
ATOM 1243 C CB  . SER F 1 85 ? 20.58292  8.77725   -15.45730 1.000 36.90149 ? 85 SER G CB  1 
ATOM 1244 O OG  . SER F 1 85 ? 20.65525  7.48449   -14.89608 1.000 38.33590 ? 85 SER G OG  1 
ATOM 1245 N N   . GLY F 1 86 ? 20.17212  11.89417  -15.56431 1.000 41.92537 ? 86 GLY G N   1 
ATOM 1246 C CA  . GLY F 1 86 ? 19.77618  13.09969  -16.26868 1.000 43.78560 ? 86 GLY G CA  1 
ATOM 1247 C C   . GLY F 1 86 ? 19.99754  13.03951  -17.76739 1.000 45.54955 ? 86 GLY G C   1 
ATOM 1248 O O   . GLY F 1 86 ? 20.62901  12.11364  -18.27388 1.000 44.84450 ? 86 GLY G O   1 
# 
